data_6R8Z
#
_entry.id   6R8Z
#
_cell.length_a   1.0
_cell.length_b   1.0
_cell.length_c   1.0
_cell.angle_alpha   90.00
_cell.angle_beta   90.00
_cell.angle_gamma   90.00
#
_symmetry.space_group_name_H-M   'P 1'
#
loop_
_entity.id
_entity.type
_entity.pdbx_description
1 polymer 'Histone H3.1'
2 polymer 'Histone H4'
3 polymer 'Histone H2A type 1-B/E'
4 polymer 'Histone H2B type 1-J'
5 polymer 'Human alpha-satellite DNA (145-MER)'
6 polymer 'Human alpha-satellite DNA (145-MER) with abasic sites at positions 97-98'
7 polymer 'DNA damage-binding protein 1'
8 polymer 'DNA damage-binding protein 2'
#
loop_
_entity_poly.entity_id
_entity_poly.type
_entity_poly.pdbx_seq_one_letter_code
_entity_poly.pdbx_strand_id
1 'polypeptide(L)'
;GSHMARTKQTARKSTGGKAPRKQLATKAARKSAPATGGVKKPHRYRPGTVALREIRRYQKSTELLIRKLPFQRLVREIAQ
DFKTDLRFQSSAVMALQEACEAYLVGLFEDTNLCAIHAKRVTIMPKDIQLARRIRGERA
;
A,E
2 'polypeptide(L)'
;GSHMSGRGKGGKGLGKGGAKRHRKVLRDNIQGITKPAIRRLARRGGVKRISGLIYEETRGVLKVFLENVIRDAVTYTEHA
KRKTVTAMDVVYALKRQGRTLYGFGG
;
B,F
3 'polypeptide(L)'
;GSHMSGRGKQGGKARAKAKTRSSRAGLQFPVGRVHRLLRKGNYSERVGAGAPVYLAAVLEYLTAEILELAGNAARDNKKT
RIIPRHLQLAIRNDEELNKLLGRVTIAQGGVLPNIQAVLLPKKTESHHKAKGK
;
C,G
4 'polypeptide(L)'
;GSHMPEPAKSAPAPKKGSKKAVTKAQKKDGKKRKRSRKESYSIYVYKVLKQVHPDTGISSKAMGIMNSFVNDIFERIAGE
ASRLAHYNKRSTITSREIQTAVRLLLPGELAKHAVSEGTKAVTKYTSAK
;
D,H
5 'polydeoxyribonucleotide'
;(DA)(DT)(DC)(DA)(DA)(DT)(DA)(DT)(DC)(DC)(DA)(DC)(DC)(DT)(DG)(DC)(DA)(DG)(DA)(DT)
(DT)(DC)(DT)(DA)(DC)(DC)(DA)(DA)(DA)(DA)(DG)(DT)(DG)(DT)(DA)(DT)(DT)(DT)(DG)(DG)
(DA)(DA)(DA)(DC)(DT)(DG)(DC)(DT)(DC)(DC)(DA)(DT)(DC)(DA)(DA)(DA)(DA)(DG)(DG)(DC)
(DA)(DT)(DG)(DT)(DT)(DC)(DA)(DG)(DC)(DT)(DG)(DG)(DT)(DT)(DC)(DA)(DG)(DC)(DT)(DG)
(DA)(DA)(DC)(DA)(DT)(DG)(DC)(DC)(DT)(DT)(DT)(DT)(DG)(DA)(DT)(DG)(DG)(DA)(DG)(DC)
(DA)(DG)(DT)(DT)(DT)(DC)(DC)(DA)(DA)(DA)(DT)(DA)(DC)(DA)(DC)(DT)(DT)(DT)(DT)(DG)
(DG)(DT)(DA)(DG)(DA)(DA)(DT)(DC)(DT)(DG)(DC)(DA)(DG)(DG)(DT)(DG)(DG)(DA)(DT)(DA)
(DT)(DT)(DG)(DA)(DT)
;
I
6 'polydeoxyribonucleotide'
;(DA)(DT)(DC)(DA)(DA)(DT)(DA)(DT)(DC)(DC)(DA)(DC)(DC)(DT)(DG)(DC)(DA)(DG)(DA)(DT)
(DT)(DC)(DT)(DA)(DC)(DC)(DA)(DA)(DA)(DA)(DG)(DT)(DG)(DT)(DA)(DT)(DT)(DT)(DG)(DG)
(DA)(DA)(DA)(DC)(DT)(DG)(DC)(DT)(DC)(DC)(DA)(DT)(DC)(DA)(DA)(DA)(DA)(DG)(DG)(DC)
(DA)(DT)(DG)(DT)(DT)(DC)(DA)(DG)(DC)(DT)(DG)(DA)(DA)(DC)(DC)(DA)(DG)(DC)(DT)(DG)
(DA)(DA)(DC)(DA)(DT)(DG)(DC)(DC)(DT)(DT)(DT)(DT)(DG)(DA)(3DR)(3DR)(DG)(DA)(DG)
(DC)(DA)(DG)(DT)(DT)(DT)(DC)(DC)(DA)(DA)(DA)(DT)(DA)(DC)(DA)(DC)(DT)(DT)(DT)(DT)
(DG)(DG)(DT)(DA)(DG)(DA)(DA)(DT)(DC)(DT)(DG)(DC)(DA)(DG)(DG)(DT)(DG)(DG)(DA)(DT)
(DA)(DT)(DT)(DG)(DA)(DT)
;
J
7 'polypeptide(L)'
;MASWSHPQFEKVDENLYFQGGGRMSYNYVVTAQKPTAVNGCVTGHFTSAEDLNLLIAKNTRLEIYVVTAEGLRPVKEVGM
YGKIAVMELFRPKGESKDLLFILTAKYNACILEYKQSGESIDIITRAHGNVQDRIGRPSETGIIGIIDPECRMIGLRLYD
GLFKVIPLDRDNKELKAFNIRLEELHVIDVKFLYGCQAPTICFVYQDPQGRHVKTYEVSLREKEFNKGPWKQENVEAEAS
MVIAVPEPFGGAIIIGQESITYHNGDKYLAIAPPIIKQSTIVCHNRVDPNGSRYLLGDMEGRLFMLLLEKEEQMDGTVTL
KDLRVELLGETSIAECLTYLDNGVVFVGSRLGDSQLVKLNVDSNEQGSYVVAMETFTNLGPIVDMCVVDLERQGQGQLVT
CSGAFKEGSLRIIRNGIGIHEHASIDLPGIKGLWPLRSDPNRETDDTLVLSFVGQTRVLMLNGEEVEETELMGFVDDQQT
FFCGNVAHQQLIQITSASVRLVSQEPKALVSEWKEPQAKNISVASCNSSQVVVAVGRALYYLQIHPQELRQISHTEMEHE
VACLDITPLGDSNGLSPLCAIGLWTDISARILKLPSFELLHKEMLGGEIIPRSILMTTFESSHYLLCALGDGALFYFGLN
IETGLLSDRKKVTLGTQPTVLRTFRSLSTTNVFACSDRPTVIYSSNHKLVFSNVNLKEVNYMCPLNSDGYPDSLALANNS
TLTIGTIDEIQKLHIRTVPLYESPRKICYQEVSQCFGVLSSRIEVQDTSGGTTALRPSASTQALSSSVSSSKLFSSSTAP
HETSFGEEVEVHNLLIIDQHTFEVLHAHQFLQNEYALSLVSCKLGKDPNTYFIVGTAMVYPEEAEPKQGRIVVFQYSDGK
LQTVAEKEVKGAVYSMVEFNGKLLASINSTVRLYEWTTEKELRTECNHYNNIMALYLKTKGDFILVGDLMRSVLLLAYKP
MEGNFEEIARDFNPNWMSAVEILDDDNFLGAENAFNLFVCQKDSAATTDEERQHLQEVGLFHLGEFVNVFCHGSLVMQNL
GETSTPTQGSVLFGTVNGMIGLVTSLSESWYNLLLDMQNRLNKVIKSVGKIEHSFWRSFHTERKTEPATGFIDGDLIESF
LDISRPKMQEVVANLQYDDGSGMKREATADDLIKVVEELTRIH
;
K
8 'polypeptide(L)'
;GGGRMAPKKRPETQKTSEIVLRPRNKRSRSPLELEPEAKKLCAKGSGPSRRCDSDCLWVGLAGPQILPPCRSIVRTLHQH
KLGRASWPSVQQGLQQSFLHTLDSYRILQKAAPFDRRATSLAWHPTHPSTVAVGSKGGDIMLWNFGIKDKPTFIKGIGAG
GSITGLKFNPLNTNQFYASSMEGTTRLQDFKGNILRVFASSDTINIWFCSLDVSASSRMVVTGDNVGNVILLNMDGKELW
NLRMHKKKVTHVALNPCCDWFLATASVDQTVKIWDLRQVRGKASFLYSLPHRHPVNAACFSPDGARLLTTDQKSEIRVYS
ASQWDCPLGLIPHPHRHFQHLTPIKAAWHPRYNLIVVGRYPDPNFKSCTPYELRTIDVFDGNSGKMMCQLYDPESSGISS
LNEFNPMGDTLASAMGYHILIWSQEEARTRK
;
L
#
# COMPACT_ATOMS: atom_id res chain seq x y z
N VAL A 39 39.27 -48.53 24.06
CA VAL A 39 38.31 -49.06 25.01
C VAL A 39 37.00 -49.36 24.29
N LYS A 40 36.45 -50.56 24.54
CA LYS A 40 35.17 -50.96 23.95
C LYS A 40 34.09 -49.94 24.24
N LYS A 41 34.09 -49.40 25.41
CA LYS A 41 33.12 -48.43 25.87
C LYS A 41 33.56 -47.03 25.44
N PRO A 42 32.69 -46.20 24.87
CA PRO A 42 33.05 -44.79 24.71
C PRO A 42 33.23 -44.16 26.06
N HIS A 43 34.21 -43.27 26.16
CA HIS A 43 34.48 -42.62 27.42
C HIS A 43 33.29 -41.79 27.84
N ARG A 44 32.94 -41.87 29.12
CA ARG A 44 31.73 -41.22 29.65
C ARG A 44 32.02 -40.72 31.04
N TYR A 45 31.72 -39.45 31.26
CA TYR A 45 31.89 -38.85 32.57
C TYR A 45 30.66 -39.07 33.44
N ARG A 46 30.89 -39.18 34.74
CA ARG A 46 29.82 -39.42 35.68
C ARG A 46 28.92 -38.18 35.76
N PRO A 47 27.65 -38.34 36.14
CA PRO A 47 26.79 -37.16 36.25
C PRO A 47 27.26 -36.21 37.32
N GLY A 48 27.36 -34.94 36.96
CA GLY A 48 27.83 -33.92 37.84
C GLY A 48 29.26 -33.55 37.67
N THR A 49 29.79 -33.61 36.46
CA THR A 49 31.13 -33.12 36.19
C THR A 49 31.18 -32.16 35.04
N VAL A 50 30.44 -32.43 33.97
CA VAL A 50 30.49 -31.51 32.83
C VAL A 50 29.86 -30.19 33.21
N ALA A 51 28.88 -30.22 34.11
CA ALA A 51 28.31 -28.99 34.63
C ALA A 51 29.37 -28.19 35.37
N LEU A 52 30.20 -28.88 36.13
CA LEU A 52 31.25 -28.19 36.86
C LEU A 52 32.24 -27.59 35.89
N ARG A 53 32.57 -28.33 34.84
CA ARG A 53 33.47 -27.83 33.82
C ARG A 53 32.88 -26.57 33.21
N GLU A 54 31.57 -26.58 32.98
CA GLU A 54 30.90 -25.39 32.46
C GLU A 54 30.99 -24.25 33.46
N ILE A 55 30.90 -24.58 34.75
CA ILE A 55 30.93 -23.54 35.77
C ILE A 55 32.26 -22.82 35.71
N ARG A 56 33.33 -23.59 35.74
CA ARG A 56 34.63 -22.97 35.77
C ARG A 56 34.90 -22.22 34.48
N ARG A 57 34.45 -22.76 33.35
CA ARG A 57 34.71 -22.08 32.09
C ARG A 57 33.97 -20.75 32.03
N TYR A 58 32.69 -20.75 32.37
CA TYR A 58 31.92 -19.52 32.21
C TYR A 58 32.19 -18.52 33.31
N GLN A 59 32.69 -18.96 34.45
CA GLN A 59 33.06 -18.03 35.49
C GLN A 59 34.44 -17.45 35.30
N LYS A 60 35.31 -18.12 34.54
CA LYS A 60 36.59 -17.50 34.22
C LYS A 60 36.46 -16.46 33.13
N SER A 61 35.41 -16.52 32.33
CA SER A 61 35.23 -15.64 31.19
C SER A 61 34.07 -14.70 31.44
N THR A 62 33.96 -13.70 30.57
CA THR A 62 32.99 -12.64 30.70
C THR A 62 32.11 -12.47 29.46
N GLU A 63 32.30 -13.29 28.43
CA GLU A 63 31.55 -13.11 27.21
C GLU A 63 30.09 -13.43 27.44
N LEU A 64 29.24 -12.70 26.71
CA LEU A 64 27.80 -12.87 26.84
C LEU A 64 27.38 -14.26 26.36
N LEU A 65 26.45 -14.84 27.09
CA LEU A 65 26.02 -16.20 26.81
C LEU A 65 24.88 -16.28 25.83
N ILE A 66 24.04 -15.27 25.78
CA ILE A 66 22.86 -15.30 24.94
C ILE A 66 23.21 -14.76 23.57
N ARG A 67 22.58 -15.33 22.56
CA ARG A 67 22.77 -14.91 21.20
C ARG A 67 22.06 -13.59 20.94
N LYS A 68 22.62 -12.80 20.04
CA LYS A 68 22.14 -11.44 19.85
C LYS A 68 20.78 -11.40 19.17
N LEU A 69 20.64 -12.09 18.03
CA LEU A 69 19.47 -11.90 17.17
C LEU A 69 18.14 -12.11 17.86
N PRO A 70 17.84 -13.26 18.47
CA PRO A 70 16.52 -13.43 19.07
C PRO A 70 16.23 -12.42 20.15
N PHE A 71 17.28 -11.99 20.85
CA PHE A 71 17.11 -10.96 21.86
C PHE A 71 16.74 -9.65 21.20
N GLN A 72 17.38 -9.36 20.07
CA GLN A 72 17.11 -8.15 19.33
C GLN A 72 15.67 -8.14 18.82
N ARG A 73 15.25 -9.26 18.26
CA ARG A 73 13.89 -9.36 17.75
C ARG A 73 12.89 -9.21 18.89
N LEU A 74 13.23 -9.74 20.06
CA LEU A 74 12.34 -9.64 21.21
C LEU A 74 12.16 -8.20 21.62
N VAL A 75 13.27 -7.47 21.70
CA VAL A 75 13.21 -6.07 22.07
C VAL A 75 12.31 -5.32 21.11
N ARG A 76 12.52 -5.53 19.81
CA ARG A 76 11.75 -4.77 18.84
C ARG A 76 10.27 -5.12 18.95
N GLU A 77 9.97 -6.40 19.16
CA GLU A 77 8.58 -6.83 19.26
C GLU A 77 7.91 -6.20 20.44
N ILE A 78 8.62 -6.09 21.56
CA ILE A 78 7.98 -5.55 22.75
C ILE A 78 7.82 -4.04 22.62
N ALA A 79 8.80 -3.38 22.01
CA ALA A 79 8.69 -1.94 21.85
C ALA A 79 7.54 -1.58 20.93
N GLN A 80 7.22 -2.46 19.99
CA GLN A 80 6.14 -2.15 19.05
C GLN A 80 4.80 -1.96 19.76
N ASP A 81 4.57 -2.70 20.85
CA ASP A 81 3.28 -2.61 21.52
C ASP A 81 3.08 -1.32 22.29
N PHE A 82 4.13 -0.54 22.51
CA PHE A 82 4.01 0.74 23.18
C PHE A 82 4.04 1.92 22.21
N LYS A 83 4.96 1.91 21.27
CA LYS A 83 5.05 2.96 20.29
C LYS A 83 5.53 2.35 18.98
N THR A 84 5.10 2.95 17.88
CA THR A 84 5.30 2.39 16.56
C THR A 84 6.51 3.00 15.87
N ASP A 85 7.12 2.18 15.02
CA ASP A 85 8.18 2.62 14.13
C ASP A 85 9.40 3.12 14.90
N LEU A 86 9.69 2.51 16.04
CA LEU A 86 10.89 2.85 16.76
C LEU A 86 12.09 2.14 16.16
N ARG A 87 13.23 2.80 16.29
CA ARG A 87 14.52 2.23 15.96
C ARG A 87 15.37 2.17 17.20
N PHE A 88 16.36 1.28 17.18
CA PHE A 88 17.23 1.04 18.31
C PHE A 88 18.68 1.11 17.89
N GLN A 89 19.47 1.87 18.62
CA GLN A 89 20.91 1.81 18.48
C GLN A 89 21.41 0.48 19.01
N SER A 90 22.54 0.03 18.49
CA SER A 90 23.06 -1.27 18.87
C SER A 90 23.50 -1.27 20.32
N SER A 91 24.20 -0.23 20.73
CA SER A 91 24.72 -0.16 22.09
C SER A 91 23.61 -0.19 23.13
N ALA A 92 22.42 0.30 22.80
CA ALA A 92 21.34 0.24 23.78
C ALA A 92 20.90 -1.18 24.00
N VAL A 93 20.86 -1.95 22.93
CA VAL A 93 20.48 -3.35 23.06
C VAL A 93 21.54 -4.10 23.82
N MET A 94 22.81 -3.81 23.55
CA MET A 94 23.87 -4.48 24.26
C MET A 94 23.79 -4.17 25.75
N ALA A 95 23.50 -2.91 26.09
CA ALA A 95 23.38 -2.53 27.49
C ALA A 95 22.24 -3.27 28.16
N LEU A 96 21.11 -3.37 27.47
CA LEU A 96 19.99 -4.08 28.04
C LEU A 96 20.35 -5.53 28.26
N GLN A 97 21.11 -6.10 27.35
CA GLN A 97 21.46 -7.50 27.47
C GLN A 97 22.32 -7.72 28.69
N GLU A 98 23.26 -6.81 28.91
CA GLU A 98 24.12 -6.90 30.08
C GLU A 98 23.30 -6.83 31.36
N ALA A 99 22.36 -5.89 31.41
CA ALA A 99 21.58 -5.72 32.63
C ALA A 99 20.74 -6.96 32.89
N CYS A 100 20.13 -7.50 31.85
CA CYS A 100 19.29 -8.67 32.03
C CYS A 100 20.10 -9.83 32.55
N GLU A 101 21.29 -10.02 31.99
CA GLU A 101 22.09 -11.17 32.41
C GLU A 101 22.55 -11.00 33.85
N ALA A 102 22.91 -9.79 34.25
CA ALA A 102 23.34 -9.60 35.64
C ALA A 102 22.19 -9.84 36.59
N TYR A 103 20.99 -9.35 36.25
CA TYR A 103 19.84 -9.54 37.11
C TYR A 103 19.52 -11.01 37.26
N LEU A 104 19.48 -11.73 36.15
CA LEU A 104 19.15 -13.15 36.24
C LEU A 104 20.23 -13.92 36.98
N VAL A 105 21.49 -13.55 36.78
CA VAL A 105 22.57 -14.22 37.48
C VAL A 105 22.39 -14.07 38.99
N GLY A 106 22.13 -12.84 39.43
CA GLY A 106 21.88 -12.62 40.84
C GLY A 106 20.68 -13.40 41.32
N LEU A 107 19.67 -13.51 40.47
CA LEU A 107 18.47 -14.21 40.88
C LEU A 107 18.75 -15.68 41.05
N PHE A 108 19.56 -16.25 40.18
CA PHE A 108 19.89 -17.66 40.33
C PHE A 108 20.72 -17.89 41.57
N GLU A 109 21.57 -16.94 41.95
CA GLU A 109 22.32 -17.09 43.19
C GLU A 109 21.36 -17.17 44.37
N ASP A 110 20.47 -16.21 44.46
CA ASP A 110 19.49 -16.20 45.54
C ASP A 110 18.62 -17.45 45.48
N THR A 111 18.29 -17.88 44.28
CA THR A 111 17.49 -19.08 44.09
C THR A 111 18.18 -20.28 44.67
N ASN A 112 19.46 -20.45 44.36
CA ASN A 112 20.19 -21.61 44.84
C ASN A 112 20.28 -21.61 46.35
N LEU A 113 20.41 -20.43 46.96
CA LEU A 113 20.41 -20.41 48.41
C LEU A 113 19.06 -20.86 48.95
N CYS A 114 17.98 -20.36 48.36
CA CYS A 114 16.66 -20.77 48.80
C CYS A 114 16.48 -22.26 48.62
N ALA A 115 17.10 -22.82 47.59
CA ALA A 115 17.02 -24.24 47.34
C ALA A 115 17.76 -24.99 48.41
N ILE A 116 18.99 -24.58 48.69
CA ILE A 116 19.83 -25.27 49.64
C ILE A 116 19.18 -25.28 51.01
N HIS A 117 18.39 -24.27 51.31
CA HIS A 117 17.73 -24.25 52.60
C HIS A 117 16.77 -25.41 52.74
N ALA A 118 16.19 -25.85 51.63
CA ALA A 118 15.26 -26.98 51.63
C ALA A 118 15.94 -28.33 51.39
N LYS A 119 17.25 -28.42 51.60
CA LYS A 119 17.99 -29.67 51.49
C LYS A 119 17.92 -30.27 50.09
N ARG A 120 17.73 -29.45 49.08
CA ARG A 120 17.76 -29.89 47.70
C ARG A 120 19.00 -29.36 47.02
N VAL A 121 19.17 -29.79 45.78
CA VAL A 121 20.18 -29.29 44.87
C VAL A 121 19.59 -28.81 43.57
N THR A 122 18.34 -29.16 43.31
CA THR A 122 17.66 -28.82 42.08
C THR A 122 16.72 -27.66 42.34
N ILE A 123 16.87 -26.61 41.57
CA ILE A 123 16.04 -25.43 41.73
C ILE A 123 14.69 -25.67 41.07
N MET A 124 13.67 -25.03 41.61
CA MET A 124 12.32 -25.17 41.12
C MET A 124 11.61 -23.82 41.18
N PRO A 125 10.46 -23.72 40.52
CA PRO A 125 9.79 -22.42 40.42
C PRO A 125 9.45 -21.77 41.75
N LYS A 126 9.01 -22.56 42.73
CA LYS A 126 8.59 -21.95 43.98
C LYS A 126 9.75 -21.24 44.65
N ASP A 127 10.99 -21.68 44.40
CA ASP A 127 12.14 -20.94 44.87
C ASP A 127 12.19 -19.55 44.26
N ILE A 128 12.00 -19.48 42.95
CA ILE A 128 12.01 -18.19 42.27
C ILE A 128 10.93 -17.29 42.82
N GLN A 129 9.74 -17.84 43.00
CA GLN A 129 8.64 -17.04 43.53
C GLN A 129 8.97 -16.52 44.91
N LEU A 130 9.67 -17.31 45.71
CA LEU A 130 10.06 -16.86 47.03
C LEU A 130 11.06 -15.73 46.95
N ALA A 131 12.04 -15.89 46.07
CA ALA A 131 13.07 -14.88 45.94
C ALA A 131 12.47 -13.55 45.53
N ARG A 132 11.55 -13.58 44.57
CA ARG A 132 10.95 -12.34 44.13
C ARG A 132 10.01 -11.78 45.18
N ARG A 133 9.42 -12.63 46.01
CA ARG A 133 8.60 -12.11 47.09
C ARG A 133 9.46 -11.40 48.11
N ILE A 134 10.66 -11.90 48.35
CA ILE A 134 11.49 -11.31 49.38
C ILE A 134 12.13 -10.03 48.89
N ARG A 135 12.49 -9.98 47.61
CA ARG A 135 13.13 -8.78 47.11
C ARG A 135 12.20 -7.58 47.06
N GLY A 136 10.90 -7.79 47.18
CA GLY A 136 9.95 -6.71 47.16
C GLY A 136 9.43 -6.34 45.80
N GLU A 137 9.66 -7.15 44.79
CA GLU A 137 9.13 -6.91 43.46
C GLU A 137 7.68 -7.38 43.40
N ARG A 138 7.05 -7.14 42.24
CA ARG A 138 5.60 -7.26 42.16
C ARG A 138 5.15 -8.71 42.07
N ALA A 139 5.53 -9.39 40.99
CA ALA A 139 4.93 -10.68 40.66
C ALA A 139 5.66 -11.84 41.33
N ARG B 21 4.10 -23.68 5.17
CA ARG B 21 4.84 -24.18 6.31
C ARG B 21 4.59 -23.34 7.55
N HIS B 22 4.59 -23.98 8.71
CA HIS B 22 4.51 -23.33 10.01
C HIS B 22 5.83 -23.58 10.72
N ARG B 23 6.81 -22.70 10.49
CA ARG B 23 8.09 -22.78 11.19
C ARG B 23 8.14 -21.82 12.36
N LYS B 24 8.03 -20.51 12.11
CA LYS B 24 7.71 -19.49 13.11
C LYS B 24 8.61 -19.64 14.34
N VAL B 25 9.90 -19.33 14.16
CA VAL B 25 10.97 -20.16 14.72
C VAL B 25 10.82 -20.30 16.22
N LEU B 26 10.24 -21.44 16.59
CA LEU B 26 9.94 -21.92 17.93
C LEU B 26 8.85 -21.09 18.62
N ARG B 27 8.71 -19.81 18.26
CA ARG B 27 7.42 -19.12 18.19
C ARG B 27 7.49 -17.88 17.30
N ASP B 28 8.64 -17.64 16.64
CA ASP B 28 9.01 -16.35 16.07
C ASP B 28 9.18 -15.29 17.16
N ASN B 29 9.52 -15.72 18.36
CA ASN B 29 9.43 -14.92 19.57
C ASN B 29 10.45 -15.42 20.59
N ILE B 30 10.22 -15.15 21.87
CA ILE B 30 11.07 -15.53 22.98
C ILE B 30 11.56 -16.96 22.94
N GLN B 31 10.78 -17.89 22.40
CA GLN B 31 11.22 -19.28 22.45
C GLN B 31 12.46 -19.54 21.61
N GLY B 32 12.95 -18.56 20.86
CA GLY B 32 14.29 -18.64 20.32
C GLY B 32 15.37 -18.48 21.36
N ILE B 33 15.01 -18.04 22.57
CA ILE B 33 15.94 -17.97 23.69
C ILE B 33 15.99 -19.39 24.26
N THR B 34 16.89 -20.17 23.71
CA THR B 34 16.82 -21.60 23.88
C THR B 34 17.27 -22.02 25.27
N LYS B 35 16.93 -23.26 25.57
CA LYS B 35 17.28 -23.91 26.83
C LYS B 35 18.75 -23.81 27.20
N PRO B 36 19.69 -24.19 26.34
CA PRO B 36 21.10 -24.18 26.77
C PRO B 36 21.61 -22.81 27.13
N ALA B 37 21.05 -21.75 26.56
CA ALA B 37 21.44 -20.43 27.01
C ALA B 37 21.04 -20.20 28.46
N ILE B 38 19.81 -20.56 28.81
CA ILE B 38 19.38 -20.48 30.18
C ILE B 38 20.26 -21.35 31.06
N ARG B 39 20.67 -22.50 30.54
CA ARG B 39 21.51 -23.38 31.30
C ARG B 39 22.83 -22.71 31.59
N ARG B 40 23.38 -22.04 30.59
CA ARG B 40 24.64 -21.36 30.78
C ARG B 40 24.51 -20.27 31.83
N LEU B 41 23.42 -19.52 31.76
CA LEU B 41 23.22 -18.48 32.76
C LEU B 41 23.10 -19.09 34.15
N ALA B 42 22.44 -20.23 34.25
CA ALA B 42 22.30 -20.87 35.55
C ALA B 42 23.65 -21.37 36.03
N ARG B 43 24.52 -21.73 35.08
CA ARG B 43 25.85 -22.14 35.46
C ARG B 43 26.63 -20.96 36.03
N ARG B 44 26.41 -19.78 35.48
CA ARG B 44 27.06 -18.61 36.06
C ARG B 44 26.56 -18.34 37.46
N GLY B 45 25.31 -18.69 37.75
CA GLY B 45 24.76 -18.52 39.07
C GLY B 45 25.08 -19.61 40.05
N GLY B 46 25.94 -20.54 39.66
CA GLY B 46 26.38 -21.56 40.57
C GLY B 46 25.50 -22.77 40.59
N VAL B 47 24.58 -22.88 39.67
CA VAL B 47 23.58 -23.93 39.68
C VAL B 47 24.12 -25.15 38.98
N LYS B 48 23.74 -26.32 39.46
CA LYS B 48 24.25 -27.59 38.96
C LYS B 48 23.20 -28.43 38.26
N ARG B 49 21.98 -28.45 38.76
CA ARG B 49 20.94 -29.34 38.26
C ARG B 49 19.63 -28.58 38.16
N ILE B 50 19.03 -28.60 36.98
CA ILE B 50 17.90 -27.74 36.65
C ILE B 50 16.71 -28.57 36.21
N SER B 51 15.54 -28.22 36.70
CA SER B 51 14.32 -28.88 36.28
C SER B 51 13.85 -28.34 34.96
N GLY B 52 13.01 -29.13 34.30
CA GLY B 52 12.49 -28.73 33.01
C GLY B 52 11.53 -27.58 33.07
N LEU B 53 10.90 -27.38 34.23
CA LEU B 53 9.89 -26.34 34.34
C LEU B 53 10.47 -24.95 34.50
N ILE B 54 11.76 -24.83 34.79
CA ILE B 54 12.34 -23.53 35.06
C ILE B 54 12.19 -22.64 33.86
N TYR B 55 12.39 -23.23 32.68
CA TYR B 55 12.60 -22.46 31.47
C TYR B 55 11.45 -21.49 31.24
N GLU B 56 10.22 -22.00 31.19
CA GLU B 56 9.07 -21.16 30.92
C GLU B 56 8.97 -20.03 31.92
N GLU B 57 9.12 -20.35 33.21
CA GLU B 57 8.96 -19.32 34.22
C GLU B 57 9.99 -18.24 34.03
N THR B 58 11.22 -18.66 33.74
CA THR B 58 12.29 -17.71 33.54
C THR B 58 11.94 -16.74 32.44
N ARG B 59 11.40 -17.28 31.34
CA ARG B 59 11.07 -16.41 30.22
C ARG B 59 10.07 -15.37 30.65
N GLY B 60 9.04 -15.80 31.38
CA GLY B 60 8.05 -14.85 31.85
C GLY B 60 8.69 -13.75 32.66
N VAL B 61 9.59 -14.14 33.57
CA VAL B 61 10.24 -13.16 34.43
C VAL B 61 10.99 -12.17 33.58
N LEU B 62 11.76 -12.70 32.64
CA LEU B 62 12.57 -11.84 31.80
C LEU B 62 11.69 -10.82 31.11
N LYS B 63 10.57 -11.31 30.56
CA LYS B 63 9.67 -10.45 29.81
C LYS B 63 9.25 -9.27 30.67
N VAL B 64 8.85 -9.56 31.90
CA VAL B 64 8.34 -8.52 32.78
C VAL B 64 9.38 -7.44 32.97
N PHE B 65 10.61 -7.87 33.29
CA PHE B 65 11.67 -6.92 33.56
C PHE B 65 11.83 -6.02 32.37
N LEU B 66 11.93 -6.63 31.20
CA LEU B 66 12.21 -5.87 30.00
C LEU B 66 11.13 -4.85 29.77
N GLU B 67 9.87 -5.26 29.99
CA GLU B 67 8.75 -4.39 29.72
C GLU B 67 8.91 -3.10 30.47
N ASN B 68 9.13 -3.19 31.78
CA ASN B 68 9.17 -2.00 32.60
C ASN B 68 10.28 -1.10 32.13
N VAL B 69 11.44 -1.69 31.86
CA VAL B 69 12.59 -0.90 31.50
C VAL B 69 12.31 -0.17 30.20
N ILE B 70 11.80 -0.92 29.23
CA ILE B 70 11.62 -0.33 27.91
C ILE B 70 10.62 0.80 28.00
N ARG B 71 9.59 0.61 28.84
CA ARG B 71 8.57 1.64 28.97
C ARG B 71 9.22 2.95 29.38
N ASP B 72 10.04 2.89 30.42
CA ASP B 72 10.68 4.08 30.90
C ASP B 72 11.57 4.67 29.82
N ALA B 73 12.31 3.82 29.12
CA ALA B 73 13.18 4.32 28.08
C ALA B 73 12.38 5.03 27.05
N VAL B 74 11.29 4.40 26.62
CA VAL B 74 10.49 5.00 25.57
C VAL B 74 9.90 6.29 26.05
N THR B 75 9.58 6.37 27.34
CA THR B 75 9.01 7.60 27.85
C THR B 75 10.02 8.72 27.72
N TYR B 76 11.27 8.43 28.08
CA TYR B 76 12.31 9.44 27.90
C TYR B 76 12.42 9.79 26.44
N THR B 77 12.31 8.78 25.58
CA THR B 77 12.41 9.00 24.16
C THR B 77 11.30 9.91 23.69
N GLU B 78 10.12 9.74 24.26
CA GLU B 78 9.00 10.54 23.81
C GLU B 78 9.14 11.99 24.25
N HIS B 79 9.90 12.23 25.32
CA HIS B 79 9.99 13.60 25.81
C HIS B 79 10.82 14.46 24.89
N ALA B 80 11.86 13.89 24.31
CA ALA B 80 12.76 14.64 23.44
C ALA B 80 12.32 14.64 21.99
N LYS B 81 11.19 14.01 21.67
CA LYS B 81 10.68 14.00 20.31
C LYS B 81 11.68 13.37 19.37
N ARG B 82 12.09 12.15 19.71
CA ARG B 82 12.99 11.35 18.91
C ARG B 82 12.32 10.02 18.62
N LYS B 83 12.79 9.38 17.57
CA LYS B 83 12.32 8.06 17.18
C LYS B 83 13.42 7.02 17.29
N THR B 84 14.58 7.40 17.79
CA THR B 84 15.70 6.49 17.98
C THR B 84 16.02 6.43 19.46
N VAL B 85 15.95 5.26 20.04
CA VAL B 85 16.23 5.09 21.45
C VAL B 85 17.73 5.04 21.64
N THR B 86 18.23 5.86 22.55
CA THR B 86 19.65 5.96 22.80
C THR B 86 20.03 5.18 24.04
N ALA B 87 21.32 4.99 24.19
CA ALA B 87 21.83 4.28 25.34
C ALA B 87 21.53 5.01 26.63
N MET B 88 21.67 6.34 26.62
CA MET B 88 21.55 7.11 27.84
C MET B 88 20.17 6.95 28.46
N ASP B 89 19.14 6.89 27.63
CA ASP B 89 17.80 6.73 28.16
C ASP B 89 17.69 5.41 28.90
N VAL B 90 18.32 4.38 28.36
CA VAL B 90 18.25 3.08 28.99
C VAL B 90 18.99 3.11 30.31
N VAL B 91 20.14 3.76 30.33
CA VAL B 91 20.90 3.82 31.58
C VAL B 91 20.09 4.49 32.66
N TYR B 92 19.44 5.60 32.32
CA TYR B 92 18.68 6.30 33.35
C TYR B 92 17.50 5.46 33.79
N ALA B 93 16.89 4.74 32.85
CA ALA B 93 15.76 3.91 33.22
C ALA B 93 16.22 2.80 34.14
N LEU B 94 17.42 2.31 33.91
CA LEU B 94 17.95 1.29 34.79
C LEU B 94 18.30 1.88 36.15
N LYS B 95 18.63 3.17 36.18
CA LYS B 95 19.00 3.79 37.44
C LYS B 95 17.79 3.96 38.34
N ARG B 96 16.65 4.30 37.76
CA ARG B 96 15.50 4.55 38.60
C ARG B 96 14.98 3.28 39.24
N GLN B 97 15.23 2.12 38.65
CA GLN B 97 14.81 0.85 39.22
C GLN B 97 15.83 0.27 40.19
N GLY B 98 16.84 1.03 40.57
CA GLY B 98 17.82 0.53 41.52
C GLY B 98 18.77 -0.49 40.93
N ARG B 99 19.03 -0.40 39.64
CA ARG B 99 19.88 -1.32 38.92
C ARG B 99 20.85 -0.53 38.09
N THR B 100 21.51 0.42 38.73
CA THR B 100 22.48 1.28 38.09
C THR B 100 23.48 0.50 37.28
N LEU B 101 23.82 1.03 36.12
CA LEU B 101 24.69 0.38 35.16
C LEU B 101 25.82 1.30 34.79
N TYR B 102 27.02 0.73 34.79
CA TYR B 102 28.23 1.41 34.42
C TYR B 102 28.75 0.85 33.12
N GLY B 103 29.34 1.71 32.30
CA GLY B 103 30.06 1.30 31.13
C GLY B 103 29.36 1.55 29.83
N PHE B 104 28.33 2.37 29.82
CA PHE B 104 27.65 2.74 28.59
C PHE B 104 27.30 4.21 28.56
N GLY B 105 28.01 5.02 29.34
CA GLY B 105 27.84 6.45 29.30
C GLY B 105 27.02 6.93 30.47
N GLY B 106 27.66 7.67 31.37
CA GLY B 106 26.99 8.22 32.53
C GLY B 106 26.54 7.17 33.53
N LYS C 13 -5.01 53.05 36.88
CA LYS C 13 -5.09 51.91 37.77
C LYS C 13 -6.54 51.51 37.97
N ALA C 14 -6.83 50.24 37.70
CA ALA C 14 -8.17 49.69 37.84
C ALA C 14 -8.35 48.86 39.11
N ARG C 15 -7.36 48.06 39.47
CA ARG C 15 -7.43 47.14 40.60
C ARG C 15 -8.62 46.18 40.43
N ALA C 16 -8.50 45.36 39.41
CA ALA C 16 -9.40 44.22 39.31
C ALA C 16 -9.17 43.34 40.52
N LYS C 17 -10.16 43.24 41.40
CA LYS C 17 -10.01 42.43 42.58
C LYS C 17 -9.84 40.97 42.18
N ALA C 18 -8.94 40.28 42.87
CA ALA C 18 -8.36 39.04 42.36
C ALA C 18 -9.16 37.84 42.84
N LYS C 19 -9.86 37.21 41.92
CA LYS C 19 -10.19 35.81 42.06
C LYS C 19 -8.88 35.05 42.27
N THR C 20 -8.89 34.06 43.14
CA THR C 20 -7.68 33.30 43.39
C THR C 20 -7.47 32.26 42.29
N ARG C 21 -6.19 31.99 42.03
CA ARG C 21 -5.86 31.03 40.98
C ARG C 21 -6.39 29.65 41.32
N SER C 22 -6.44 29.34 42.62
CA SER C 22 -7.15 28.17 43.09
C SER C 22 -8.58 28.18 42.59
N SER C 23 -9.26 29.32 42.74
CA SER C 23 -10.64 29.42 42.31
C SER C 23 -10.76 29.30 40.79
N ARG C 24 -9.76 29.80 40.07
CA ARG C 24 -9.79 29.71 38.62
C ARG C 24 -9.70 28.27 38.15
N ALA C 25 -8.91 27.47 38.84
CA ALA C 25 -8.84 26.06 38.48
C ALA C 25 -9.97 25.24 39.04
N GLY C 26 -10.82 25.83 39.88
CA GLY C 26 -11.87 25.06 40.51
C GLY C 26 -11.35 24.13 41.57
N LEU C 27 -10.25 24.49 42.21
CA LEU C 27 -9.57 23.64 43.16
C LEU C 27 -9.76 24.14 44.58
N GLN C 28 -9.42 23.25 45.50
CA GLN C 28 -9.30 23.57 46.91
C GLN C 28 -7.86 23.66 47.34
N PHE C 29 -6.98 22.86 46.74
CA PHE C 29 -5.56 22.99 47.04
C PHE C 29 -5.06 24.33 46.54
N PRO C 30 -4.01 24.86 47.15
CA PRO C 30 -3.44 26.12 46.69
C PRO C 30 -2.50 25.90 45.51
N VAL C 31 -2.09 27.00 44.93
CA VAL C 31 -1.22 27.01 43.78
C VAL C 31 -0.02 27.88 44.07
N GLY C 32 -0.30 29.06 44.63
CA GLY C 32 0.76 30.00 44.88
C GLY C 32 1.81 29.43 45.80
N ARG C 33 1.35 28.69 46.81
CA ARG C 33 2.28 28.12 47.77
C ARG C 33 3.15 27.07 47.10
N VAL C 34 2.56 26.26 46.23
CA VAL C 34 3.35 25.26 45.52
C VAL C 34 4.36 25.94 44.61
N HIS C 35 4.00 27.07 44.02
CA HIS C 35 4.94 27.79 43.18
C HIS C 35 6.11 28.27 44.00
N ARG C 36 5.81 28.79 45.18
CA ARG C 36 6.87 29.23 46.07
C ARG C 36 7.77 28.06 46.44
N LEU C 37 7.19 26.89 46.68
CA LEU C 37 7.99 25.76 47.07
C LEU C 37 8.88 25.25 45.95
N LEU C 38 8.44 25.42 44.70
CA LEU C 38 9.31 25.01 43.61
C LEU C 38 10.42 26.02 43.39
N ARG C 39 10.14 27.30 43.64
CA ARG C 39 11.22 28.27 43.58
C ARG C 39 12.25 28.00 44.66
N LYS C 40 11.80 27.71 45.87
CA LYS C 40 12.67 27.49 47.01
C LYS C 40 12.83 26.00 47.24
N GLY C 41 14.00 25.49 46.92
CA GLY C 41 14.22 24.06 46.99
C GLY C 41 15.18 23.53 45.95
N ASN C 42 15.67 24.41 45.08
CA ASN C 42 16.74 24.07 44.16
C ASN C 42 16.38 22.89 43.28
N TYR C 43 15.16 22.93 42.74
CA TYR C 43 14.74 21.94 41.76
C TYR C 43 15.05 22.38 40.34
N SER C 44 14.86 23.66 40.05
CA SER C 44 15.32 24.20 38.80
C SER C 44 15.36 25.71 38.90
N GLU C 45 16.02 26.34 37.94
CA GLU C 45 16.19 27.78 38.00
C GLU C 45 14.86 28.51 37.90
N ARG C 46 14.09 28.21 36.87
CA ARG C 46 12.83 28.87 36.59
C ARG C 46 11.69 27.87 36.55
N VAL C 47 10.47 28.38 36.71
CA VAL C 47 9.30 27.54 36.81
C VAL C 47 8.20 28.13 35.96
N GLY C 48 7.64 27.31 35.08
CA GLY C 48 6.56 27.75 34.25
C GLY C 48 5.23 27.80 34.99
N ALA C 49 4.32 28.60 34.46
CA ALA C 49 3.07 28.87 35.16
C ALA C 49 2.18 27.64 35.26
N GLY C 50 2.27 26.75 34.29
CA GLY C 50 1.33 25.65 34.22
C GLY C 50 1.67 24.49 35.12
N ALA C 51 2.92 24.38 35.53
CA ALA C 51 3.34 23.24 36.34
C ALA C 51 2.58 23.13 37.65
N PRO C 52 2.54 24.16 38.50
CA PRO C 52 1.96 23.98 39.82
C PRO C 52 0.49 23.63 39.80
N VAL C 53 -0.26 24.11 38.81
CA VAL C 53 -1.68 23.76 38.72
C VAL C 53 -1.82 22.26 38.53
N TYR C 54 -1.05 21.74 37.59
CA TYR C 54 -1.09 20.32 37.29
C TYR C 54 -0.73 19.52 38.53
N LEU C 55 0.32 19.96 39.19
CA LEU C 55 0.81 19.21 40.33
C LEU C 55 -0.17 19.24 41.49
N ALA C 56 -0.78 20.41 41.72
CA ALA C 56 -1.74 20.56 42.81
C ALA C 56 -2.96 19.69 42.56
N ALA C 57 -3.48 19.71 41.34
CA ALA C 57 -4.63 18.88 41.03
C ALA C 57 -4.29 17.41 41.22
N VAL C 58 -3.06 17.04 40.91
CA VAL C 58 -2.69 15.65 41.04
C VAL C 58 -2.72 15.25 42.51
N LEU C 59 -2.12 16.08 43.34
CA LEU C 59 -2.09 15.79 44.76
C LEU C 59 -3.50 15.71 45.34
N GLU C 60 -4.38 16.59 44.89
CA GLU C 60 -5.75 16.56 45.41
C GLU C 60 -6.47 15.29 45.00
N TYR C 61 -6.26 14.84 43.76
CA TYR C 61 -6.90 13.62 43.31
C TYR C 61 -6.46 12.44 44.14
N LEU C 62 -5.16 12.36 44.41
CA LEU C 62 -4.67 11.26 45.22
C LEU C 62 -5.27 11.32 46.61
N THR C 63 -5.35 12.52 47.16
CA THR C 63 -5.89 12.68 48.50
C THR C 63 -7.35 12.24 48.53
N ALA C 64 -8.11 12.60 47.50
CA ALA C 64 -9.52 12.24 47.47
C ALA C 64 -9.68 10.74 47.39
N GLU C 65 -8.81 10.09 46.63
CA GLU C 65 -8.92 8.64 46.52
C GLU C 65 -8.67 7.98 47.86
N ILE C 66 -7.60 8.39 48.52
CA ILE C 66 -7.25 7.80 49.81
C ILE C 66 -8.37 8.01 50.81
N LEU C 67 -8.84 9.25 50.93
CA LEU C 67 -9.86 9.55 51.92
C LEU C 67 -11.16 8.83 51.62
N GLU C 68 -11.51 8.70 50.33
CA GLU C 68 -12.74 8.00 49.98
C GLU C 68 -12.67 6.56 50.42
N LEU C 69 -11.57 5.89 50.11
CA LEU C 69 -11.44 4.49 50.49
C LEU C 69 -11.45 4.35 52.00
N ALA C 70 -10.81 5.29 52.68
CA ALA C 70 -10.76 5.23 54.13
C ALA C 70 -12.15 5.40 54.71
N GLY C 71 -12.93 6.29 54.14
CA GLY C 71 -14.26 6.51 54.65
C GLY C 71 -15.15 5.32 54.43
N ASN C 72 -14.95 4.63 53.31
CA ASN C 72 -15.69 3.40 53.12
C ASN C 72 -15.33 2.40 54.20
N ALA C 73 -14.05 2.30 54.54
CA ALA C 73 -13.69 1.37 55.61
C ALA C 73 -14.26 1.82 56.94
N ALA C 74 -14.36 3.13 57.13
CA ALA C 74 -14.89 3.68 58.38
C ALA C 74 -16.32 3.27 58.56
N ARG C 75 -17.14 3.50 57.53
CA ARG C 75 -18.52 3.07 57.57
C ARG C 75 -18.61 1.57 57.76
N ASP C 76 -17.63 0.83 57.23
CA ASP C 76 -17.67 -0.62 57.40
C ASP C 76 -17.45 -1.00 58.86
N ASN C 77 -16.67 -0.21 59.60
CA ASN C 77 -16.45 -0.48 61.02
C ASN C 77 -17.33 0.36 61.93
N LYS C 78 -18.31 1.04 61.37
CA LYS C 78 -19.31 1.76 62.16
C LYS C 78 -18.69 2.86 63.00
N LYS C 79 -17.67 3.51 62.47
CA LYS C 79 -17.04 4.64 63.13
C LYS C 79 -17.14 5.87 62.24
N THR C 80 -17.43 7.01 62.86
CA THR C 80 -17.68 8.24 62.14
C THR C 80 -16.46 9.13 61.99
N ARG C 81 -15.39 8.88 62.72
CA ARG C 81 -14.20 9.72 62.67
C ARG C 81 -13.03 8.90 62.17
N ILE C 82 -12.24 9.50 61.27
CA ILE C 82 -11.17 8.78 60.60
C ILE C 82 -9.95 8.71 61.49
N ILE C 83 -9.35 7.52 61.59
CA ILE C 83 -8.07 7.34 62.27
C ILE C 83 -7.12 6.53 61.38
N PRO C 84 -5.82 6.54 61.67
CA PRO C 84 -4.82 6.02 60.72
C PRO C 84 -4.99 4.59 60.26
N ARG C 85 -5.45 3.72 61.16
CA ARG C 85 -5.68 2.32 60.83
C ARG C 85 -6.50 2.20 59.55
N HIS C 86 -7.50 3.07 59.41
CA HIS C 86 -8.31 3.08 58.21
C HIS C 86 -7.46 3.36 56.98
N LEU C 87 -6.48 4.24 57.11
CA LEU C 87 -5.64 4.58 55.98
C LEU C 87 -4.77 3.42 55.59
N GLN C 88 -4.20 2.74 56.56
CA GLN C 88 -3.38 1.58 56.24
C GLN C 88 -4.21 0.51 55.57
N LEU C 89 -5.43 0.30 56.06
CA LEU C 89 -6.29 -0.69 55.43
C LEU C 89 -6.62 -0.31 54.01
N ALA C 90 -6.78 0.99 53.77
CA ALA C 90 -7.14 1.44 52.44
C ALA C 90 -5.98 1.28 51.48
N ILE C 91 -4.78 1.62 51.93
CA ILE C 91 -3.63 1.55 51.05
C ILE C 91 -3.32 0.10 50.71
N ARG C 92 -3.09 -0.74 51.71
CA ARG C 92 -2.59 -2.08 51.41
C ARG C 92 -3.58 -2.92 50.62
N ASN C 93 -4.86 -2.60 50.64
CA ASN C 93 -5.85 -3.40 49.93
C ASN C 93 -5.99 -3.02 48.47
N ASP C 94 -5.28 -1.99 48.01
CA ASP C 94 -5.25 -1.62 46.61
C ASP C 94 -3.86 -1.91 46.06
N GLU C 95 -3.81 -2.64 44.95
CA GLU C 95 -2.55 -3.11 44.41
C GLU C 95 -1.65 -1.95 44.02
N GLU C 96 -2.24 -0.94 43.39
CA GLU C 96 -1.44 0.12 42.82
C GLU C 96 -0.83 1.00 43.89
N LEU C 97 -1.65 1.39 44.85
CA LEU C 97 -1.12 2.16 45.97
C LEU C 97 -0.13 1.36 46.77
N ASN C 98 -0.28 0.04 46.81
CA ASN C 98 0.71 -0.79 47.49
C ASN C 98 2.04 -0.70 46.79
N LYS C 99 2.03 -0.67 45.46
CA LYS C 99 3.27 -0.53 44.74
C LYS C 99 3.91 0.82 44.99
N LEU C 100 3.10 1.87 45.01
CA LEU C 100 3.64 3.20 45.26
C LEU C 100 4.22 3.31 46.66
N LEU C 101 3.53 2.74 47.65
CA LEU C 101 3.86 2.90 49.06
C LEU C 101 4.27 1.57 49.68
N GLY C 102 5.07 0.80 48.96
CA GLY C 102 5.50 -0.49 49.46
C GLY C 102 6.52 -0.37 50.57
N ARG C 103 7.28 0.73 50.59
CA ARG C 103 8.33 0.94 51.57
C ARG C 103 8.02 2.14 52.47
N VAL C 104 6.79 2.26 52.91
CA VAL C 104 6.37 3.32 53.82
C VAL C 104 5.73 2.70 55.04
N THR C 105 6.00 3.32 56.18
CA THR C 105 5.47 2.91 57.47
C THR C 105 4.53 3.98 57.96
N ILE C 106 3.29 3.60 58.22
CA ILE C 106 2.30 4.50 58.77
C ILE C 106 2.32 4.30 60.26
N ALA C 107 2.58 5.37 60.98
CA ALA C 107 2.61 5.28 62.42
C ALA C 107 1.23 4.96 62.96
N GLN C 108 1.20 4.12 63.99
CA GLN C 108 -0.03 3.64 64.59
C GLN C 108 -0.93 2.95 63.57
N GLY C 109 -0.33 2.33 62.56
CA GLY C 109 -1.10 1.79 61.46
C GLY C 109 -1.38 0.32 61.60
N GLY C 110 -0.47 -0.40 62.22
CA GLY C 110 -0.64 -1.83 62.25
C GLY C 110 -0.48 -2.42 60.87
N VAL C 111 -1.00 -3.64 60.73
CA VAL C 111 -0.84 -4.44 59.52
C VAL C 111 -2.18 -5.04 59.13
N LEU C 112 -2.18 -5.67 57.97
CA LEU C 112 -3.37 -6.32 57.49
C LEU C 112 -3.57 -7.65 58.20
N PRO C 113 -4.81 -8.08 58.41
CA PRO C 113 -5.02 -9.45 58.87
C PRO C 113 -4.62 -10.43 57.79
N ASN C 114 -3.73 -11.34 58.15
CA ASN C 114 -3.29 -12.34 57.20
C ASN C 114 -2.62 -13.48 57.93
N ILE C 115 -3.12 -14.67 57.68
CA ILE C 115 -2.58 -15.90 58.22
C ILE C 115 -2.29 -16.80 57.05
N GLN C 116 -1.08 -17.31 56.99
CA GLN C 116 -0.72 -18.23 55.91
C GLN C 116 -1.53 -19.51 56.08
N ALA C 117 -2.16 -19.93 54.99
CA ALA C 117 -3.14 -21.00 55.04
C ALA C 117 -2.61 -22.26 55.69
N VAL C 118 -1.34 -22.59 55.43
CA VAL C 118 -0.82 -23.88 55.84
C VAL C 118 -0.60 -24.00 57.34
N LEU C 119 -0.49 -22.89 58.05
CA LEU C 119 -0.23 -22.97 59.48
C LEU C 119 -1.50 -23.16 60.30
N LEU C 120 -2.66 -23.00 59.72
CA LEU C 120 -3.92 -23.13 60.41
C LEU C 120 -4.21 -24.60 60.70
N PRO C 121 -4.94 -24.90 61.79
CA PRO C 121 -5.26 -26.30 62.05
C PRO C 121 -6.18 -26.89 61.00
N LYS C 122 -6.17 -28.21 60.93
CA LYS C 122 -7.00 -28.93 59.97
C LYS C 122 -8.47 -28.79 60.33
N LYS C 123 -9.32 -28.83 59.32
CA LYS C 123 -10.76 -28.78 59.52
C LYS C 123 -11.34 -30.13 59.95
N THR C 124 -10.51 -31.12 60.23
CA THR C 124 -10.96 -32.42 60.73
C THR C 124 -11.09 -32.35 62.26
N GLU C 125 -12.02 -31.50 62.70
CA GLU C 125 -12.29 -31.28 64.13
C GLU C 125 -13.80 -31.38 64.32
N SER C 126 -14.29 -32.59 64.52
CA SER C 126 -15.73 -32.86 64.70
C SER C 126 -15.86 -34.32 65.15
N HIS C 127 -17.10 -34.80 65.21
CA HIS C 127 -17.36 -36.21 65.51
C HIS C 127 -16.70 -37.08 64.47
N HIS C 128 -15.80 -37.97 64.91
CA HIS C 128 -15.10 -38.89 64.03
C HIS C 128 -15.03 -40.26 64.68
N LYS C 129 -16.15 -40.70 65.26
CA LYS C 129 -16.22 -41.94 66.02
C LYS C 129 -17.40 -42.79 65.56
N ARG D 33 5.68 38.42 73.50
CA ARG D 33 4.69 38.11 72.48
C ARG D 33 5.31 37.47 71.24
N LYS D 34 6.65 37.46 71.16
CA LYS D 34 7.35 36.82 70.05
C LYS D 34 6.88 35.39 69.87
N ARG D 35 6.41 35.07 68.67
CA ARG D 35 5.71 33.83 68.41
C ARG D 35 5.88 33.47 66.95
N SER D 36 5.64 32.20 66.64
CA SER D 36 6.10 31.58 65.41
C SER D 36 4.97 31.45 64.41
N ARG D 37 5.25 30.70 63.34
CA ARG D 37 4.30 30.51 62.24
C ARG D 37 4.67 29.21 61.54
N LYS D 38 3.77 28.23 61.61
CA LYS D 38 4.01 26.90 61.06
C LYS D 38 2.99 26.64 59.97
N GLU D 39 3.46 26.39 58.76
CA GLU D 39 2.59 26.15 57.62
C GLU D 39 2.25 24.68 57.49
N SER D 40 1.08 24.43 56.92
CA SER D 40 0.62 23.07 56.72
C SER D 40 -0.41 23.06 55.62
N TYR D 41 -0.91 21.87 55.35
CA TYR D 41 -1.93 21.63 54.36
C TYR D 41 -3.23 21.14 54.99
N SER D 42 -3.44 21.45 56.27
CA SER D 42 -4.63 20.99 56.98
C SER D 42 -5.93 21.40 56.29
N ILE D 43 -6.10 22.70 56.08
CA ILE D 43 -7.37 23.25 55.62
C ILE D 43 -7.79 22.62 54.29
N TYR D 44 -6.83 22.37 53.41
CA TYR D 44 -7.18 21.88 52.08
C TYR D 44 -7.64 20.44 52.15
N VAL D 45 -6.96 19.66 52.98
CA VAL D 45 -7.40 18.30 53.25
C VAL D 45 -8.81 18.32 53.82
N TYR D 46 -9.08 19.27 54.70
CA TYR D 46 -10.40 19.32 55.32
C TYR D 46 -11.47 19.64 54.30
N LYS D 47 -11.19 20.61 53.42
CA LYS D 47 -12.13 20.93 52.36
C LYS D 47 -12.45 19.70 51.54
N VAL D 48 -11.41 18.98 51.11
CA VAL D 48 -11.65 17.86 50.22
C VAL D 48 -12.46 16.79 50.92
N LEU D 49 -12.16 16.57 52.18
CA LEU D 49 -12.88 15.56 52.93
C LEU D 49 -14.35 15.94 53.06
N LYS D 50 -14.64 17.22 53.24
CA LYS D 50 -16.05 17.61 53.34
C LYS D 50 -16.74 17.49 52.00
N GLN D 51 -15.99 17.69 50.92
CA GLN D 51 -16.57 17.60 49.60
C GLN D 51 -16.96 16.16 49.26
N VAL D 52 -16.13 15.19 49.63
CA VAL D 52 -16.40 13.82 49.23
C VAL D 52 -17.31 13.13 50.25
N HIS D 53 -17.22 13.49 51.52
CA HIS D 53 -17.99 12.86 52.59
C HIS D 53 -18.33 13.93 53.61
N PRO D 54 -19.37 14.73 53.35
CA PRO D 54 -19.65 15.89 54.21
C PRO D 54 -19.80 15.59 55.69
N ASP D 55 -20.41 14.46 56.04
CA ASP D 55 -20.67 14.12 57.44
C ASP D 55 -19.66 13.10 57.93
N THR D 56 -18.43 13.57 58.16
CA THR D 56 -17.37 12.72 58.67
C THR D 56 -16.18 13.57 59.06
N GLY D 57 -15.57 13.25 60.20
CA GLY D 57 -14.40 13.92 60.69
C GLY D 57 -13.15 13.06 60.60
N ILE D 58 -12.03 13.66 60.99
CA ILE D 58 -10.74 12.99 60.92
C ILE D 58 -9.86 13.53 62.03
N SER D 59 -9.08 12.64 62.64
CA SER D 59 -8.21 13.02 63.74
C SER D 59 -7.00 13.77 63.25
N SER D 60 -6.31 14.40 64.19
CA SER D 60 -5.16 15.22 63.86
C SER D 60 -3.99 14.36 63.44
N LYS D 61 -3.81 13.19 64.05
CA LYS D 61 -2.71 12.32 63.69
C LYS D 61 -2.80 11.89 62.24
N ALA D 62 -3.99 11.51 61.78
CA ALA D 62 -4.14 11.13 60.38
C ALA D 62 -3.89 12.32 59.49
N MET D 63 -4.24 13.51 59.95
CA MET D 63 -3.95 14.69 59.18
C MET D 63 -2.46 14.87 59.05
N GLY D 64 -1.73 14.55 60.12
CA GLY D 64 -0.29 14.59 60.06
C GLY D 64 0.24 13.63 59.02
N ILE D 65 -0.34 12.43 58.98
CA ILE D 65 0.08 11.45 58.01
C ILE D 65 -0.13 11.97 56.60
N MET D 66 -1.27 12.58 56.36
CA MET D 66 -1.57 13.08 55.03
C MET D 66 -0.63 14.21 54.68
N ASN D 67 -0.23 14.98 55.67
CA ASN D 67 0.70 16.07 55.42
C ASN D 67 2.04 15.50 54.98
N SER D 68 2.51 14.49 55.70
CA SER D 68 3.77 13.87 55.33
C SER D 68 3.70 13.28 53.93
N PHE D 69 2.56 12.68 53.60
CA PHE D 69 2.38 12.04 52.31
C PHE D 69 2.51 13.06 51.19
N VAL D 70 1.76 14.15 51.32
CA VAL D 70 1.78 15.19 50.32
C VAL D 70 3.19 15.69 50.13
N ASN D 71 3.89 15.93 51.23
CA ASN D 71 5.24 16.46 51.10
C ASN D 71 6.15 15.47 50.40
N ASP D 72 5.96 14.18 50.69
CA ASP D 72 6.81 13.17 50.07
C ASP D 72 6.60 13.13 48.55
N ILE D 73 5.33 13.16 48.10
CA ILE D 73 5.10 13.08 46.67
C ILE D 73 5.60 14.32 45.99
N PHE D 74 5.45 15.47 46.63
CA PHE D 74 5.96 16.70 46.07
C PHE D 74 7.45 16.58 45.83
N GLU D 75 8.15 16.04 46.82
CA GLU D 75 9.60 15.93 46.69
C GLU D 75 9.98 14.99 45.57
N ARG D 76 9.33 13.84 45.50
CA ARG D 76 9.67 12.86 44.48
C ARG D 76 9.50 13.44 43.08
N ILE D 77 8.35 14.06 42.84
CA ILE D 77 8.05 14.52 41.49
C ILE D 77 9.01 15.63 41.10
N ALA D 78 9.23 16.57 42.01
CA ALA D 78 10.10 17.66 41.64
C ALA D 78 11.49 17.14 41.33
N GLY D 79 11.95 16.15 42.10
CA GLY D 79 13.27 15.59 41.83
C GLY D 79 13.34 14.98 40.45
N GLU D 80 12.31 14.23 40.08
CA GLU D 80 12.33 13.58 38.78
C GLU D 80 12.30 14.59 37.65
N ALA D 81 11.46 15.61 37.80
CA ALA D 81 11.38 16.64 36.77
C ALA D 81 12.70 17.30 36.57
N SER D 82 13.40 17.55 37.67
CA SER D 82 14.70 18.16 37.59
C SER D 82 15.64 17.30 36.78
N ARG D 83 15.68 16.01 37.08
CA ARG D 83 16.60 15.12 36.37
C ARG D 83 16.32 15.09 34.88
N LEU D 84 15.04 15.05 34.50
CA LEU D 84 14.69 15.05 33.08
C LEU D 84 15.17 16.31 32.40
N ALA D 85 14.85 17.45 32.99
CA ALA D 85 15.22 18.71 32.38
C ALA D 85 16.72 18.81 32.21
N HIS D 86 17.47 18.33 33.19
CA HIS D 86 18.91 18.46 33.10
C HIS D 86 19.47 17.59 32.00
N TYR D 87 18.90 16.40 31.80
CA TYR D 87 19.47 15.51 30.80
C TYR D 87 19.27 16.02 29.38
N ASN D 88 18.28 16.86 29.14
CA ASN D 88 18.04 17.42 27.82
C ASN D 88 18.49 18.87 27.71
N LYS D 89 19.22 19.38 28.70
CA LYS D 89 19.81 20.71 28.64
C LYS D 89 18.78 21.80 28.43
N ARG D 90 17.61 21.63 29.03
CA ARG D 90 16.56 22.65 29.02
C ARG D 90 16.45 23.20 30.43
N SER D 91 16.38 24.52 30.51
CA SER D 91 16.43 25.20 31.78
C SER D 91 15.07 25.51 32.36
N THR D 92 14.00 25.08 31.70
CA THR D 92 12.65 25.43 32.09
C THR D 92 11.84 24.18 32.42
N ILE D 93 11.02 24.30 33.46
CA ILE D 93 10.03 23.29 33.83
C ILE D 93 8.66 23.74 33.38
N THR D 94 8.03 22.95 32.51
CA THR D 94 6.66 23.17 32.08
C THR D 94 5.80 21.99 32.49
N SER D 95 4.52 22.09 32.15
CA SER D 95 3.59 21.00 32.48
C SER D 95 4.00 19.71 31.81
N ARG D 96 4.68 19.79 30.67
CA ARG D 96 5.12 18.59 29.96
C ARG D 96 6.06 17.77 30.82
N GLU D 97 6.99 18.43 31.48
CA GLU D 97 7.94 17.72 32.31
C GLU D 97 7.25 17.02 33.44
N ILE D 98 6.29 17.70 34.05
CA ILE D 98 5.53 17.10 35.14
C ILE D 98 4.79 15.87 34.63
N GLN D 99 4.22 15.97 33.43
CA GLN D 99 3.43 14.89 32.87
C GLN D 99 4.30 13.67 32.64
N THR D 100 5.47 13.87 32.05
CA THR D 100 6.39 12.78 31.81
C THR D 100 6.79 12.14 33.11
N ALA D 101 7.06 12.96 34.11
CA ALA D 101 7.48 12.44 35.39
C ALA D 101 6.39 11.59 35.99
N VAL D 102 5.15 12.03 35.81
CA VAL D 102 4.04 11.31 36.38
C VAL D 102 3.92 9.95 35.72
N ARG D 103 4.04 9.91 34.41
CA ARG D 103 3.91 8.62 33.73
C ARG D 103 5.04 7.69 34.12
N LEU D 104 6.19 8.24 34.53
CA LEU D 104 7.28 7.37 34.93
C LEU D 104 7.07 6.83 36.33
N LEU D 105 6.61 7.68 37.23
CA LEU D 105 6.57 7.31 38.63
C LEU D 105 5.33 6.51 39.00
N LEU D 106 4.24 6.92 38.56
CA LEU D 106 2.96 6.30 38.91
C LEU D 106 2.57 5.23 37.89
N PRO D 107 1.87 4.17 38.29
CA PRO D 107 1.50 3.11 37.35
C PRO D 107 0.13 3.29 36.70
N GLY D 108 0.07 2.86 35.44
CA GLY D 108 -1.15 2.70 34.67
C GLY D 108 -2.30 3.69 34.81
N GLU D 109 -3.45 3.11 35.14
CA GLU D 109 -4.72 3.83 35.11
C GLU D 109 -4.70 5.04 36.02
N LEU D 110 -4.00 4.94 37.15
CA LEU D 110 -3.90 6.07 38.05
C LEU D 110 -3.23 7.23 37.34
N ALA D 111 -2.21 6.92 36.56
CA ALA D 111 -1.52 7.96 35.81
C ALA D 111 -2.46 8.56 34.78
N LYS D 112 -3.26 7.72 34.14
CA LYS D 112 -4.17 8.25 33.12
C LYS D 112 -5.18 9.22 33.73
N HIS D 113 -5.84 8.81 34.81
CA HIS D 113 -6.83 9.69 35.41
C HIS D 113 -6.18 10.98 35.89
N ALA D 114 -4.97 10.89 36.47
CA ALA D 114 -4.33 12.08 36.98
C ALA D 114 -3.98 13.02 35.84
N VAL D 115 -3.49 12.46 34.76
CA VAL D 115 -3.14 13.25 33.59
C VAL D 115 -4.38 13.95 33.06
N SER D 116 -5.51 13.25 33.03
CA SER D 116 -6.72 13.88 32.53
C SER D 116 -7.13 15.05 33.40
N GLU D 117 -7.05 14.87 34.72
CA GLU D 117 -7.44 15.95 35.62
C GLU D 117 -6.54 17.16 35.44
N GLY D 118 -5.23 16.92 35.38
CA GLY D 118 -4.32 18.03 35.25
C GLY D 118 -4.51 18.74 33.92
N THR D 119 -4.77 17.98 32.88
CA THR D 119 -4.96 18.57 31.57
C THR D 119 -6.21 19.46 31.57
N LYS D 120 -7.28 18.97 32.19
CA LYS D 120 -8.49 19.77 32.26
C LYS D 120 -8.24 21.05 33.04
N ALA D 121 -7.46 20.94 34.11
CA ALA D 121 -7.17 22.10 34.93
C ALA D 121 -6.43 23.15 34.12
N VAL D 122 -5.44 22.72 33.36
CA VAL D 122 -4.65 23.67 32.59
C VAL D 122 -5.51 24.29 31.50
N THR D 123 -6.34 23.49 30.86
CA THR D 123 -7.13 24.02 29.76
C THR D 123 -8.15 25.02 30.26
N LYS D 124 -8.70 24.80 31.46
CA LYS D 124 -9.65 25.75 31.99
C LYS D 124 -8.93 27.02 32.45
N TYR D 125 -7.73 26.86 33.02
CA TYR D 125 -7.02 28.02 33.54
C TYR D 125 -6.57 28.93 32.42
N THR D 126 -6.07 28.33 31.35
CA THR D 126 -5.59 29.15 30.25
C THR D 126 -6.75 29.77 29.49
N SER D 127 -7.93 29.14 29.54
CA SER D 127 -9.10 29.70 28.86
C SER D 127 -9.69 30.88 29.63
N ALA D 128 -9.59 30.86 30.96
CA ALA D 128 -10.29 31.80 31.83
C ALA D 128 -9.32 32.66 32.62
N LYS D 129 -8.29 33.19 31.96
CA LYS D 129 -7.34 34.07 32.61
C LYS D 129 -8.01 35.33 33.14
N VAL E 39 -14.94 -28.89 88.86
CA VAL E 39 -14.27 -29.52 87.73
C VAL E 39 -13.21 -30.49 88.23
N LYS E 40 -13.00 -31.58 87.49
CA LYS E 40 -11.99 -32.55 87.89
C LYS E 40 -10.59 -32.07 87.56
N LYS E 41 -10.41 -31.40 86.42
CA LYS E 41 -9.13 -30.87 85.99
C LYS E 41 -9.30 -29.42 85.55
N PRO E 42 -8.21 -28.65 85.51
CA PRO E 42 -8.32 -27.30 84.96
C PRO E 42 -8.53 -27.33 83.47
N HIS E 43 -9.37 -26.44 82.98
CA HIS E 43 -9.51 -26.26 81.55
C HIS E 43 -8.19 -25.78 80.98
N ARG E 44 -7.80 -26.34 79.85
CA ARG E 44 -6.48 -26.07 79.29
C ARG E 44 -6.54 -26.19 77.78
N TYR E 45 -6.33 -25.08 77.10
CA TYR E 45 -6.39 -25.06 75.66
C TYR E 45 -5.27 -25.88 75.08
N ARG E 46 -5.49 -26.37 73.87
CA ARG E 46 -4.47 -27.09 73.15
C ARG E 46 -3.47 -26.11 72.51
N PRO E 47 -2.25 -26.56 72.21
CA PRO E 47 -1.27 -25.65 71.63
C PRO E 47 -1.71 -25.10 70.30
N GLY E 48 -1.59 -23.79 70.17
CA GLY E 48 -1.87 -23.06 68.95
C GLY E 48 -3.08 -22.19 69.07
N THR E 49 -4.09 -22.65 69.78
CA THR E 49 -5.34 -21.91 69.86
C THR E 49 -5.14 -20.55 70.49
N VAL E 50 -4.48 -20.52 71.65
CA VAL E 50 -4.33 -19.25 72.35
C VAL E 50 -3.37 -18.36 71.60
N ALA E 51 -2.37 -18.95 70.96
CA ALA E 51 -1.46 -18.17 70.14
C ALA E 51 -2.22 -17.51 69.02
N LEU E 52 -3.12 -18.25 68.41
CA LEU E 52 -3.91 -17.70 67.31
C LEU E 52 -4.85 -16.61 67.81
N ARG E 53 -5.39 -16.80 69.01
CA ARG E 53 -6.22 -15.78 69.62
C ARG E 53 -5.43 -14.49 69.78
N GLU E 54 -4.17 -14.63 70.20
CA GLU E 54 -3.32 -13.46 70.37
C GLU E 54 -3.02 -12.84 69.01
N ILE E 55 -2.92 -13.67 67.98
CA ILE E 55 -2.64 -13.12 66.66
C ILE E 55 -3.78 -12.23 66.24
N ARG E 56 -5.00 -12.72 66.38
CA ARG E 56 -6.13 -11.92 65.91
C ARG E 56 -6.28 -10.67 66.75
N ARG E 57 -6.03 -10.77 68.07
CA ARG E 57 -6.11 -9.60 68.94
C ARG E 57 -5.11 -8.54 68.49
N TYR E 58 -3.82 -8.89 68.43
CA TYR E 58 -2.83 -7.89 68.08
C TYR E 58 -2.96 -7.43 66.65
N GLN E 59 -3.51 -8.25 65.78
CA GLN E 59 -3.72 -7.82 64.41
C GLN E 59 -4.87 -6.84 64.33
N LYS E 60 -5.77 -6.84 65.30
CA LYS E 60 -6.88 -5.91 65.26
C LYS E 60 -6.52 -4.56 65.86
N SER E 61 -5.52 -4.51 66.73
CA SER E 61 -5.14 -3.30 67.43
C SER E 61 -3.82 -2.77 66.89
N THR E 62 -3.45 -1.59 67.39
CA THR E 62 -2.33 -0.84 66.87
C THR E 62 -1.36 -0.35 67.93
N GLU E 63 -1.63 -0.59 69.20
CA GLU E 63 -0.77 -0.02 70.23
C GLU E 63 0.62 -0.61 70.13
N LEU E 64 1.60 0.20 70.49
CA LEU E 64 2.97 -0.23 70.45
C LEU E 64 3.22 -1.28 71.51
N LEU E 65 4.05 -2.25 71.16
CA LEU E 65 4.28 -3.41 72.00
C LEU E 65 5.53 -3.31 72.83
N ILE E 66 6.46 -2.49 72.45
CA ILE E 66 7.69 -2.33 73.21
C ILE E 66 7.43 -1.37 74.36
N ARG E 67 7.99 -1.70 75.50
CA ARG E 67 7.86 -0.85 76.67
C ARG E 67 8.63 0.44 76.46
N LYS E 68 8.11 1.53 77.02
CA LYS E 68 8.68 2.85 76.76
C LYS E 68 10.04 3.00 77.44
N LEU E 69 10.07 2.81 78.74
CA LEU E 69 11.23 3.19 79.53
C LEU E 69 12.49 2.40 79.17
N PRO E 70 12.46 1.07 79.05
CA PRO E 70 13.67 0.35 78.66
C PRO E 70 14.21 0.81 77.32
N PHE E 71 13.31 1.12 76.40
CA PHE E 71 13.74 1.60 75.11
C PHE E 71 14.43 2.93 75.26
N GLN E 72 13.89 3.78 76.14
CA GLN E 72 14.51 5.07 76.39
C GLN E 72 15.93 4.90 76.89
N ARG E 73 16.11 3.96 77.80
CA ARG E 73 17.42 3.81 78.41
C ARG E 73 18.40 3.24 77.41
N LEU E 74 17.94 2.34 76.54
CA LEU E 74 18.82 1.78 75.52
C LEU E 74 19.32 2.86 74.59
N VAL E 75 18.38 3.66 74.09
CA VAL E 75 18.74 4.72 73.16
C VAL E 75 19.72 5.67 73.81
N ARG E 76 19.49 6.00 75.08
CA ARG E 76 20.33 6.97 75.74
C ARG E 76 21.74 6.42 75.90
N GLU E 77 21.86 5.13 76.19
CA GLU E 77 23.18 4.55 76.36
C GLU E 77 23.95 4.55 75.05
N ILE E 78 23.29 4.21 73.95
CA ILE E 78 24.00 4.12 72.68
C ILE E 78 24.44 5.51 72.24
N ALA E 79 23.52 6.47 72.28
CA ALA E 79 23.87 7.82 71.92
C ALA E 79 25.00 8.34 72.79
N GLN E 80 24.99 7.98 74.08
CA GLN E 80 26.09 8.35 74.96
C GLN E 80 27.40 7.78 74.47
N ASP E 81 27.37 6.57 73.93
CA ASP E 81 28.59 6.02 73.36
C ASP E 81 29.07 6.82 72.16
N PHE E 82 28.16 7.45 71.42
CA PHE E 82 28.61 8.29 70.30
C PHE E 82 28.91 9.72 70.70
N LYS E 83 28.03 10.36 71.46
CA LYS E 83 28.25 11.72 71.94
C LYS E 83 27.62 11.85 73.32
N THR E 84 28.25 12.64 74.18
CA THR E 84 27.88 12.66 75.59
C THR E 84 26.80 13.66 75.89
N ASP E 85 26.15 13.43 77.03
CA ASP E 85 25.17 14.33 77.66
C ASP E 85 24.10 14.81 76.68
N LEU E 86 23.70 13.96 75.76
CA LEU E 86 22.62 14.31 74.85
C LEU E 86 21.27 14.30 75.53
N ARG E 87 20.34 15.04 74.94
CA ARG E 87 18.94 15.04 75.32
C ARG E 87 18.10 14.68 74.11
N PHE E 88 16.95 14.08 74.38
CA PHE E 88 16.10 13.50 73.35
C PHE E 88 14.68 14.01 73.49
N GLN E 89 14.11 14.49 72.39
CA GLN E 89 12.68 14.77 72.38
C GLN E 89 11.91 13.47 72.48
N SER E 90 10.72 13.57 73.06
CA SER E 90 9.90 12.38 73.22
C SER E 90 9.49 11.84 71.86
N SER E 91 9.16 12.73 70.94
CA SER E 91 8.67 12.30 69.65
C SER E 91 9.72 11.57 68.83
N ALA E 92 11.00 11.92 68.98
CA ALA E 92 12.04 11.18 68.27
C ALA E 92 12.10 9.74 68.76
N VAL E 93 11.96 9.56 70.06
CA VAL E 93 11.97 8.23 70.62
C VAL E 93 10.78 7.45 70.11
N MET E 94 9.63 8.10 70.04
CA MET E 94 8.46 7.41 69.52
C MET E 94 8.67 7.02 68.07
N ALA E 95 9.32 7.88 67.31
CA ALA E 95 9.56 7.59 65.90
C ALA E 95 10.45 6.37 65.77
N LEU E 96 11.50 6.30 66.58
CA LEU E 96 12.36 5.13 66.53
C LEU E 96 11.60 3.89 66.90
N GLN E 97 10.68 4.03 67.84
CA GLN E 97 9.91 2.89 68.28
C GLN E 97 9.11 2.34 67.12
N GLU E 98 8.47 3.23 66.39
CA GLU E 98 7.62 2.79 65.29
C GLU E 98 8.46 2.17 64.20
N ALA E 99 9.61 2.77 63.92
CA ALA E 99 10.44 2.25 62.84
C ALA E 99 10.95 0.87 63.18
N CYS E 100 11.38 0.66 64.42
CA CYS E 100 11.90 -0.63 64.81
C CYS E 100 10.82 -1.68 64.69
N GLU E 101 9.64 -1.40 65.23
CA GLU E 101 8.62 -2.43 65.22
C GLU E 101 8.18 -2.76 63.80
N ALA E 102 8.13 -1.77 62.92
CA ALA E 102 7.74 -2.05 61.55
C ALA E 102 8.79 -2.90 60.86
N TYR E 103 10.06 -2.59 61.09
CA TYR E 103 11.12 -3.37 60.49
C TYR E 103 11.08 -4.81 60.98
N LEU E 104 10.89 -5.00 62.28
CA LEU E 104 10.88 -6.35 62.84
C LEU E 104 9.73 -7.16 62.25
N VAL E 105 8.54 -6.57 62.17
CA VAL E 105 7.42 -7.36 61.68
C VAL E 105 7.63 -7.71 60.21
N GLY E 106 8.19 -6.78 59.43
CA GLY E 106 8.46 -7.10 58.04
C GLY E 106 9.42 -8.27 57.92
N LEU E 107 10.45 -8.27 58.76
CA LEU E 107 11.44 -9.32 58.70
C LEU E 107 10.85 -10.65 59.09
N PHE E 108 10.10 -10.66 60.18
CA PHE E 108 9.51 -11.91 60.64
C PHE E 108 8.52 -12.45 59.63
N GLU E 109 7.83 -11.60 58.89
CA GLU E 109 6.93 -12.08 57.85
C GLU E 109 7.71 -12.84 56.79
N ASP E 110 8.74 -12.20 56.24
CA ASP E 110 9.51 -12.88 55.20
C ASP E 110 10.18 -14.13 55.75
N THR E 111 10.61 -14.08 56.99
CA THR E 111 11.21 -15.23 57.64
C THR E 111 10.24 -16.39 57.71
N ASN E 112 9.00 -16.11 58.07
CA ASN E 112 8.01 -17.17 58.16
C ASN E 112 7.79 -17.81 56.83
N LEU E 113 7.76 -17.01 55.77
CA LEU E 113 7.68 -17.61 54.45
C LEU E 113 8.85 -18.54 54.20
N CYS E 114 10.04 -18.12 54.61
CA CYS E 114 11.21 -18.95 54.37
C CYS E 114 11.09 -20.26 55.12
N ALA E 115 10.56 -20.21 56.33
CA ALA E 115 10.43 -21.42 57.13
C ALA E 115 9.43 -22.36 56.48
N ILE E 116 8.30 -21.83 56.04
CA ILE E 116 7.29 -22.68 55.42
C ILE E 116 7.84 -23.30 54.15
N HIS E 117 8.77 -22.61 53.51
CA HIS E 117 9.34 -23.14 52.27
C HIS E 117 10.06 -24.44 52.52
N ALA E 118 10.63 -24.61 53.70
CA ALA E 118 11.35 -25.83 54.04
C ALA E 118 10.47 -26.87 54.68
N LYS E 119 9.16 -26.73 54.57
CA LYS E 119 8.21 -27.72 55.08
C LYS E 119 8.28 -27.84 56.60
N ARG E 120 8.55 -26.72 57.27
CA ARG E 120 8.49 -26.65 58.72
C ARG E 120 7.53 -25.54 59.12
N VAL E 121 7.27 -25.48 60.42
CA VAL E 121 6.43 -24.45 61.02
C VAL E 121 7.14 -23.68 62.10
N THR E 122 8.33 -24.12 62.50
CA THR E 122 9.11 -23.50 63.54
C THR E 122 10.22 -22.68 62.90
N ILE E 123 10.29 -21.41 63.23
CA ILE E 123 11.34 -20.57 62.67
C ILE E 123 12.64 -20.80 63.41
N MET E 124 13.74 -20.60 62.71
CA MET E 124 15.08 -20.84 63.22
C MET E 124 16.00 -19.76 62.73
N PRO E 125 17.17 -19.61 63.34
CA PRO E 125 18.08 -18.52 62.97
C PRO E 125 18.46 -18.47 61.50
N LYS E 126 18.72 -19.63 60.89
CA LYS E 126 19.18 -19.62 59.52
C LYS E 126 18.10 -19.07 58.60
N ASP E 127 16.83 -19.18 58.98
CA ASP E 127 15.78 -18.54 58.21
C ASP E 127 15.98 -17.03 58.18
N ILE E 128 16.23 -16.46 59.35
CA ILE E 128 16.44 -15.03 59.43
C ILE E 128 17.67 -14.64 58.63
N GLN E 129 18.73 -15.42 58.78
CA GLN E 129 19.97 -15.09 58.08
C GLN E 129 19.77 -15.13 56.56
N LEU E 130 18.98 -16.09 56.09
CA LEU E 130 18.69 -16.21 54.68
C LEU E 130 17.94 -15.00 54.18
N ALA E 131 16.87 -14.65 54.88
CA ALA E 131 16.07 -13.51 54.46
C ALA E 131 16.90 -12.24 54.47
N ARG E 132 17.71 -12.06 55.50
CA ARG E 132 18.49 -10.86 55.61
C ARG E 132 19.57 -10.82 54.54
N ARG E 133 20.02 -11.98 54.08
CA ARG E 133 21.03 -12.01 53.04
C ARG E 133 20.41 -11.69 51.69
N ILE E 134 19.17 -12.09 51.49
CA ILE E 134 18.57 -11.87 50.18
C ILE E 134 18.11 -10.44 50.04
N ARG E 135 17.51 -9.86 51.09
CA ARG E 135 17.02 -8.49 50.93
C ARG E 135 18.14 -7.47 50.81
N GLY E 136 19.39 -7.86 51.07
CA GLY E 136 20.51 -6.95 50.95
C GLY E 136 20.84 -6.16 52.19
N GLU E 137 20.34 -6.56 53.35
CA GLU E 137 20.67 -5.92 54.62
C GLU E 137 21.83 -6.63 55.32
N ARG E 138 22.80 -7.10 54.53
CA ARG E 138 23.78 -8.08 54.96
C ARG E 138 24.47 -7.72 56.28
N ALA E 139 24.71 -6.43 56.52
CA ALA E 139 25.33 -5.96 57.76
C ALA E 139 26.75 -6.51 57.94
N VAL F 25 19.03 -5.88 88.53
CA VAL F 25 20.29 -5.41 87.96
C VAL F 25 20.13 -5.25 86.45
N LEU F 26 20.98 -4.41 85.86
CA LEU F 26 20.98 -4.19 84.43
C LEU F 26 21.99 -5.13 83.76
N ARG F 27 21.65 -5.55 82.54
CA ARG F 27 22.37 -6.60 81.83
C ARG F 27 22.86 -6.05 80.49
N ASP F 28 23.50 -4.88 80.52
CA ASP F 28 23.89 -4.10 79.36
C ASP F 28 22.71 -3.47 78.65
N ASN F 29 21.52 -3.55 79.24
CA ASN F 29 20.30 -2.83 78.93
C ASN F 29 19.57 -3.35 77.69
N ILE F 30 20.19 -4.16 76.84
CA ILE F 30 19.46 -4.71 75.72
C ILE F 30 18.42 -5.66 76.24
N GLN F 31 18.68 -6.25 77.41
CA GLN F 31 17.77 -7.20 78.01
C GLN F 31 16.51 -6.55 78.54
N GLY F 32 16.39 -5.22 78.52
CA GLY F 32 15.08 -4.67 78.80
C GLY F 32 14.03 -5.03 77.75
N ILE F 33 14.47 -5.39 76.55
CA ILE F 33 13.60 -5.80 75.48
C ILE F 33 13.36 -7.28 75.73
N THR F 34 12.36 -7.55 76.53
CA THR F 34 12.18 -8.89 77.06
C THR F 34 11.74 -9.85 75.98
N LYS F 35 11.80 -11.13 76.34
CA LYS F 35 11.33 -12.18 75.45
C LYS F 35 9.87 -12.01 75.04
N PRO F 36 8.91 -11.90 75.96
CA PRO F 36 7.50 -11.86 75.54
C PRO F 36 7.17 -10.71 74.63
N ALA F 37 7.90 -9.59 74.71
CA ALA F 37 7.64 -8.52 73.76
C ALA F 37 8.03 -8.97 72.35
N ILE F 38 9.16 -9.64 72.24
CA ILE F 38 9.57 -10.18 70.96
C ILE F 38 8.55 -11.21 70.48
N ARG F 39 7.98 -11.96 71.42
CA ARG F 39 7.00 -12.96 71.05
C ARG F 39 5.77 -12.29 70.50
N ARG F 40 5.36 -11.19 71.11
CA ARG F 40 4.20 -10.46 70.60
C ARG F 40 4.48 -9.93 69.21
N LEU F 41 5.69 -9.45 68.99
CA LEU F 41 6.03 -8.96 67.67
C LEU F 41 5.94 -10.06 66.64
N ALA F 42 6.46 -11.23 66.99
CA ALA F 42 6.39 -12.36 66.07
C ALA F 42 4.95 -12.74 65.80
N ARG F 43 4.11 -12.63 66.82
CA ARG F 43 2.71 -12.94 66.65
C ARG F 43 2.08 -12.01 65.64
N ARG F 44 2.44 -10.73 65.68
CA ARG F 44 1.89 -9.81 64.70
C ARG F 44 2.36 -10.17 63.30
N GLY F 45 3.48 -10.83 63.19
CA GLY F 45 3.95 -11.24 61.89
C GLY F 45 3.28 -12.48 61.36
N GLY F 46 2.37 -13.05 62.11
CA GLY F 46 1.67 -14.23 61.64
C GLY F 46 2.39 -15.51 61.92
N VAL F 47 3.25 -15.51 62.92
CA VAL F 47 4.04 -16.68 63.25
C VAL F 47 3.39 -17.42 64.41
N LYS F 48 3.44 -18.73 64.34
CA LYS F 48 2.79 -19.61 65.29
C LYS F 48 3.74 -20.21 66.31
N ARG F 49 4.98 -20.50 65.92
CA ARG F 49 5.90 -21.27 66.73
C ARG F 49 7.31 -20.71 66.63
N ILE F 50 7.94 -20.50 67.78
CA ILE F 50 9.22 -19.81 67.86
C ILE F 50 10.19 -20.63 68.67
N SER F 51 11.39 -20.83 68.13
CA SER F 51 12.46 -21.49 68.85
C SER F 51 13.10 -20.56 69.85
N GLY F 52 13.69 -21.15 70.88
CA GLY F 52 14.24 -20.37 71.97
C GLY F 52 15.48 -19.59 71.60
N LEU F 53 16.11 -19.95 70.48
CA LEU F 53 17.35 -19.30 70.10
C LEU F 53 17.14 -18.03 69.31
N ILE F 54 15.93 -17.75 68.85
CA ILE F 54 15.69 -16.56 68.04
C ILE F 54 16.02 -15.31 68.82
N TYR F 55 15.63 -15.30 70.09
CA TYR F 55 15.57 -14.06 70.86
C TYR F 55 16.92 -13.37 70.87
N GLU F 56 17.97 -14.10 71.27
CA GLU F 56 19.30 -13.52 71.32
C GLU F 56 19.69 -12.93 69.97
N GLU F 57 19.47 -13.69 68.90
CA GLU F 57 19.84 -13.21 67.58
C GLU F 57 19.12 -11.93 67.28
N THR F 58 17.82 -11.91 67.60
CA THR F 58 17.01 -10.75 67.28
C THR F 58 17.56 -9.52 67.95
N ARG F 59 17.99 -9.68 69.20
CA ARG F 59 18.53 -8.54 69.93
C ARG F 59 19.68 -7.94 69.17
N GLY F 60 20.62 -8.80 68.77
CA GLY F 60 21.77 -8.32 68.03
C GLY F 60 21.33 -7.61 66.78
N VAL F 61 20.37 -8.21 66.08
CA VAL F 61 19.88 -7.65 64.84
C VAL F 61 19.33 -6.27 65.09
N LEU F 62 18.49 -6.16 66.12
CA LEU F 62 17.87 -4.89 66.44
C LEU F 62 18.91 -3.84 66.68
N LYS F 63 19.92 -4.20 67.48
CA LYS F 63 20.94 -3.25 67.88
C LYS F 63 21.56 -2.62 66.65
N VAL F 64 21.85 -3.45 65.64
CA VAL F 64 22.53 -2.96 64.45
C VAL F 64 21.69 -1.88 63.80
N PHE F 65 20.42 -2.20 63.57
CA PHE F 65 19.53 -1.24 62.93
C PHE F 65 19.55 0.07 63.68
N LEU F 66 19.38 -0.01 65.00
CA LEU F 66 19.28 1.20 65.79
C LEU F 66 20.56 1.99 65.67
N GLU F 67 21.68 1.29 65.77
CA GLU F 67 22.98 1.95 65.76
C GLU F 67 23.07 2.79 64.51
N ASN F 68 22.74 2.19 63.37
CA ASN F 68 22.92 2.89 62.11
C ASN F 68 22.08 4.13 62.09
N VAL F 69 20.81 3.98 62.50
CA VAL F 69 19.89 5.09 62.47
C VAL F 69 20.43 6.23 63.32
N ILE F 70 20.81 5.90 64.55
CA ILE F 70 21.16 6.94 65.49
C ILE F 70 22.38 7.67 64.99
N ARG F 71 23.32 6.94 64.37
CA ARG F 71 24.53 7.57 63.89
C ARG F 71 24.15 8.68 62.93
N ASP F 72 23.32 8.34 61.96
CA ASP F 72 22.89 9.31 60.99
C ASP F 72 22.17 10.46 61.68
N ALA F 73 21.31 10.13 62.62
CA ALA F 73 20.54 11.16 63.30
C ALA F 73 21.48 12.09 64.01
N VAL F 74 22.42 11.53 64.76
CA VAL F 74 23.30 12.36 65.54
C VAL F 74 24.12 13.22 64.63
N THR F 75 24.46 12.68 63.48
CA THR F 75 25.28 13.44 62.57
C THR F 75 24.53 14.66 62.10
N TYR F 76 23.24 14.49 61.77
CA TYR F 76 22.44 15.66 61.43
C TYR F 76 22.39 16.61 62.61
N THR F 77 22.24 16.05 63.80
CA THR F 77 22.15 16.86 64.99
C THR F 77 23.42 17.62 65.19
N GLU F 78 24.54 17.01 64.82
CA GLU F 78 25.80 17.67 65.07
C GLU F 78 25.99 18.81 64.10
N HIS F 79 25.38 18.72 62.92
CA HIS F 79 25.62 19.77 61.93
C HIS F 79 24.97 21.07 62.35
N ALA F 80 23.83 20.99 63.04
CA ALA F 80 23.17 22.18 63.52
C ALA F 80 23.80 22.71 64.79
N LYS F 81 24.79 22.01 65.33
CA LYS F 81 25.49 22.44 66.53
C LYS F 81 24.51 22.57 67.69
N ARG F 82 23.59 21.64 67.74
CA ARG F 82 22.61 21.51 68.79
C ARG F 82 23.00 20.35 69.69
N LYS F 83 22.38 20.29 70.86
CA LYS F 83 22.58 19.23 71.83
C LYS F 83 21.31 18.43 72.11
N THR F 84 20.18 18.85 71.56
CA THR F 84 18.91 18.17 71.73
C THR F 84 18.57 17.48 70.41
N VAL F 85 18.21 16.21 70.50
CA VAL F 85 17.89 15.44 69.32
C VAL F 85 16.42 15.63 68.99
N THR F 86 16.14 15.98 67.74
CA THR F 86 14.79 16.23 67.27
C THR F 86 14.31 15.07 66.42
N ALA F 87 12.99 14.94 66.35
CA ALA F 87 12.38 13.88 65.56
C ALA F 87 12.78 13.95 64.11
N MET F 88 12.93 15.16 63.57
CA MET F 88 13.20 15.33 62.15
C MET F 88 14.52 14.67 61.76
N ASP F 89 15.50 14.74 62.66
CA ASP F 89 16.76 14.06 62.40
C ASP F 89 16.54 12.57 62.17
N VAL F 90 15.72 11.97 63.01
CA VAL F 90 15.42 10.55 62.87
C VAL F 90 14.72 10.29 61.56
N VAL F 91 13.76 11.14 61.24
CA VAL F 91 12.98 10.94 60.02
C VAL F 91 13.90 10.93 58.80
N TYR F 92 14.85 11.86 58.74
CA TYR F 92 15.73 11.88 57.60
C TYR F 92 16.64 10.66 57.60
N ALA F 93 17.15 10.28 58.76
CA ALA F 93 18.05 9.13 58.81
C ALA F 93 17.32 7.86 58.41
N LEU F 94 16.02 7.79 58.67
CA LEU F 94 15.25 6.65 58.23
C LEU F 94 15.02 6.74 56.74
N LYS F 95 14.83 7.95 56.23
CA LYS F 95 14.58 8.14 54.81
C LYS F 95 15.76 7.63 54.01
N ARG F 96 16.97 7.77 54.54
CA ARG F 96 18.13 7.39 53.76
C ARG F 96 18.35 5.89 53.70
N GLN F 97 17.76 5.11 54.61
CA GLN F 97 17.83 3.65 54.57
C GLN F 97 16.71 3.04 53.73
N GLY F 98 15.91 3.85 53.06
CA GLY F 98 14.82 3.32 52.28
C GLY F 98 13.67 2.79 53.10
N ARG F 99 13.47 3.35 54.29
CA ARG F 99 12.39 2.99 55.19
C ARG F 99 11.63 4.22 55.61
N THR F 100 11.23 5.02 54.62
CA THR F 100 10.60 6.31 54.84
C THR F 100 9.47 6.21 55.83
N LEU F 101 9.36 7.22 56.68
CA LEU F 101 8.40 7.24 57.76
C LEU F 101 7.49 8.44 57.63
N TYR F 102 6.21 8.21 57.79
CA TYR F 102 5.19 9.22 57.81
C TYR F 102 4.60 9.30 59.21
N GLY F 103 4.20 10.49 59.61
CA GLY F 103 3.37 10.66 60.78
C GLY F 103 4.02 11.35 61.95
N PHE F 104 5.21 11.91 61.79
CA PHE F 104 5.89 12.60 62.87
C PHE F 104 6.43 13.95 62.44
N GLY F 105 5.85 14.53 61.40
CA GLY F 105 6.23 15.85 60.95
C GLY F 105 7.18 15.78 59.79
N GLY F 106 6.95 16.62 58.79
CA GLY F 106 7.72 16.59 57.57
C GLY F 106 7.57 15.28 56.83
N LYS G 13 50.70 47.12 38.35
CA LYS G 13 50.21 45.76 38.15
C LYS G 13 51.34 44.82 37.77
N ALA G 14 51.22 43.57 38.20
CA ALA G 14 52.23 42.54 37.95
C ALA G 14 51.68 41.31 37.26
N ARG G 15 50.44 40.90 37.58
CA ARG G 15 49.81 39.74 36.98
C ARG G 15 50.67 38.49 37.20
N ALA G 16 50.73 38.09 38.46
CA ALA G 16 51.47 36.90 38.85
C ALA G 16 51.04 35.71 38.01
N LYS G 17 52.01 34.85 37.70
CA LYS G 17 51.75 33.84 36.69
C LYS G 17 50.75 32.81 37.21
N ALA G 18 50.19 32.07 36.25
CA ALA G 18 48.94 31.36 36.47
C ALA G 18 49.21 29.98 37.06
N LYS G 19 49.63 29.99 38.32
CA LYS G 19 49.49 28.82 39.16
C LYS G 19 48.01 28.44 39.27
N THR G 20 47.75 27.16 39.54
CA THR G 20 46.40 26.64 39.66
C THR G 20 46.13 26.08 41.05
N ARG G 21 44.85 26.05 41.40
CA ARG G 21 44.46 25.65 42.75
C ARG G 21 44.71 24.17 43.01
N SER G 22 44.64 23.33 41.98
CA SER G 22 44.89 21.91 42.16
C SER G 22 46.30 21.68 42.65
N SER G 23 47.27 22.37 42.05
CA SER G 23 48.65 22.29 42.51
C SER G 23 48.77 22.77 43.95
N ARG G 24 47.96 23.76 44.33
CA ARG G 24 48.02 24.27 45.69
C ARG G 24 47.52 23.24 46.67
N ALA G 25 46.47 22.53 46.28
CA ALA G 25 45.94 21.48 47.12
C ALA G 25 46.77 20.22 47.11
N GLY G 26 47.80 20.18 46.27
CA GLY G 26 48.57 18.96 46.18
C GLY G 26 47.78 17.86 45.50
N LEU G 27 46.85 18.22 44.64
CA LEU G 27 45.98 17.28 43.97
C LEU G 27 46.17 17.30 42.47
N GLN G 28 45.68 16.23 41.87
CA GLN G 28 45.61 16.11 40.43
C GLN G 28 44.25 16.49 39.87
N PHE G 29 43.20 16.30 40.65
CA PHE G 29 41.86 16.52 40.13
C PHE G 29 41.56 18.01 39.96
N PRO G 30 40.69 18.34 39.03
CA PRO G 30 40.43 19.74 38.71
C PRO G 30 39.40 20.36 39.66
N VAL G 31 39.85 21.31 40.45
CA VAL G 31 38.97 21.98 41.40
C VAL G 31 37.91 22.77 40.66
N GLY G 32 38.35 23.51 39.64
CA GLY G 32 37.44 24.44 38.98
C GLY G 32 36.30 23.72 38.28
N ARG G 33 36.59 22.55 37.74
CA ARG G 33 35.55 21.80 37.05
C ARG G 33 34.46 21.37 38.02
N VAL G 34 34.86 20.94 39.21
CA VAL G 34 33.88 20.56 40.22
C VAL G 34 33.07 21.77 40.66
N HIS G 35 33.73 22.90 40.85
CA HIS G 35 33.01 24.12 41.19
C HIS G 35 31.96 24.43 40.14
N ARG G 36 32.33 24.26 38.88
CA ARG G 36 31.39 24.53 37.80
C ARG G 36 30.23 23.58 37.85
N LEU G 37 30.51 22.31 38.11
CA LEU G 37 29.44 21.33 38.12
C LEU G 37 28.51 21.55 39.29
N LEU G 38 28.99 22.16 40.37
CA LEU G 38 28.09 22.44 41.48
C LEU G 38 27.24 23.65 41.20
N ARG G 39 27.82 24.68 40.61
CA ARG G 39 27.02 25.84 40.24
C ARG G 39 25.93 25.45 39.25
N LYS G 40 26.27 24.62 38.28
CA LYS G 40 25.33 24.22 37.22
C LYS G 40 24.78 22.87 37.58
N GLY G 41 23.53 22.86 37.98
CA GLY G 41 22.90 21.65 38.43
C GLY G 41 21.89 21.88 39.53
N ASN G 42 21.83 23.10 40.04
CA ASN G 42 20.84 23.50 41.01
C ASN G 42 20.87 22.60 42.23
N TYR G 43 22.03 22.53 42.88
CA TYR G 43 22.15 21.89 44.17
C TYR G 43 21.97 22.89 45.29
N SER G 44 22.42 24.10 45.07
CA SER G 44 22.25 25.13 46.07
C SER G 44 22.52 26.49 45.47
N GLU G 45 22.01 27.49 46.17
CA GLU G 45 22.17 28.86 45.73
C GLU G 45 23.63 29.30 45.76
N ARG G 46 24.32 29.02 46.85
CA ARG G 46 25.68 29.49 47.09
C ARG G 46 26.63 28.31 47.18
N VAL G 47 27.91 28.55 46.88
CA VAL G 47 28.92 27.53 47.08
C VAL G 47 30.13 28.14 47.76
N GLY G 48 30.66 27.41 48.74
CA GLY G 48 31.80 27.88 49.49
C GLY G 48 33.11 27.47 48.85
N ALA G 49 34.13 28.26 49.12
CA ALA G 49 35.40 28.12 48.42
C ALA G 49 36.05 26.79 48.74
N GLY G 50 35.90 26.31 49.96
CA GLY G 50 36.63 25.15 50.40
C GLY G 50 36.06 23.84 49.95
N ALA G 51 34.77 23.82 49.62
CA ALA G 51 34.10 22.58 49.27
C ALA G 51 34.76 21.80 48.15
N PRO G 52 35.02 22.39 46.99
CA PRO G 52 35.47 21.58 45.87
C PRO G 52 36.83 20.96 46.08
N VAL G 53 37.70 21.58 46.88
CA VAL G 53 39.00 20.97 47.13
C VAL G 53 38.81 19.67 47.89
N TYR G 54 38.04 19.76 48.96
CA TYR G 54 37.70 18.60 49.78
C TYR G 54 37.12 17.52 48.89
N LEU G 55 36.23 17.92 48.01
CA LEU G 55 35.50 16.97 47.20
C LEU G 55 36.42 16.29 46.21
N ALA G 56 37.31 17.07 45.61
CA ALA G 56 38.24 16.52 44.63
C ALA G 56 39.21 15.56 45.31
N ALA G 57 39.65 15.91 46.51
CA ALA G 57 40.56 15.02 47.22
C ALA G 57 39.89 13.70 47.52
N VAL G 58 38.61 13.76 47.87
CA VAL G 58 37.87 12.55 48.16
C VAL G 58 37.85 11.65 46.96
N LEU G 59 37.50 12.23 45.82
CA LEU G 59 37.40 11.44 44.61
C LEU G 59 38.75 10.84 44.25
N GLU G 60 39.84 11.58 44.47
CA GLU G 60 41.15 11.08 44.10
C GLU G 60 41.53 9.90 44.97
N TYR G 61 41.28 9.99 46.26
CA TYR G 61 41.63 8.91 47.17
C TYR G 61 40.89 7.63 46.81
N LEU G 62 39.60 7.75 46.57
CA LEU G 62 38.84 6.56 46.21
C LEU G 62 39.33 5.95 44.91
N THR G 63 39.62 6.80 43.93
CA THR G 63 40.10 6.30 42.66
C THR G 63 41.41 5.55 42.84
N ALA G 64 42.29 6.07 43.69
CA ALA G 64 43.58 5.41 43.91
C ALA G 64 43.38 4.06 44.55
N GLU G 65 42.45 3.97 45.50
CA GLU G 65 42.22 2.70 46.19
C GLU G 65 41.76 1.64 45.20
N ILE G 66 40.82 2.01 44.34
CA ILE G 66 40.27 1.07 43.38
C ILE G 66 41.37 0.58 42.45
N LEU G 67 42.12 1.52 41.89
CA LEU G 67 43.12 1.13 40.93
C LEU G 67 44.21 0.27 41.56
N GLU G 68 44.51 0.52 42.84
CA GLU G 68 45.47 -0.31 43.54
C GLU G 68 45.02 -1.76 43.54
N LEU G 69 43.79 -1.98 43.98
CA LEU G 69 43.29 -3.34 44.02
C LEU G 69 43.27 -3.97 42.64
N ALA G 70 42.91 -3.17 41.63
CA ALA G 70 42.81 -3.71 40.29
C ALA G 70 44.18 -4.11 39.79
N GLY G 71 45.19 -3.34 40.13
CA GLY G 71 46.52 -3.67 39.68
C GLY G 71 47.01 -4.95 40.32
N ASN G 72 46.66 -5.17 41.58
CA ASN G 72 47.04 -6.44 42.21
C ASN G 72 46.38 -7.61 41.48
N ALA G 73 45.08 -7.50 41.22
CA ALA G 73 44.40 -8.58 40.53
C ALA G 73 44.98 -8.78 39.13
N ALA G 74 45.44 -7.70 38.53
CA ALA G 74 46.04 -7.80 37.21
C ALA G 74 47.32 -8.60 37.25
N ARG G 75 48.13 -8.35 38.27
CA ARG G 75 49.37 -9.11 38.40
C ARG G 75 49.08 -10.58 38.64
N ASP G 76 47.93 -10.88 39.26
CA ASP G 76 47.62 -12.29 39.50
C ASP G 76 47.43 -13.05 38.19
N ASN G 77 46.86 -12.41 37.18
CA ASN G 77 46.63 -13.06 35.89
C ASN G 77 47.74 -12.79 34.88
N LYS G 78 48.86 -12.21 35.32
CA LYS G 78 50.02 -11.98 34.46
C LYS G 78 49.68 -11.09 33.28
N LYS G 79 48.77 -10.15 33.49
CA LYS G 79 48.43 -9.16 32.48
C LYS G 79 48.86 -7.79 32.96
N THR G 80 49.45 -7.02 32.05
CA THR G 80 49.99 -5.73 32.39
C THR G 80 49.01 -4.60 32.17
N ARG G 81 47.84 -4.89 31.64
CA ARG G 81 46.85 -3.89 31.31
C ARG G 81 45.55 -4.25 32.03
N ILE G 82 44.97 -3.26 32.70
CA ILE G 82 43.77 -3.49 33.48
C ILE G 82 42.58 -3.62 32.57
N ILE G 83 41.79 -4.67 32.76
CA ILE G 83 40.54 -4.88 32.03
C ILE G 83 39.39 -5.02 33.03
N PRO G 84 38.14 -4.92 32.58
CA PRO G 84 37.01 -4.84 33.51
C PRO G 84 36.91 -5.95 34.50
N ARG G 85 37.23 -7.17 34.07
CA ARG G 85 37.21 -8.33 34.96
C ARG G 85 37.99 -8.04 36.22
N HIS G 86 39.12 -7.38 36.07
CA HIS G 86 39.95 -7.07 37.22
C HIS G 86 39.23 -6.10 38.13
N LEU G 87 38.47 -5.17 37.56
CA LEU G 87 37.77 -4.20 38.39
C LEU G 87 36.66 -4.87 39.17
N GLN G 88 35.96 -5.79 38.53
CA GLN G 88 34.91 -6.51 39.21
C GLN G 88 35.49 -7.32 40.36
N LEU G 89 36.61 -7.98 40.11
CA LEU G 89 37.26 -8.73 41.17
C LEU G 89 37.69 -7.83 42.30
N ALA G 90 38.14 -6.64 41.96
CA ALA G 90 38.60 -5.72 43.00
C ALA G 90 37.44 -5.26 43.85
N ILE G 91 36.33 -4.92 43.23
CA ILE G 91 35.20 -4.41 43.99
C ILE G 91 34.62 -5.50 44.87
N ARG G 92 34.33 -6.67 44.29
CA ARG G 92 33.61 -7.66 45.06
C ARG G 92 34.44 -8.27 46.18
N ASN G 93 35.76 -8.20 46.12
CA ASN G 93 36.60 -8.80 47.15
C ASN G 93 36.90 -7.85 48.31
N ASP G 94 36.49 -6.59 48.22
CA ASP G 94 36.65 -5.64 49.31
C ASP G 94 35.25 -5.33 49.85
N GLU G 95 35.08 -5.49 51.16
CA GLU G 95 33.76 -5.43 51.76
C GLU G 95 33.14 -4.05 51.60
N GLU G 96 33.92 -3.02 51.86
CA GLU G 96 33.37 -1.68 51.95
C GLU G 96 32.89 -1.18 50.60
N LEU G 97 33.70 -1.35 49.58
CA LEU G 97 33.28 -0.97 48.25
C LEU G 97 32.04 -1.77 47.83
N ASN G 98 31.97 -3.04 48.23
CA ASN G 98 30.81 -3.84 47.87
C ASN G 98 29.57 -3.27 48.51
N LYS G 99 29.70 -2.72 49.71
CA LYS G 99 28.56 -2.07 50.33
C LYS G 99 28.21 -0.80 49.58
N LEU G 100 29.23 -0.06 49.15
CA LEU G 100 28.96 1.21 48.50
C LEU G 100 28.35 1.00 47.13
N LEU G 101 28.76 -0.08 46.46
CA LEU G 101 28.31 -0.40 45.12
C LEU G 101 27.54 -1.70 45.10
N GLY G 102 26.69 -1.89 46.10
CA GLY G 102 25.95 -3.13 46.22
C GLY G 102 24.92 -3.33 45.14
N ARG G 103 24.40 -2.25 44.57
CA ARG G 103 23.38 -2.31 43.56
C ARG G 103 23.89 -1.77 42.23
N VAL G 104 25.12 -2.11 41.88
CA VAL G 104 25.72 -1.69 40.62
C VAL G 104 26.22 -2.91 39.87
N THR G 105 26.04 -2.88 38.57
CA THR G 105 26.51 -3.91 37.66
C THR G 105 27.68 -3.35 36.87
N ILE G 106 28.77 -4.11 36.87
CA ILE G 106 29.93 -3.79 36.06
C ILE G 106 29.77 -4.53 34.75
N ALA G 107 29.77 -3.80 33.65
CA ALA G 107 29.67 -4.45 32.36
C ALA G 107 30.90 -5.27 32.09
N GLN G 108 30.69 -6.44 31.50
CA GLN G 108 31.75 -7.39 31.21
C GLN G 108 32.53 -7.77 32.47
N GLY G 109 31.87 -7.74 33.62
CA GLY G 109 32.52 -7.99 34.89
C GLY G 109 32.38 -9.42 35.34
N GLY G 110 31.24 -10.02 35.08
CA GLY G 110 31.04 -11.37 35.52
C GLY G 110 30.85 -11.40 37.02
N VAL G 111 31.23 -12.52 37.61
CA VAL G 111 31.05 -12.76 39.02
C VAL G 111 32.23 -13.54 39.55
N LEU G 112 32.20 -13.77 40.85
CA LEU G 112 33.25 -14.51 41.50
C LEU G 112 33.05 -16.01 41.31
N PRO G 113 34.11 -16.81 41.41
CA PRO G 113 33.93 -18.26 41.24
C PRO G 113 33.28 -18.99 42.42
N ASN G 114 32.72 -18.28 43.39
CA ASN G 114 32.18 -18.92 44.58
C ASN G 114 31.15 -19.99 44.27
N ILE G 115 31.47 -21.22 44.62
CA ILE G 115 30.53 -22.33 44.55
C ILE G 115 30.35 -22.85 45.96
N GLN G 116 29.11 -23.15 46.32
CA GLN G 116 28.84 -23.59 47.67
C GLN G 116 29.42 -24.98 47.87
N ALA G 117 29.89 -25.27 49.08
CA ALA G 117 30.62 -26.51 49.32
C ALA G 117 29.73 -27.74 49.13
N VAL G 118 28.43 -27.61 49.43
CA VAL G 118 27.55 -28.77 49.42
C VAL G 118 27.43 -29.39 48.04
N LEU G 119 27.38 -28.57 47.00
CA LEU G 119 27.13 -29.11 45.67
C LEU G 119 28.37 -29.66 45.00
N LEU G 120 29.49 -29.60 45.65
CA LEU G 120 30.75 -30.17 45.21
C LEU G 120 30.78 -31.65 45.62
N PRO G 121 31.46 -32.51 44.87
CA PRO G 121 31.41 -33.94 45.17
C PRO G 121 31.99 -34.28 46.52
N LYS G 122 31.77 -35.54 46.88
CA LYS G 122 32.17 -36.04 48.19
C LYS G 122 33.69 -36.12 48.28
N LYS G 123 34.25 -35.49 49.31
CA LYS G 123 35.70 -35.56 49.52
C LYS G 123 36.13 -36.95 49.98
N THR G 124 35.20 -37.76 50.46
CA THR G 124 35.45 -39.19 50.70
C THR G 124 35.26 -39.98 49.40
N GLU G 125 36.07 -39.62 48.41
CA GLU G 125 36.20 -40.35 47.14
C GLU G 125 37.68 -40.70 47.05
N SER G 126 38.02 -41.88 47.54
CA SER G 126 39.39 -42.27 47.82
C SER G 126 39.51 -43.77 47.58
N HIS G 127 40.54 -44.39 48.15
CA HIS G 127 40.73 -45.84 48.03
C HIS G 127 39.50 -46.57 48.52
N HIS G 128 38.79 -47.21 47.59
CA HIS G 128 37.55 -47.91 47.89
C HIS G 128 37.55 -49.22 47.11
N LYS G 129 37.52 -50.33 47.83
CA LYS G 129 37.58 -51.67 47.23
C LYS G 129 36.43 -52.53 47.74
N ARG H 33 32.90 21.40 8.75
CA ARG H 33 33.78 20.89 9.79
C ARG H 33 33.29 21.26 11.18
N LYS H 34 32.00 21.01 11.47
CA LYS H 34 31.53 21.21 12.83
C LYS H 34 32.24 20.18 13.71
N ARG H 35 32.97 20.68 14.71
CA ARG H 35 33.88 19.86 15.50
C ARG H 35 33.50 19.98 16.96
N SER H 36 33.08 18.86 17.56
CA SER H 36 32.46 18.85 18.87
C SER H 36 33.52 18.92 19.96
N ARG H 37 33.06 18.84 21.21
CA ARG H 37 33.95 18.82 22.35
C ARG H 37 33.23 18.12 23.50
N LYS H 38 33.51 16.82 23.67
CA LYS H 38 32.91 16.02 24.73
C LYS H 38 33.93 15.87 25.85
N GLU H 39 33.58 16.36 27.03
CA GLU H 39 34.51 16.37 28.14
C GLU H 39 34.45 15.07 28.93
N SER H 40 35.52 14.80 29.66
CA SER H 40 35.59 13.63 30.50
C SER H 40 36.67 13.83 31.55
N TYR H 41 36.79 12.82 32.40
CA TYR H 41 37.77 12.78 33.47
C TYR H 41 38.92 11.81 33.18
N SER H 42 39.07 11.35 31.94
CA SER H 42 39.99 10.25 31.61
C SER H 42 41.42 10.51 32.07
N ILE H 43 41.99 11.62 31.61
CA ILE H 43 43.40 11.90 31.75
C ILE H 43 43.84 11.90 33.21
N TYR H 44 42.98 12.35 34.11
CA TYR H 44 43.36 12.42 35.51
C TYR H 44 43.52 11.03 36.09
N VAL H 45 42.58 10.16 35.75
CA VAL H 45 42.66 8.78 36.16
C VAL H 45 43.93 8.15 35.65
N TYR H 46 44.26 8.40 34.38
CA TYR H 46 45.48 7.84 33.83
C TYR H 46 46.71 8.33 34.60
N LYS H 47 46.72 9.60 34.98
CA LYS H 47 47.84 10.11 35.76
C LYS H 47 47.96 9.38 37.07
N VAL H 48 46.84 9.19 37.75
CA VAL H 48 46.90 8.55 39.06
C VAL H 48 47.38 7.12 38.91
N LEU H 49 46.95 6.45 37.86
CA LEU H 49 47.37 5.08 37.66
C LEU H 49 48.87 5.01 37.42
N LYS H 50 49.41 5.94 36.65
CA LYS H 50 50.85 5.91 36.42
C LYS H 50 51.62 6.29 37.67
N GLN H 51 50.97 6.99 38.60
CA GLN H 51 51.62 7.32 39.85
C GLN H 51 51.68 6.11 40.77
N VAL H 52 50.63 5.31 40.80
CA VAL H 52 50.53 4.26 41.81
C VAL H 52 51.14 2.94 41.33
N HIS H 53 51.08 2.66 40.03
CA HIS H 53 51.63 1.43 39.46
C HIS H 53 52.24 1.78 38.11
N PRO H 54 53.50 2.23 38.09
CA PRO H 54 54.03 2.88 36.88
C PRO H 54 54.04 2.02 35.64
N ASP H 55 54.24 0.72 35.78
CA ASP H 55 54.34 -0.17 34.63
C ASP H 55 53.02 -0.89 34.41
N THR H 56 52.03 -0.12 34.00
CA THR H 56 50.71 -0.67 33.78
C THR H 56 49.87 0.33 33.03
N GLY H 57 49.08 -0.18 32.10
CA GLY H 57 48.14 0.61 31.34
C GLY H 57 46.72 0.19 31.62
N ILE H 58 45.81 0.79 30.88
CA ILE H 58 44.39 0.55 31.11
C ILE H 58 43.63 0.88 29.84
N SER H 59 42.68 0.01 29.51
CA SER H 59 41.94 0.14 28.28
C SER H 59 40.98 1.31 28.35
N SER H 60 40.35 1.59 27.22
CA SER H 60 39.43 2.72 27.15
C SER H 60 38.13 2.41 27.87
N LYS H 61 37.63 1.18 27.72
CA LYS H 61 36.38 0.81 28.35
C LYS H 61 36.43 0.93 29.86
N ALA H 62 37.53 0.47 30.45
CA ALA H 62 37.64 0.58 31.90
C ALA H 62 37.69 2.02 32.33
N MET H 63 38.31 2.86 31.51
CA MET H 63 38.35 4.27 31.84
C MET H 63 36.96 4.86 31.79
N GLY H 64 36.16 4.42 30.82
CA GLY H 64 34.78 4.86 30.76
C GLY H 64 34.02 4.46 32.01
N ILE H 65 34.28 3.24 32.48
CA ILE H 65 33.65 2.78 33.71
C ILE H 65 34.00 3.70 34.86
N MET H 66 35.29 3.97 35.03
CA MET H 66 35.71 4.84 36.12
C MET H 66 35.10 6.22 35.98
N ASN H 67 34.90 6.67 34.74
CA ASN H 67 34.31 7.98 34.53
C ASN H 67 32.87 7.99 35.03
N SER H 68 32.11 6.96 34.67
CA SER H 68 30.74 6.86 35.14
C SER H 68 30.70 6.76 36.66
N PHE H 69 31.68 6.07 37.24
CA PHE H 69 31.73 5.89 38.69
C PHE H 69 31.87 7.23 39.37
N VAL H 70 32.80 8.04 38.88
CA VAL H 70 33.03 9.34 39.47
C VAL H 70 31.79 10.20 39.34
N ASN H 71 31.13 10.14 38.19
CA ASN H 71 29.93 10.92 38.01
C ASN H 71 28.86 10.54 39.04
N ASP H 72 28.68 9.23 39.25
CA ASP H 72 27.70 8.75 40.22
C ASP H 72 27.99 9.29 41.61
N ILE H 73 29.23 9.16 42.06
CA ILE H 73 29.55 9.60 43.41
C ILE H 73 29.34 11.09 43.55
N PHE H 74 29.67 11.86 42.51
CA PHE H 74 29.50 13.29 42.59
C PHE H 74 28.05 13.65 42.77
N GLU H 75 27.18 12.97 42.02
CA GLU H 75 25.75 13.26 42.11
C GLU H 75 25.21 12.93 43.49
N ARG H 76 25.58 11.77 44.04
CA ARG H 76 25.10 11.40 45.38
C ARG H 76 25.46 12.45 46.40
N ILE H 77 26.73 12.83 46.43
CA ILE H 77 27.18 13.76 47.47
C ILE H 77 26.49 15.09 47.32
N ALA H 78 26.39 15.60 46.10
CA ALA H 78 25.80 16.91 45.93
C ALA H 78 24.34 16.91 46.35
N GLY H 79 23.59 15.87 45.97
CA GLY H 79 22.20 15.79 46.39
C GLY H 79 22.05 15.76 47.90
N GLU H 80 22.89 14.97 48.57
CA GLU H 80 22.79 14.87 50.02
C GLU H 80 23.09 16.20 50.66
N ALA H 81 24.14 16.85 50.19
CA ALA H 81 24.53 18.14 50.75
C ALA H 81 23.43 19.16 50.58
N SER H 82 22.76 19.12 49.44
CA SER H 82 21.65 20.03 49.21
C SER H 82 20.57 19.85 50.25
N ARG H 83 20.16 18.60 50.48
CA ARG H 83 19.10 18.37 51.47
C ARG H 83 19.53 18.83 52.86
N LEU H 84 20.80 18.63 53.19
CA LEU H 84 21.28 19.08 54.49
C LEU H 84 21.16 20.58 54.60
N ALA H 85 21.45 21.28 53.52
CA ALA H 85 21.36 22.73 53.57
C ALA H 85 19.93 23.16 53.78
N HIS H 86 19.01 22.56 53.05
CA HIS H 86 17.62 23.00 53.13
C HIS H 86 17.03 22.76 54.51
N TYR H 87 17.42 21.67 55.19
CA TYR H 87 16.75 21.37 56.45
C TYR H 87 17.10 22.38 57.53
N ASN H 88 18.26 23.01 57.45
CA ASN H 88 18.73 23.91 58.49
C ASN H 88 18.65 25.38 58.07
N LYS H 89 17.90 25.69 57.02
CA LYS H 89 17.65 27.07 56.60
C LYS H 89 18.96 27.82 56.33
N ARG H 90 19.94 27.10 55.82
CA ARG H 90 21.21 27.67 55.41
C ARG H 90 21.25 27.76 53.90
N SER H 91 21.76 28.85 53.38
CA SER H 91 21.83 29.06 51.95
C SER H 91 23.20 28.79 51.39
N THR H 92 24.19 28.54 52.24
CA THR H 92 25.53 28.20 51.80
C THR H 92 25.81 26.74 52.08
N ILE H 93 26.32 26.07 51.08
CA ILE H 93 26.88 24.75 51.21
C ILE H 93 28.38 24.93 51.48
N THR H 94 28.88 24.33 52.55
CA THR H 94 30.26 24.49 52.96
C THR H 94 30.96 23.15 53.03
N SER H 95 32.25 23.20 53.34
CA SER H 95 33.03 22.02 53.54
C SER H 95 32.44 21.17 54.64
N ARG H 96 31.88 21.80 55.65
CA ARG H 96 31.26 21.06 56.74
C ARG H 96 30.14 20.16 56.24
N GLU H 97 29.34 20.67 55.31
CA GLU H 97 28.23 19.87 54.83
C GLU H 97 28.74 18.67 54.04
N ILE H 98 29.79 18.89 53.27
CA ILE H 98 30.40 17.81 52.53
C ILE H 98 30.88 16.74 53.48
N GLN H 99 31.51 17.19 54.57
CA GLN H 99 32.05 16.27 55.55
C GLN H 99 30.94 15.44 56.16
N THR H 100 29.81 16.10 56.42
CA THR H 100 28.69 15.40 57.02
C THR H 100 28.15 14.37 56.06
N ALA H 101 28.07 14.73 54.79
CA ALA H 101 27.54 13.81 53.80
C ALA H 101 28.43 12.60 53.70
N VAL H 102 29.73 12.81 53.75
CA VAL H 102 30.65 11.70 53.63
C VAL H 102 30.52 10.80 54.82
N ARG H 103 30.36 11.38 56.00
CA ARG H 103 30.20 10.55 57.18
C ARG H 103 28.92 9.74 57.11
N LEU H 104 27.92 10.25 56.40
CA LEU H 104 26.68 9.49 56.27
C LEU H 104 26.83 8.35 55.29
N LEU H 105 27.35 8.62 54.10
CA LEU H 105 27.33 7.64 53.03
C LEU H 105 28.32 6.51 53.26
N LEU H 106 29.40 6.79 53.57
CA LEU H 106 30.49 5.85 53.57
C LEU H 106 30.62 5.16 54.92
N PRO H 107 31.15 3.95 54.96
CA PRO H 107 31.38 3.27 56.24
C PRO H 107 32.78 3.45 56.80
N GLY H 108 32.82 3.57 58.12
CA GLY H 108 34.02 3.51 58.93
C GLY H 108 35.31 4.11 58.43
N GLU H 109 36.32 3.25 58.39
CA GLU H 109 37.69 3.68 58.19
C GLU H 109 37.86 4.37 56.86
N LEU H 110 37.03 4.00 55.88
CA LEU H 110 37.08 4.69 54.60
C LEU H 110 36.69 6.14 54.78
N ALA H 111 35.68 6.38 55.60
CA ALA H 111 35.25 7.74 55.88
C ALA H 111 36.35 8.50 56.58
N LYS H 112 36.98 7.86 57.56
CA LYS H 112 38.02 8.53 58.31
C LYS H 112 39.19 8.92 57.42
N HIS H 113 39.59 8.03 56.51
CA HIS H 113 40.72 8.35 55.65
C HIS H 113 40.35 9.46 54.68
N ALA H 114 39.14 9.40 54.14
CA ALA H 114 38.71 10.43 53.22
C ALA H 114 38.68 11.78 53.90
N VAL H 115 38.13 11.81 55.11
CA VAL H 115 38.05 13.03 55.88
C VAL H 115 39.44 13.58 56.15
N SER H 116 40.37 12.70 56.49
CA SER H 116 41.72 13.16 56.78
C SER H 116 42.34 13.79 55.55
N GLU H 117 42.12 13.18 54.38
CA GLU H 117 42.69 13.74 53.17
C GLU H 117 42.09 15.09 52.87
N GLY H 118 40.79 15.20 53.07
CA GLY H 118 40.14 16.47 52.80
C GLY H 118 40.61 17.56 53.72
N THR H 119 40.80 17.23 55.00
CA THR H 119 41.22 18.24 55.96
C THR H 119 42.63 18.69 55.66
N LYS H 120 43.50 17.74 55.33
CA LYS H 120 44.85 18.12 54.96
C LYS H 120 44.83 19.00 53.72
N ALA H 121 43.95 18.69 52.79
CA ALA H 121 43.94 19.43 51.54
C ALA H 121 43.46 20.85 51.77
N VAL H 122 42.40 21.02 52.55
CA VAL H 122 41.87 22.35 52.77
C VAL H 122 42.84 23.16 53.61
N THR H 123 43.54 22.49 54.52
CA THR H 123 44.52 23.20 55.33
C THR H 123 45.65 23.71 54.47
N LYS H 124 46.08 22.92 53.50
CA LYS H 124 47.14 23.39 52.62
C LYS H 124 46.63 24.52 51.75
N TYR H 125 45.38 24.44 51.31
CA TYR H 125 44.84 25.48 50.44
C TYR H 125 44.74 26.80 51.17
N THR H 126 44.33 26.76 52.43
CA THR H 126 44.06 27.99 53.16
C THR H 126 45.32 28.79 53.41
N SER H 127 46.47 28.12 53.48
CA SER H 127 47.70 28.81 53.85
C SER H 127 48.43 29.35 52.62
N ALA H 128 48.68 28.49 51.65
CA ALA H 128 49.71 28.73 50.64
C ALA H 128 49.13 29.30 49.35
N LYS H 129 48.13 30.19 49.47
CA LYS H 129 47.54 30.88 48.32
C LYS H 129 48.57 31.45 47.34
N MET K 24 7.73 -4.62 -52.13
CA MET K 24 7.49 -5.71 -53.11
C MET K 24 6.00 -5.99 -53.22
N SER K 25 5.30 -5.82 -52.11
CA SER K 25 3.84 -5.85 -52.09
C SER K 25 3.35 -4.43 -52.31
N TYR K 26 2.62 -4.23 -53.40
CA TYR K 26 1.99 -2.96 -53.72
C TYR K 26 0.54 -3.23 -54.05
N ASN K 27 -0.36 -2.51 -53.38
CA ASN K 27 -1.77 -2.86 -53.39
C ASN K 27 -2.63 -1.71 -53.86
N TYR K 28 -3.80 -2.09 -54.38
CA TYR K 28 -4.82 -1.19 -54.86
C TYR K 28 -6.14 -1.62 -54.24
N VAL K 29 -6.83 -0.68 -53.61
CA VAL K 29 -8.06 -0.93 -52.88
C VAL K 29 -9.16 -0.09 -53.49
N VAL K 30 -10.34 -0.69 -53.69
CA VAL K 30 -11.43 0.01 -54.35
C VAL K 30 -12.78 -0.41 -53.80
N THR K 31 -13.70 0.55 -53.79
CA THR K 31 -15.09 0.32 -53.38
C THR K 31 -15.88 -0.32 -54.52
N ALA K 32 -16.57 -1.41 -54.23
CA ALA K 32 -17.53 -2.00 -55.16
C ALA K 32 -18.95 -1.53 -54.88
N GLN K 33 -19.33 -1.45 -53.62
CA GLN K 33 -20.58 -0.84 -53.18
C GLN K 33 -20.25 -0.01 -51.95
N LYS K 34 -20.61 1.27 -51.96
CA LYS K 34 -20.34 2.10 -50.81
C LYS K 34 -21.12 1.60 -49.61
N PRO K 35 -20.68 1.93 -48.40
CA PRO K 35 -21.44 1.54 -47.21
C PRO K 35 -22.82 2.17 -47.22
N THR K 36 -23.80 1.41 -46.72
CA THR K 36 -25.20 1.81 -46.74
C THR K 36 -25.75 2.10 -45.36
N ALA K 37 -25.10 1.62 -44.31
CA ALA K 37 -25.57 1.87 -42.96
C ALA K 37 -25.49 3.36 -42.65
N VAL K 38 -26.47 3.83 -41.91
CA VAL K 38 -26.53 5.23 -41.50
C VAL K 38 -25.95 5.34 -40.10
N ASN K 39 -24.93 6.18 -39.97
CA ASN K 39 -24.35 6.47 -38.68
C ASN K 39 -24.99 7.68 -38.03
N GLY K 40 -25.56 8.57 -38.82
CA GLY K 40 -26.21 9.73 -38.23
C GLY K 40 -27.23 10.38 -39.13
N CYS K 41 -28.17 11.11 -38.54
CA CYS K 41 -29.15 11.85 -39.33
C CYS K 41 -29.63 13.04 -38.54
N VAL K 42 -29.79 14.17 -39.23
CA VAL K 42 -30.30 15.38 -38.61
C VAL K 42 -31.20 16.09 -39.61
N THR K 43 -32.14 16.86 -39.05
CA THR K 43 -33.06 17.68 -39.83
C THR K 43 -32.85 19.15 -39.53
N GLY K 44 -33.13 19.99 -40.52
CA GLY K 44 -33.03 21.43 -40.31
C GLY K 44 -33.42 22.18 -41.57
N HIS K 45 -32.90 23.40 -41.67
CA HIS K 45 -33.05 24.22 -42.87
C HIS K 45 -31.63 24.63 -43.25
N PHE K 46 -30.93 23.74 -43.96
CA PHE K 46 -29.52 23.91 -44.25
C PHE K 46 -29.26 24.40 -45.66
N THR K 47 -29.98 23.86 -46.65
CA THR K 47 -29.77 24.27 -48.02
C THR K 47 -30.50 25.58 -48.35
N SER K 48 -31.56 25.89 -47.60
CA SER K 48 -32.25 27.17 -47.73
C SER K 48 -33.20 27.33 -46.55
N ALA K 49 -33.61 28.56 -46.30
CA ALA K 49 -34.45 28.85 -45.15
C ALA K 49 -35.82 28.18 -45.27
N GLU K 50 -36.32 28.01 -46.49
CA GLU K 50 -37.67 27.47 -46.70
C GLU K 50 -37.69 25.94 -46.73
N ASP K 51 -36.59 25.30 -47.10
CA ASP K 51 -36.57 23.85 -47.19
C ASP K 51 -36.37 23.23 -45.82
N LEU K 52 -37.01 22.08 -45.62
CA LEU K 52 -36.66 21.17 -44.54
C LEU K 52 -35.75 20.10 -45.13
N ASN K 53 -34.48 20.15 -44.75
CA ASN K 53 -33.47 19.22 -45.22
C ASN K 53 -33.24 18.13 -44.19
N LEU K 54 -32.90 16.94 -44.70
CA LEU K 54 -32.36 15.84 -43.90
C LEU K 54 -30.95 15.55 -44.40
N LEU K 55 -30.00 15.56 -43.48
CA LEU K 55 -28.61 15.20 -43.77
C LEU K 55 -28.31 13.89 -43.08
N ILE K 56 -27.67 12.98 -43.82
CA ILE K 56 -27.43 11.62 -43.37
C ILE K 56 -25.94 11.31 -43.52
N ALA K 57 -25.38 10.67 -42.51
CA ALA K 57 -23.97 10.31 -42.47
C ALA K 57 -23.84 8.80 -42.53
N LYS K 58 -23.17 8.32 -43.59
CA LYS K 58 -22.76 6.92 -43.75
C LYS K 58 -21.22 6.86 -43.77
N ASN K 59 -20.62 7.04 -42.60
CA ASN K 59 -19.24 6.72 -42.24
C ASN K 59 -18.09 7.32 -43.05
N THR K 60 -18.31 7.62 -44.31
CA THR K 60 -17.46 8.52 -45.07
C THR K 60 -18.28 9.41 -45.97
N ARG K 61 -19.55 9.09 -46.15
CA ARG K 61 -20.42 9.73 -47.10
C ARG K 61 -21.40 10.63 -46.37
N LEU K 62 -21.66 11.79 -46.94
CA LEU K 62 -22.71 12.68 -46.45
C LEU K 62 -23.71 12.85 -47.57
N GLU K 63 -24.96 12.51 -47.26
CA GLU K 63 -26.08 12.62 -48.19
C GLU K 63 -26.98 13.75 -47.72
N ILE K 64 -27.43 14.57 -48.65
CA ILE K 64 -28.32 15.69 -48.38
C ILE K 64 -29.57 15.51 -49.20
N TYR K 65 -30.72 15.48 -48.51
CA TYR K 65 -32.04 15.33 -49.09
C TYR K 65 -32.93 16.49 -48.64
N VAL K 66 -33.94 16.77 -49.44
CA VAL K 66 -35.05 17.64 -49.04
C VAL K 66 -36.26 16.76 -48.77
N VAL K 67 -36.90 16.99 -47.64
CA VAL K 67 -38.10 16.25 -47.27
C VAL K 67 -39.27 16.85 -48.03
N THR K 68 -39.98 16.00 -48.77
CA THR K 68 -41.11 16.40 -49.60
C THR K 68 -42.37 15.71 -49.13
N ALA K 69 -43.49 16.07 -49.75
CA ALA K 69 -44.77 15.45 -49.42
C ALA K 69 -44.80 13.97 -49.81
N GLU K 70 -44.06 13.59 -50.85
CA GLU K 70 -44.10 12.22 -51.36
C GLU K 70 -43.01 11.33 -50.77
N GLY K 71 -41.87 11.91 -50.39
CA GLY K 71 -40.77 11.10 -49.91
C GLY K 71 -39.49 11.90 -49.76
N LEU K 72 -38.41 11.42 -50.37
CA LEU K 72 -37.09 12.04 -50.27
C LEU K 72 -36.60 12.37 -51.67
N ARG K 73 -36.13 13.61 -51.84
CA ARG K 73 -35.52 14.06 -53.08
C ARG K 73 -34.01 14.12 -52.91
N PRO K 74 -33.20 13.35 -53.65
CA PRO K 74 -31.75 13.48 -53.48
C PRO K 74 -31.25 14.80 -54.03
N VAL K 75 -30.45 15.49 -53.23
CA VAL K 75 -29.88 16.78 -53.58
C VAL K 75 -28.37 16.71 -53.72
N LYS K 76 -27.70 15.97 -52.83
CA LYS K 76 -26.25 15.91 -52.94
C LYS K 76 -25.69 14.70 -52.24
N GLU K 77 -24.59 14.18 -52.78
CA GLU K 77 -23.80 13.15 -52.12
C GLU K 77 -22.34 13.56 -52.21
N VAL K 78 -21.64 13.48 -51.08
CA VAL K 78 -20.22 13.80 -51.02
C VAL K 78 -19.50 12.74 -50.22
N GLY K 79 -18.22 12.60 -50.51
CA GLY K 79 -17.31 11.81 -49.70
C GLY K 79 -16.43 12.74 -48.87
N MET K 80 -16.09 12.29 -47.67
CA MET K 80 -15.17 12.97 -46.80
C MET K 80 -13.95 12.09 -46.57
N TYR K 81 -12.81 12.75 -46.36
CA TYR K 81 -11.58 12.06 -45.96
C TYR K 81 -11.53 11.88 -44.44
N GLY K 82 -12.52 11.14 -43.94
CA GLY K 82 -12.64 10.98 -42.51
C GLY K 82 -13.92 10.31 -42.07
N LYS K 83 -13.88 9.64 -40.93
CA LYS K 83 -15.09 9.06 -40.35
C LYS K 83 -15.84 10.14 -39.59
N ILE K 84 -17.04 10.47 -40.06
CA ILE K 84 -17.83 11.51 -39.44
C ILE K 84 -18.32 11.00 -38.09
N ALA K 85 -17.98 11.71 -37.03
CA ALA K 85 -18.37 11.34 -35.68
C ALA K 85 -19.42 12.26 -35.10
N VAL K 86 -19.47 13.50 -35.55
CA VAL K 86 -20.45 14.48 -35.09
C VAL K 86 -20.95 15.26 -36.30
N MET K 87 -22.25 15.50 -36.32
CA MET K 87 -22.90 16.23 -37.39
C MET K 87 -24.06 16.99 -36.77
N GLU K 88 -23.89 18.31 -36.61
CA GLU K 88 -24.86 19.14 -35.91
C GLU K 88 -25.02 20.45 -36.65
N LEU K 89 -26.28 20.82 -36.88
CA LEU K 89 -26.60 22.11 -37.47
C LEU K 89 -26.75 23.16 -36.39
N PHE K 90 -26.43 24.40 -36.75
CA PHE K 90 -26.55 25.51 -35.82
C PHE K 90 -26.55 26.79 -36.64
N ARG K 91 -27.11 27.84 -36.04
CA ARG K 91 -27.33 29.11 -36.73
C ARG K 91 -26.86 30.24 -35.80
N PRO K 92 -25.62 30.71 -35.94
CA PRO K 92 -25.19 31.84 -35.14
C PRO K 92 -26.05 33.07 -35.40
N LYS K 93 -26.02 33.99 -34.44
CA LYS K 93 -26.73 35.26 -34.59
C LYS K 93 -26.23 35.99 -35.83
N GLY K 94 -27.18 36.55 -36.58
CA GLY K 94 -26.87 37.24 -37.81
C GLY K 94 -26.86 36.38 -39.04
N GLU K 95 -26.90 35.06 -38.90
CA GLU K 95 -26.97 34.16 -40.04
C GLU K 95 -28.41 33.91 -40.43
N SER K 96 -28.68 33.94 -41.74
CA SER K 96 -30.03 33.77 -42.25
C SER K 96 -30.46 32.31 -42.31
N LYS K 97 -29.52 31.38 -42.21
CA LYS K 97 -29.84 29.96 -42.24
C LYS K 97 -28.76 29.21 -41.47
N ASP K 98 -29.04 27.94 -41.19
CA ASP K 98 -28.18 27.14 -40.33
C ASP K 98 -26.81 26.92 -40.96
N LEU K 99 -25.79 26.93 -40.10
CA LEU K 99 -24.47 26.42 -40.40
C LEU K 99 -24.36 24.98 -39.88
N LEU K 100 -23.29 24.30 -40.28
CA LEU K 100 -23.08 22.90 -39.97
C LEU K 100 -21.73 22.69 -39.29
N PHE K 101 -21.75 22.09 -38.10
CA PHE K 101 -20.54 21.72 -37.39
C PHE K 101 -20.30 20.23 -37.58
N ILE K 102 -19.07 19.87 -37.97
CA ILE K 102 -18.71 18.47 -38.13
C ILE K 102 -17.36 18.22 -37.48
N LEU K 103 -17.25 17.07 -36.83
CA LEU K 103 -16.02 16.56 -36.27
C LEU K 103 -15.80 15.15 -36.84
N THR K 104 -14.57 14.88 -37.25
CA THR K 104 -14.20 13.57 -37.76
C THR K 104 -13.65 12.70 -36.65
N ALA K 105 -13.48 11.41 -36.96
CA ALA K 105 -12.92 10.50 -35.96
C ALA K 105 -11.46 10.83 -35.66
N LYS K 106 -10.76 11.42 -36.63
CA LYS K 106 -9.42 11.91 -36.41
C LYS K 106 -9.40 13.35 -35.90
N TYR K 107 -10.50 13.81 -35.33
CA TYR K 107 -10.58 15.06 -34.61
C TYR K 107 -10.35 16.28 -35.49
N ASN K 108 -10.59 16.16 -36.78
CA ASN K 108 -10.69 17.32 -37.65
C ASN K 108 -12.05 17.97 -37.43
N ALA K 109 -12.07 19.21 -36.96
CA ALA K 109 -13.29 19.96 -36.73
C ALA K 109 -13.43 21.01 -37.83
N CYS K 110 -14.69 21.25 -38.23
CA CYS K 110 -14.97 22.24 -39.26
C CYS K 110 -16.37 22.79 -39.09
N ILE K 111 -16.52 24.06 -39.43
CA ILE K 111 -17.83 24.71 -39.60
C ILE K 111 -17.98 25.00 -41.07
N LEU K 112 -19.09 24.54 -41.63
CA LEU K 112 -19.38 24.57 -43.05
C LEU K 112 -20.68 25.33 -43.31
N GLU K 113 -20.75 25.92 -44.50
CA GLU K 113 -21.95 26.59 -44.98
C GLU K 113 -22.30 26.05 -46.36
N TYR K 114 -23.59 25.86 -46.59
CA TYR K 114 -24.08 25.42 -47.88
C TYR K 114 -24.19 26.62 -48.81
N LYS K 115 -23.70 26.45 -50.04
CA LYS K 115 -23.77 27.50 -51.05
C LYS K 115 -24.22 26.87 -52.36
N GLN K 116 -25.30 27.41 -52.92
CA GLN K 116 -25.87 26.93 -54.17
C GLN K 116 -26.09 28.13 -55.09
N SER K 117 -25.75 27.95 -56.37
CA SER K 117 -25.96 28.99 -57.37
C SER K 117 -26.09 28.29 -58.72
N GLY K 118 -27.30 28.31 -59.27
CA GLY K 118 -27.54 27.57 -60.50
C GLY K 118 -27.53 26.09 -60.19
N GLU K 119 -26.83 25.32 -61.03
CA GLU K 119 -26.61 23.90 -60.79
C GLU K 119 -25.34 23.63 -59.99
N SER K 120 -24.57 24.67 -59.66
CA SER K 120 -23.34 24.50 -58.90
C SER K 120 -23.63 24.56 -57.41
N ILE K 121 -23.28 23.49 -56.70
CA ILE K 121 -23.43 23.41 -55.24
C ILE K 121 -22.03 23.28 -54.66
N ASP K 122 -21.71 24.11 -53.68
CA ASP K 122 -20.41 24.08 -53.02
C ASP K 122 -20.60 24.14 -51.52
N ILE K 123 -19.74 23.43 -50.82
CA ILE K 123 -19.66 23.48 -49.37
C ILE K 123 -18.48 24.38 -49.03
N ILE K 124 -18.76 25.52 -48.45
CA ILE K 124 -17.73 26.47 -48.08
C ILE K 124 -17.27 26.16 -46.67
N THR K 125 -15.96 26.28 -46.46
CA THR K 125 -15.37 26.09 -45.15
C THR K 125 -15.39 27.44 -44.43
N ARG K 126 -16.28 27.56 -43.45
CA ARG K 126 -16.35 28.76 -42.64
C ARG K 126 -15.31 28.73 -41.52
N ALA K 127 -14.97 27.54 -41.03
CA ALA K 127 -13.98 27.41 -39.98
C ALA K 127 -13.41 26.01 -40.06
N HIS K 128 -12.17 25.85 -39.61
CA HIS K 128 -11.55 24.53 -39.63
C HIS K 128 -10.39 24.53 -38.63
N GLY K 129 -10.09 23.34 -38.13
CA GLY K 129 -8.96 23.18 -37.24
C GLY K 129 -8.89 21.78 -36.68
N ASN K 130 -7.70 21.42 -36.24
CA ASN K 130 -7.44 20.15 -35.60
C ASN K 130 -7.50 20.32 -34.09
N VAL K 131 -8.45 19.64 -33.46
CA VAL K 131 -8.69 19.79 -32.03
C VAL K 131 -8.09 18.63 -31.25
N GLN K 132 -7.20 17.86 -31.86
CA GLN K 132 -6.58 16.75 -31.17
C GLN K 132 -5.74 17.27 -30.01
N ASP K 133 -5.84 16.59 -28.88
CA ASP K 133 -4.92 16.83 -27.80
C ASP K 133 -3.66 16.00 -28.03
N ARG K 134 -2.55 16.45 -27.47
CA ARG K 134 -1.33 15.70 -27.64
C ARG K 134 -1.40 14.35 -26.94
N ILE K 135 -2.08 14.30 -25.79
CA ILE K 135 -2.27 13.06 -25.07
C ILE K 135 -3.71 12.99 -24.60
N GLY K 136 -4.14 11.76 -24.33
CA GLY K 136 -5.48 11.50 -23.84
C GLY K 136 -5.96 10.15 -24.31
N ARG K 137 -6.76 9.51 -23.46
CA ARG K 137 -7.41 8.28 -23.80
C ARG K 137 -8.81 8.60 -24.33
N PRO K 138 -9.16 8.24 -25.56
CA PRO K 138 -10.55 8.42 -25.99
C PRO K 138 -11.50 7.65 -25.09
N SER K 139 -12.67 8.23 -24.85
CA SER K 139 -13.54 7.71 -23.81
C SER K 139 -14.28 6.47 -24.26
N GLU K 140 -14.84 5.78 -23.28
CA GLU K 140 -15.54 4.53 -23.52
C GLU K 140 -16.87 4.79 -24.20
N THR K 141 -17.63 5.76 -23.69
CA THR K 141 -18.92 6.11 -24.28
C THR K 141 -18.78 6.97 -25.52
N GLY K 142 -17.58 7.12 -26.04
CA GLY K 142 -17.41 7.68 -27.35
C GLY K 142 -17.50 9.20 -27.36
N ILE K 143 -17.36 9.73 -28.58
CA ILE K 143 -17.42 11.16 -28.79
C ILE K 143 -18.82 11.64 -28.47
N ILE K 144 -18.91 12.77 -27.78
CA ILE K 144 -20.18 13.47 -27.61
C ILE K 144 -19.97 14.91 -28.02
N GLY K 145 -20.94 15.46 -28.73
CA GLY K 145 -20.90 16.84 -29.14
C GLY K 145 -22.24 17.51 -28.97
N ILE K 146 -22.24 18.74 -28.47
CA ILE K 146 -23.46 19.48 -28.18
C ILE K 146 -23.22 20.94 -28.52
N ILE K 147 -24.31 21.63 -28.87
CA ILE K 147 -24.28 23.03 -29.21
C ILE K 147 -25.27 23.76 -28.32
N ASP K 148 -24.85 24.91 -27.79
CA ASP K 148 -25.72 25.70 -26.96
C ASP K 148 -26.93 26.16 -27.80
N PRO K 149 -28.15 26.19 -27.23
CA PRO K 149 -29.29 26.63 -28.05
C PRO K 149 -29.16 28.04 -28.59
N GLU K 150 -28.46 28.93 -27.89
CA GLU K 150 -28.22 30.28 -28.37
C GLU K 150 -26.91 30.40 -29.15
N CYS K 151 -26.24 29.27 -29.41
CA CYS K 151 -25.06 29.25 -30.29
C CYS K 151 -23.95 30.15 -29.76
N ARG K 152 -23.80 30.21 -28.45
CA ARG K 152 -22.71 30.95 -27.83
C ARG K 152 -21.41 30.15 -27.77
N MET K 153 -21.48 28.82 -27.91
CA MET K 153 -20.30 27.98 -27.79
C MET K 153 -20.67 26.57 -28.23
N ILE K 154 -19.64 25.80 -28.59
CA ILE K 154 -19.77 24.36 -28.80
C ILE K 154 -19.14 23.66 -27.60
N GLY K 155 -19.76 22.57 -27.15
CA GLY K 155 -19.21 21.75 -26.10
C GLY K 155 -18.96 20.34 -26.58
N LEU K 156 -17.80 19.79 -26.25
CA LEU K 156 -17.41 18.46 -26.69
C LEU K 156 -16.91 17.66 -25.52
N ARG K 157 -17.33 16.41 -25.44
CA ARG K 157 -16.81 15.43 -24.51
C ARG K 157 -16.03 14.45 -25.38
N LEU K 158 -14.72 14.65 -25.41
CA LEU K 158 -13.77 13.85 -26.16
C LEU K 158 -12.91 12.98 -25.26
N TYR K 159 -12.45 13.54 -24.15
CA TYR K 159 -11.61 12.85 -23.21
C TYR K 159 -12.23 12.91 -21.83
N ASP K 160 -11.99 11.87 -21.06
CA ASP K 160 -12.42 11.85 -19.68
C ASP K 160 -11.76 13.00 -18.93
N GLY K 161 -12.48 13.53 -17.96
CA GLY K 161 -11.94 14.53 -17.08
C GLY K 161 -11.93 15.94 -17.64
N LEU K 162 -12.37 16.11 -18.88
CA LEU K 162 -12.38 17.42 -19.51
C LEU K 162 -13.66 17.62 -20.29
N PHE K 163 -14.12 18.87 -20.27
CA PHE K 163 -15.20 19.34 -21.12
C PHE K 163 -14.58 20.42 -22.00
N LYS K 164 -14.60 20.19 -23.30
CA LYS K 164 -13.93 21.08 -24.24
C LYS K 164 -14.94 22.11 -24.72
N VAL K 165 -14.53 23.37 -24.71
CA VAL K 165 -15.39 24.48 -25.11
C VAL K 165 -14.72 25.18 -26.27
N ILE K 166 -15.47 25.34 -27.36
CA ILE K 166 -15.06 26.12 -28.51
C ILE K 166 -15.95 27.37 -28.53
N PRO K 167 -15.45 28.55 -28.16
CA PRO K 167 -16.30 29.74 -28.28
C PRO K 167 -16.58 30.03 -29.75
N LEU K 168 -17.85 30.30 -30.04
CA LEU K 168 -18.29 30.55 -31.40
C LEU K 168 -18.17 32.04 -31.74
N ASP K 169 -16.94 32.51 -31.71
CA ASP K 169 -16.63 33.81 -32.26
C ASP K 169 -16.33 33.65 -33.73
N ARG K 170 -16.68 34.67 -34.52
CA ARG K 170 -16.43 34.61 -35.96
C ARG K 170 -14.95 34.58 -36.27
N ASP K 171 -14.11 35.06 -35.36
CA ASP K 171 -12.67 35.07 -35.54
C ASP K 171 -12.02 33.73 -35.22
N ASN K 172 -12.78 32.76 -34.70
CA ASN K 172 -12.20 31.48 -34.27
C ASN K 172 -12.12 30.53 -35.46
N LYS K 173 -11.38 30.99 -36.47
CA LYS K 173 -11.33 30.29 -37.75
C LYS K 173 -10.38 29.10 -37.72
N GLU K 174 -9.47 29.06 -36.76
CA GLU K 174 -8.67 27.87 -36.49
C GLU K 174 -9.33 26.94 -35.51
N LEU K 175 -10.53 27.28 -35.03
CA LEU K 175 -11.28 26.43 -34.11
C LEU K 175 -10.48 26.12 -32.86
N LYS K 176 -9.74 27.11 -32.38
CA LYS K 176 -9.09 26.96 -31.09
C LYS K 176 -10.11 26.80 -30.00
N ALA K 177 -9.73 26.06 -28.98
CA ALA K 177 -10.63 25.65 -27.92
C ALA K 177 -9.89 25.75 -26.61
N PHE K 178 -10.64 25.62 -25.52
CA PHE K 178 -10.02 25.48 -24.21
C PHE K 178 -10.70 24.37 -23.45
N ASN K 179 -9.92 23.78 -22.56
CA ASN K 179 -10.39 22.69 -21.73
C ASN K 179 -10.82 23.22 -20.38
N ILE K 180 -11.89 22.64 -19.86
CA ILE K 180 -12.33 22.86 -18.48
C ILE K 180 -12.27 21.51 -17.79
N ARG K 181 -11.72 21.49 -16.59
CA ARG K 181 -11.72 20.26 -15.81
C ARG K 181 -13.14 19.84 -15.50
N LEU K 182 -13.39 18.55 -15.61
CA LEU K 182 -14.59 17.91 -15.09
C LEU K 182 -14.20 17.06 -13.90
N GLU K 183 -14.79 17.36 -12.75
CA GLU K 183 -14.61 16.48 -11.60
C GLU K 183 -15.23 15.13 -11.86
N GLU K 184 -16.23 15.08 -12.73
CA GLU K 184 -16.98 13.87 -13.02
C GLU K 184 -16.30 13.18 -14.20
N LEU K 185 -15.70 12.03 -13.93
CA LEU K 185 -14.85 11.38 -14.90
C LEU K 185 -15.59 10.49 -15.87
N HIS K 186 -16.77 9.99 -15.51
CA HIS K 186 -17.55 9.06 -16.34
C HIS K 186 -18.88 9.74 -16.64
N VAL K 187 -18.89 10.57 -17.67
CA VAL K 187 -20.10 11.24 -18.10
C VAL K 187 -20.85 10.32 -19.05
N ILE K 188 -22.16 10.22 -18.84
CA ILE K 188 -23.02 9.41 -19.69
C ILE K 188 -23.63 10.25 -20.80
N ASP K 189 -24.17 11.41 -20.44
CA ASP K 189 -24.73 12.31 -21.42
C ASP K 189 -24.83 13.70 -20.80
N VAL K 190 -24.89 14.69 -21.69
CA VAL K 190 -24.91 16.09 -21.31
C VAL K 190 -25.68 16.87 -22.36
N LYS K 191 -26.35 17.92 -21.92
CA LYS K 191 -27.04 18.84 -22.81
C LYS K 191 -26.99 20.23 -22.21
N PHE K 192 -27.05 21.24 -23.07
CA PHE K 192 -27.23 22.61 -22.60
C PHE K 192 -28.69 22.86 -22.30
N LEU K 193 -28.94 23.63 -21.25
CA LEU K 193 -30.31 23.94 -20.84
C LEU K 193 -30.83 25.15 -21.58
N TYR K 194 -32.16 25.25 -21.62
CA TYR K 194 -32.84 26.42 -22.13
C TYR K 194 -33.17 27.39 -21.00
N GLY K 195 -33.36 28.65 -21.36
CA GLY K 195 -33.76 29.64 -20.38
C GLY K 195 -32.68 30.04 -19.41
N CYS K 196 -31.41 29.95 -19.81
CA CYS K 196 -30.28 30.33 -18.98
C CYS K 196 -29.62 31.57 -19.57
N GLN K 197 -29.32 32.53 -18.70
CA GLN K 197 -28.67 33.76 -19.15
C GLN K 197 -27.25 33.50 -19.66
N ALA K 198 -26.57 32.50 -19.11
CA ALA K 198 -25.28 32.02 -19.58
C ALA K 198 -25.43 30.58 -20.06
N PRO K 199 -24.59 30.11 -20.98
CA PRO K 199 -24.64 28.69 -21.34
C PRO K 199 -24.43 27.82 -20.11
N THR K 200 -25.31 26.84 -19.95
CA THR K 200 -25.36 26.02 -18.76
C THR K 200 -25.60 24.59 -19.20
N ILE K 201 -24.77 23.68 -18.71
CA ILE K 201 -24.89 22.27 -19.03
C ILE K 201 -25.59 21.58 -17.88
N CYS K 202 -26.30 20.52 -18.24
CA CYS K 202 -26.85 19.54 -17.31
C CYS K 202 -26.41 18.18 -17.81
N PHE K 203 -25.93 17.34 -16.91
CA PHE K 203 -25.37 16.08 -17.35
C PHE K 203 -25.54 15.03 -16.27
N VAL K 204 -25.62 13.80 -16.73
CA VAL K 204 -25.73 12.63 -15.87
C VAL K 204 -24.39 11.95 -15.80
N TYR K 205 -23.98 11.59 -14.58
CA TYR K 205 -22.76 10.86 -14.38
C TYR K 205 -22.97 9.77 -13.34
N GLN K 206 -21.99 8.86 -13.27
CA GLN K 206 -22.02 7.71 -12.38
C GLN K 206 -20.79 7.76 -11.49
N ASP K 207 -20.97 7.45 -10.22
CA ASP K 207 -19.89 7.46 -9.25
C ASP K 207 -20.20 6.41 -8.19
N PRO K 208 -19.31 6.14 -7.23
CA PRO K 208 -19.59 5.08 -6.25
C PRO K 208 -20.85 5.30 -5.43
N GLN K 209 -21.35 6.52 -5.33
CA GLN K 209 -22.58 6.77 -4.59
C GLN K 209 -23.82 6.43 -5.39
N GLY K 210 -23.69 6.17 -6.69
CA GLY K 210 -24.80 5.90 -7.58
C GLY K 210 -24.68 6.80 -8.79
N ARG K 211 -25.78 6.96 -9.50
CA ARG K 211 -25.85 7.91 -10.60
C ARG K 211 -26.55 9.18 -10.15
N HIS K 212 -26.11 10.30 -10.72
CA HIS K 212 -26.60 11.60 -10.34
C HIS K 212 -26.69 12.48 -11.58
N VAL K 213 -27.49 13.54 -11.46
CA VAL K 213 -27.58 14.59 -12.46
C VAL K 213 -27.13 15.88 -11.81
N LYS K 214 -26.35 16.66 -12.55
CA LYS K 214 -25.77 17.88 -12.01
C LYS K 214 -25.71 18.91 -13.14
N THR K 215 -25.60 20.17 -12.75
CA THR K 215 -25.53 21.27 -13.70
C THR K 215 -24.37 22.19 -13.37
N TYR K 216 -23.95 22.93 -14.39
CA TYR K 216 -22.93 23.96 -14.23
C TYR K 216 -23.21 25.11 -15.18
N GLU K 217 -23.06 26.33 -14.68
CA GLU K 217 -22.97 27.50 -15.55
C GLU K 217 -21.58 27.60 -16.14
N VAL K 218 -21.49 28.16 -17.34
CA VAL K 218 -20.23 28.22 -18.07
C VAL K 218 -19.79 29.67 -18.15
N SER K 219 -18.67 29.99 -17.50
CA SER K 219 -18.09 31.33 -17.53
C SER K 219 -16.94 31.36 -18.55
N LEU K 220 -17.12 32.15 -19.60
CA LEU K 220 -16.08 32.34 -20.61
C LEU K 220 -14.93 33.18 -20.08
N ARG K 221 -15.23 34.22 -19.30
CA ARG K 221 -14.17 35.09 -18.79
C ARG K 221 -13.20 34.30 -17.91
N GLU K 222 -13.73 33.45 -17.04
CA GLU K 222 -12.90 32.59 -16.21
C GLU K 222 -12.55 31.27 -16.89
N LYS K 223 -13.22 30.93 -18.00
CA LYS K 223 -13.06 29.65 -18.67
C LYS K 223 -13.26 28.51 -17.67
N GLU K 224 -14.33 28.62 -16.88
CA GLU K 224 -14.54 27.68 -15.80
C GLU K 224 -16.03 27.56 -15.51
N PHE K 225 -16.38 26.47 -14.84
CA PHE K 225 -17.74 26.30 -14.38
C PHE K 225 -18.01 27.15 -13.15
N ASN K 226 -19.25 27.62 -13.05
CA ASN K 226 -19.81 28.19 -11.84
C ASN K 226 -21.01 27.36 -11.41
N LYS K 227 -21.45 27.60 -10.17
CA LYS K 227 -22.53 26.82 -9.59
C LYS K 227 -23.79 26.93 -10.44
N GLY K 228 -24.42 25.79 -10.69
CA GLY K 228 -25.57 25.73 -11.56
C GLY K 228 -26.82 26.21 -10.87
N PRO K 229 -27.88 26.42 -11.67
CA PRO K 229 -29.10 27.01 -11.12
C PRO K 229 -29.87 26.09 -10.18
N TRP K 230 -29.67 24.76 -10.25
CA TRP K 230 -30.33 23.86 -9.33
C TRP K 230 -29.40 22.75 -8.90
N LYS K 231 -29.60 22.29 -7.68
CA LYS K 231 -28.67 21.38 -7.03
C LYS K 231 -28.67 20.02 -7.71
N GLN K 232 -27.64 19.24 -7.41
CA GLN K 232 -27.56 17.86 -7.86
C GLN K 232 -28.72 17.06 -7.28
N GLU K 233 -29.29 16.18 -8.11
CA GLU K 233 -30.38 15.31 -7.73
C GLU K 233 -30.01 13.87 -8.01
N ASN K 234 -30.51 12.97 -7.17
CA ASN K 234 -30.42 11.56 -7.48
C ASN K 234 -31.51 11.22 -8.47
N VAL K 235 -31.20 10.28 -9.36
CA VAL K 235 -32.11 9.79 -10.36
C VAL K 235 -32.03 8.27 -10.36
N GLU K 236 -32.81 7.64 -11.23
CA GLU K 236 -32.84 6.19 -11.28
C GLU K 236 -31.47 5.63 -11.61
N ALA K 237 -31.18 4.45 -11.06
CA ALA K 237 -29.85 3.86 -11.18
C ALA K 237 -29.44 3.63 -12.62
N GLU K 238 -30.41 3.49 -13.54
CA GLU K 238 -30.15 3.28 -14.95
C GLU K 238 -30.59 4.46 -15.79
N ALA K 239 -30.56 5.66 -15.21
CA ALA K 239 -30.75 6.86 -15.99
C ALA K 239 -29.67 6.95 -17.05
N SER K 240 -30.08 7.04 -18.31
CA SER K 240 -29.17 6.84 -19.42
C SER K 240 -29.15 7.96 -20.45
N MET K 241 -30.19 8.78 -20.54
CA MET K 241 -30.19 9.84 -21.54
C MET K 241 -30.80 11.11 -20.98
N VAL K 242 -30.31 12.24 -21.47
CA VAL K 242 -30.78 13.57 -21.07
C VAL K 242 -31.32 14.27 -22.29
N ILE K 243 -32.51 14.86 -22.15
CA ILE K 243 -33.10 15.72 -23.17
C ILE K 243 -33.30 17.10 -22.58
N ALA K 244 -32.80 18.12 -23.27
CA ALA K 244 -33.00 19.50 -22.89
C ALA K 244 -34.28 19.99 -23.52
N VAL K 245 -35.25 20.34 -22.69
CA VAL K 245 -36.58 20.68 -23.16
C VAL K 245 -36.64 22.16 -23.51
N PRO K 246 -37.15 22.55 -24.68
CA PRO K 246 -37.24 23.98 -25.00
C PRO K 246 -38.32 24.66 -24.20
N GLU K 247 -38.32 25.99 -24.29
CA GLU K 247 -39.41 26.77 -23.75
C GLU K 247 -40.71 26.37 -24.44
N PRO K 248 -41.86 26.51 -23.77
CA PRO K 248 -42.15 27.14 -22.47
C PRO K 248 -41.87 26.27 -21.24
N PHE K 249 -41.63 24.97 -21.45
CA PHE K 249 -41.42 24.07 -20.32
C PHE K 249 -40.12 24.37 -19.59
N GLY K 250 -39.01 24.45 -20.33
CA GLY K 250 -37.70 24.48 -19.71
C GLY K 250 -37.43 23.16 -18.99
N GLY K 251 -36.37 23.18 -18.20
CA GLY K 251 -36.03 22.01 -17.42
C GLY K 251 -35.37 20.93 -18.26
N ALA K 252 -35.36 19.72 -17.71
CA ALA K 252 -34.63 18.61 -18.29
C ALA K 252 -35.40 17.33 -18.09
N ILE K 253 -35.31 16.43 -19.07
CA ILE K 253 -35.87 15.09 -18.99
C ILE K 253 -34.72 14.10 -18.83
N ILE K 254 -34.88 13.18 -17.87
CA ILE K 254 -33.96 12.08 -17.65
C ILE K 254 -34.69 10.80 -18.02
N ILE K 255 -34.13 10.07 -18.99
CA ILE K 255 -34.68 8.83 -19.50
C ILE K 255 -33.85 7.68 -18.96
N GLY K 256 -34.53 6.69 -18.38
CA GLY K 256 -33.93 5.46 -17.92
C GLY K 256 -34.58 4.26 -18.56
N GLN K 257 -34.36 3.08 -17.99
CA GLN K 257 -34.90 1.85 -18.55
C GLN K 257 -36.33 1.59 -18.07
N GLU K 258 -36.66 1.98 -16.84
CA GLU K 258 -37.95 1.68 -16.23
C GLU K 258 -38.72 2.91 -15.79
N SER K 259 -38.15 4.11 -15.91
CA SER K 259 -38.79 5.31 -15.39
C SER K 259 -38.41 6.50 -16.27
N ILE K 260 -39.23 7.53 -16.20
CA ILE K 260 -38.97 8.79 -16.88
C ILE K 260 -39.21 9.92 -15.89
N THR K 261 -38.23 10.82 -15.75
CA THR K 261 -38.34 11.90 -14.79
C THR K 261 -38.04 13.23 -15.47
N TYR K 262 -38.60 14.29 -14.88
CA TYR K 262 -38.39 15.65 -15.32
C TYR K 262 -38.00 16.49 -14.11
N HIS K 263 -36.96 17.31 -14.29
CA HIS K 263 -36.39 18.13 -13.23
C HIS K 263 -36.27 19.57 -13.70
N ASN K 264 -36.71 20.50 -12.86
CA ASN K 264 -36.48 21.93 -13.10
C ASN K 264 -36.59 22.67 -11.78
N GLY K 265 -35.46 22.95 -11.16
CA GLY K 265 -35.49 23.67 -9.90
C GLY K 265 -36.19 22.86 -8.83
N ASP K 266 -37.22 23.47 -8.24
CA ASP K 266 -38.06 22.77 -7.26
C ASP K 266 -39.05 21.81 -7.91
N LYS K 267 -39.12 21.77 -9.25
CA LYS K 267 -40.05 20.90 -9.95
C LYS K 267 -39.44 19.52 -10.16
N TYR K 268 -40.20 18.51 -9.77
CA TYR K 268 -39.82 17.10 -9.92
C TYR K 268 -41.09 16.37 -10.35
N LEU K 269 -40.98 15.57 -11.41
CA LEU K 269 -42.12 14.79 -11.86
C LEU K 269 -41.61 13.49 -12.45
N ALA K 270 -42.02 12.36 -11.87
CA ALA K 270 -41.57 11.04 -12.32
C ALA K 270 -42.78 10.16 -12.61
N ILE K 271 -42.65 9.36 -13.67
CA ILE K 271 -43.60 8.29 -13.95
C ILE K 271 -42.82 7.00 -14.18
N ALA K 272 -43.47 5.87 -13.91
CA ALA K 272 -42.87 4.54 -14.05
C ALA K 272 -43.85 3.64 -14.77
N PRO K 273 -44.12 3.90 -16.04
CA PRO K 273 -45.01 3.03 -16.81
C PRO K 273 -44.35 1.69 -17.09
N PRO K 274 -44.97 0.56 -16.73
CA PRO K 274 -44.29 -0.74 -16.94
C PRO K 274 -43.95 -1.04 -18.39
N ILE K 275 -44.66 -0.44 -19.35
CA ILE K 275 -44.54 -0.79 -20.76
C ILE K 275 -43.11 -0.66 -21.27
N ILE K 276 -42.35 0.30 -20.73
CA ILE K 276 -41.01 0.56 -21.24
C ILE K 276 -39.98 -0.41 -20.71
N LYS K 277 -40.30 -1.19 -19.66
CA LYS K 277 -39.27 -1.99 -19.00
C LYS K 277 -38.75 -3.12 -19.90
N GLN K 278 -39.51 -3.55 -20.90
CA GLN K 278 -39.12 -4.75 -21.64
C GLN K 278 -37.89 -4.52 -22.51
N SER K 279 -37.62 -3.28 -22.92
CA SER K 279 -36.52 -3.01 -23.83
C SER K 279 -36.00 -1.60 -23.62
N THR K 280 -34.69 -1.45 -23.74
CA THR K 280 -34.04 -0.16 -23.48
C THR K 280 -34.37 0.84 -24.58
N ILE K 281 -34.78 2.03 -24.16
CA ILE K 281 -34.94 3.15 -25.09
C ILE K 281 -33.55 3.66 -25.46
N VAL K 282 -33.34 3.94 -26.75
CA VAL K 282 -31.99 4.17 -27.26
C VAL K 282 -31.84 5.42 -28.09
N CYS K 283 -32.93 6.08 -28.45
CA CYS K 283 -32.82 7.29 -29.25
C CYS K 283 -34.02 8.19 -29.02
N HIS K 284 -33.83 9.48 -29.30
CA HIS K 284 -34.87 10.47 -29.09
C HIS K 284 -34.71 11.61 -30.10
N ASN K 285 -35.84 12.26 -30.38
CA ASN K 285 -35.89 13.44 -31.23
C ASN K 285 -37.12 14.23 -30.89
N ARG K 286 -36.99 15.55 -30.87
CA ARG K 286 -38.12 16.40 -30.51
C ARG K 286 -39.11 16.44 -31.67
N VAL K 287 -40.38 16.21 -31.34
CA VAL K 287 -41.43 16.21 -32.34
C VAL K 287 -42.14 17.56 -32.43
N ASP K 288 -42.67 18.06 -31.31
CA ASP K 288 -43.36 19.35 -31.27
C ASP K 288 -42.37 20.49 -30.98
N PRO K 289 -42.45 21.64 -31.65
CA PRO K 289 -41.54 22.74 -31.30
C PRO K 289 -41.64 23.21 -29.86
N ASN K 290 -42.79 23.06 -29.21
CA ASN K 290 -42.95 23.52 -27.84
C ASN K 290 -42.59 22.45 -26.80
N GLY K 291 -42.17 21.26 -27.24
CA GLY K 291 -41.72 20.23 -26.31
C GLY K 291 -42.82 19.39 -25.71
N SER K 292 -44.06 19.49 -26.22
CA SER K 292 -45.16 18.76 -25.63
C SER K 292 -45.11 17.27 -25.92
N ARG K 293 -44.43 16.86 -26.99
CA ARG K 293 -44.32 15.45 -27.34
C ARG K 293 -42.94 15.13 -27.85
N TYR K 294 -42.50 13.91 -27.55
CA TYR K 294 -41.26 13.36 -28.06
C TYR K 294 -41.53 11.93 -28.49
N LEU K 295 -40.76 11.44 -29.46
CA LEU K 295 -40.79 10.03 -29.82
C LEU K 295 -39.57 9.32 -29.29
N LEU K 296 -39.77 8.06 -28.91
CA LEU K 296 -38.72 7.22 -28.36
C LEU K 296 -38.75 5.87 -29.04
N GLY K 297 -37.57 5.40 -29.44
CA GLY K 297 -37.43 4.10 -30.07
C GLY K 297 -36.53 3.21 -29.23
N ASP K 298 -36.88 1.93 -29.17
CA ASP K 298 -36.12 0.96 -28.38
C ASP K 298 -35.43 -0.05 -29.28
N MET K 299 -34.65 -0.92 -28.63
CA MET K 299 -33.88 -1.92 -29.34
C MET K 299 -34.74 -2.99 -29.97
N GLU K 300 -35.99 -3.13 -29.56
CA GLU K 300 -36.92 -4.10 -30.13
C GLU K 300 -37.75 -3.50 -31.25
N GLY K 301 -37.44 -2.27 -31.67
CA GLY K 301 -38.24 -1.62 -32.68
C GLY K 301 -39.53 -1.01 -32.19
N ARG K 302 -39.85 -1.12 -30.90
CA ARG K 302 -41.03 -0.43 -30.40
C ARG K 302 -40.81 1.07 -30.47
N LEU K 303 -41.87 1.77 -30.85
CA LEU K 303 -41.90 3.22 -31.00
C LEU K 303 -43.02 3.75 -30.11
N PHE K 304 -42.65 4.66 -29.20
CA PHE K 304 -43.53 5.28 -28.21
C PHE K 304 -43.56 6.78 -28.41
N MET K 305 -44.65 7.40 -27.94
CA MET K 305 -44.75 8.84 -27.75
C MET K 305 -44.75 9.14 -26.26
N LEU K 306 -43.90 10.08 -25.84
CA LEU K 306 -43.88 10.62 -24.49
C LEU K 306 -44.48 12.01 -24.53
N LEU K 307 -45.52 12.24 -23.73
CA LEU K 307 -46.33 13.45 -23.80
C LEU K 307 -46.27 14.21 -22.48
N LEU K 308 -46.03 15.52 -22.57
CA LEU K 308 -45.94 16.40 -21.42
C LEU K 308 -47.24 17.21 -21.31
N GLU K 309 -47.94 17.03 -20.21
CA GLU K 309 -49.18 17.77 -19.96
C GLU K 309 -48.84 19.07 -19.24
N LYS K 310 -49.45 20.17 -19.71
CA LYS K 310 -49.12 21.50 -19.21
C LYS K 310 -49.96 21.88 -18.00
N GLU K 311 -49.40 22.76 -17.19
CA GLU K 311 -50.09 23.42 -16.10
C GLU K 311 -49.86 24.92 -16.22
N GLU K 312 -50.94 25.69 -16.26
CA GLU K 312 -50.86 27.13 -16.29
C GLU K 312 -50.40 27.65 -14.94
N GLN K 313 -49.86 28.88 -14.94
CA GLN K 313 -49.44 29.56 -13.73
C GLN K 313 -50.03 30.96 -13.74
N MET K 314 -50.18 31.53 -12.54
CA MET K 314 -50.78 32.87 -12.42
C MET K 314 -49.97 33.92 -13.17
N ASP K 315 -48.65 33.78 -13.19
CA ASP K 315 -47.78 34.72 -13.86
C ASP K 315 -47.68 34.49 -15.37
N GLY K 316 -48.48 33.58 -15.93
CA GLY K 316 -48.45 33.30 -17.35
C GLY K 316 -47.43 32.26 -17.78
N THR K 317 -46.54 31.84 -16.88
CA THR K 317 -45.60 30.77 -17.19
C THR K 317 -46.33 29.44 -17.26
N VAL K 318 -45.64 28.43 -17.80
CA VAL K 318 -46.17 27.09 -17.96
C VAL K 318 -45.23 26.13 -17.24
N THR K 319 -45.81 25.22 -16.45
CA THR K 319 -45.10 24.16 -15.77
C THR K 319 -45.62 22.82 -16.24
N LEU K 320 -44.98 21.75 -15.77
CA LEU K 320 -45.39 20.41 -16.17
C LEU K 320 -46.48 19.91 -15.24
N LYS K 321 -47.59 19.46 -15.82
CA LYS K 321 -48.68 18.87 -15.05
C LYS K 321 -48.49 17.37 -14.87
N ASP K 322 -48.13 16.65 -15.92
CA ASP K 322 -48.07 15.19 -15.85
C ASP K 322 -47.29 14.68 -17.05
N LEU K 323 -46.93 13.40 -16.99
CA LEU K 323 -46.25 12.70 -18.06
C LEU K 323 -47.05 11.45 -18.43
N ARG K 324 -47.08 11.15 -19.72
CA ARG K 324 -47.73 9.94 -20.21
C ARG K 324 -46.92 9.39 -21.36
N VAL K 325 -46.90 8.06 -21.45
CA VAL K 325 -46.25 7.34 -22.55
C VAL K 325 -47.34 6.62 -23.33
N GLU K 326 -47.25 6.68 -24.66
CA GLU K 326 -48.19 6.02 -25.55
C GLU K 326 -47.43 5.22 -26.59
N LEU K 327 -47.72 3.92 -26.65
CA LEU K 327 -47.13 3.05 -27.65
C LEU K 327 -47.81 3.29 -29.00
N LEU K 328 -47.01 3.68 -30.00
CA LEU K 328 -47.53 3.82 -31.35
C LEU K 328 -47.40 2.54 -32.14
N GLY K 329 -46.30 1.81 -31.96
CA GLY K 329 -46.21 0.59 -32.74
C GLY K 329 -44.79 0.04 -32.79
N GLU K 330 -44.48 -0.60 -33.92
CA GLU K 330 -43.21 -1.27 -34.13
C GLU K 330 -42.59 -0.76 -35.42
N THR K 331 -41.27 -0.59 -35.40
CA THR K 331 -40.50 -0.20 -36.57
C THR K 331 -39.27 -1.09 -36.66
N SER K 332 -38.47 -0.88 -37.70
CA SER K 332 -37.13 -1.45 -37.73
C SER K 332 -36.35 -0.94 -36.52
N ILE K 333 -35.37 -1.74 -36.09
CA ILE K 333 -34.51 -1.33 -34.99
C ILE K 333 -33.82 -0.03 -35.37
N ALA K 334 -34.06 1.01 -34.59
CA ALA K 334 -33.67 2.37 -34.93
C ALA K 334 -32.34 2.70 -34.28
N GLU K 335 -31.38 3.17 -35.09
CA GLU K 335 -30.21 3.83 -34.54
C GLU K 335 -30.54 5.25 -34.14
N CYS K 336 -31.40 5.91 -34.91
CA CYS K 336 -31.71 7.31 -34.71
C CYS K 336 -33.10 7.58 -35.27
N LEU K 337 -33.73 8.63 -34.76
CA LEU K 337 -35.07 9.04 -35.16
C LEU K 337 -35.06 10.51 -35.52
N THR K 338 -35.86 10.90 -36.52
CA THR K 338 -36.09 12.30 -36.82
C THR K 338 -37.53 12.50 -37.23
N TYR K 339 -38.27 13.29 -36.45
CA TYR K 339 -39.60 13.70 -36.86
C TYR K 339 -39.49 14.66 -38.03
N LEU K 340 -40.14 14.32 -39.15
CA LEU K 340 -39.94 15.08 -40.38
C LEU K 340 -41.02 16.11 -40.61
N ASP K 341 -42.24 15.66 -40.89
CA ASP K 341 -43.38 16.52 -41.14
C ASP K 341 -44.58 15.64 -41.43
N ASN K 342 -45.77 16.22 -41.29
CA ASN K 342 -47.02 15.57 -41.72
C ASN K 342 -47.21 14.21 -41.06
N GLY K 343 -46.85 14.12 -39.78
CA GLY K 343 -46.92 12.85 -39.10
C GLY K 343 -45.94 11.81 -39.58
N VAL K 344 -44.97 12.19 -40.43
CA VAL K 344 -43.99 11.27 -40.99
C VAL K 344 -42.71 11.34 -40.16
N VAL K 345 -42.11 10.19 -39.91
CA VAL K 345 -40.88 10.08 -39.16
C VAL K 345 -39.89 9.28 -39.98
N PHE K 346 -38.63 9.73 -40.01
CA PHE K 346 -37.56 8.92 -40.55
C PHE K 346 -36.89 8.14 -39.43
N VAL K 347 -36.72 6.85 -39.67
CA VAL K 347 -36.13 5.92 -38.73
C VAL K 347 -34.83 5.48 -39.39
N GLY K 348 -33.71 6.03 -38.92
CA GLY K 348 -32.40 5.65 -39.39
C GLY K 348 -31.83 4.46 -38.63
N SER K 349 -31.54 3.39 -39.35
CA SER K 349 -31.09 2.15 -38.76
C SER K 349 -29.71 1.79 -39.27
N ARG K 350 -28.90 1.21 -38.39
CA ARG K 350 -27.59 0.65 -38.76
C ARG K 350 -27.62 -0.86 -38.82
N LEU K 351 -28.50 -1.50 -38.07
CA LEU K 351 -28.60 -2.95 -38.02
C LEU K 351 -29.58 -3.50 -39.05
N GLY K 352 -30.41 -2.65 -39.64
CA GLY K 352 -31.35 -3.08 -40.64
C GLY K 352 -31.69 -1.95 -41.58
N ASP K 353 -32.64 -2.18 -42.49
CA ASP K 353 -33.02 -1.15 -43.44
C ASP K 353 -33.57 0.07 -42.72
N SER K 354 -33.26 1.25 -43.25
CA SER K 354 -33.87 2.47 -42.75
C SER K 354 -35.27 2.59 -43.32
N GLN K 355 -36.06 3.50 -42.75
CA GLN K 355 -37.47 3.59 -43.12
C GLN K 355 -37.97 5.03 -43.03
N LEU K 356 -39.00 5.30 -43.83
CA LEU K 356 -39.94 6.38 -43.62
C LEU K 356 -41.27 5.77 -43.21
N VAL K 357 -41.79 6.21 -42.06
CA VAL K 357 -43.03 5.68 -41.51
C VAL K 357 -44.02 6.81 -41.28
N LYS K 358 -45.30 6.47 -41.33
CA LYS K 358 -46.41 7.40 -41.13
C LYS K 358 -47.08 7.11 -39.79
N LEU K 359 -47.40 8.17 -39.05
CA LEU K 359 -48.08 8.08 -37.77
C LEU K 359 -49.52 8.55 -37.95
N ASN K 360 -50.48 7.65 -37.71
CA ASN K 360 -51.89 7.98 -37.80
C ASN K 360 -52.45 8.27 -36.41
N VAL K 361 -53.45 9.17 -36.37
CA VAL K 361 -54.12 9.46 -35.11
C VAL K 361 -54.94 8.27 -34.65
N ASP K 362 -55.49 7.50 -35.59
CA ASP K 362 -56.25 6.29 -35.31
C ASP K 362 -55.45 5.08 -35.71
N SER K 363 -55.64 3.98 -34.98
CA SER K 363 -54.92 2.75 -35.24
C SER K 363 -55.54 2.00 -36.41
N ASN K 364 -54.78 1.04 -36.94
CA ASN K 364 -55.22 0.21 -38.04
C ASN K 364 -55.88 -1.07 -37.49
N GLU K 365 -56.09 -2.05 -38.37
CA GLU K 365 -56.83 -3.25 -38.00
C GLU K 365 -56.11 -4.03 -36.90
N GLN K 366 -54.78 -4.08 -36.96
CA GLN K 366 -53.99 -4.81 -35.98
C GLN K 366 -53.69 -4.00 -34.72
N GLY K 367 -54.20 -2.78 -34.63
CA GLY K 367 -54.00 -1.95 -33.45
C GLY K 367 -52.77 -1.07 -33.48
N SER K 368 -52.14 -0.90 -34.64
CA SER K 368 -50.93 -0.11 -34.77
C SER K 368 -51.26 1.26 -35.35
N TYR K 369 -50.61 2.28 -34.81
CA TYR K 369 -50.70 3.64 -35.32
C TYR K 369 -49.59 3.96 -36.32
N VAL K 370 -48.67 3.02 -36.56
CA VAL K 370 -47.49 3.25 -37.39
C VAL K 370 -47.71 2.57 -38.73
N VAL K 371 -47.38 3.27 -39.81
CA VAL K 371 -47.50 2.74 -41.16
C VAL K 371 -46.23 3.04 -41.91
N ALA K 372 -45.58 2.00 -42.43
CA ALA K 372 -44.38 2.20 -43.22
C ALA K 372 -44.73 2.85 -44.55
N MET K 373 -43.95 3.86 -44.91
CA MET K 373 -44.07 4.54 -46.19
C MET K 373 -43.02 4.13 -47.19
N GLU K 374 -41.77 4.01 -46.75
CA GLU K 374 -40.67 3.68 -47.65
C GLU K 374 -39.59 2.94 -46.86
N THR K 375 -38.84 2.09 -47.57
CA THR K 375 -37.74 1.32 -46.98
C THR K 375 -36.47 1.57 -47.78
N PHE K 376 -35.34 1.60 -47.08
CA PHE K 376 -34.03 1.85 -47.67
C PHE K 376 -33.06 0.77 -47.27
N THR K 377 -32.40 0.18 -48.26
CA THR K 377 -31.57 -0.99 -48.06
C THR K 377 -30.43 -0.73 -47.09
N ASN K 378 -30.21 -1.68 -46.18
CA ASN K 378 -29.00 -1.76 -45.38
C ASN K 378 -28.52 -3.19 -45.43
N LEU K 379 -27.30 -3.39 -45.92
CA LEU K 379 -26.68 -4.69 -45.91
C LEU K 379 -26.01 -5.04 -44.59
N GLY K 380 -25.79 -4.05 -43.73
CA GLY K 380 -24.96 -4.26 -42.57
C GLY K 380 -25.77 -4.65 -41.36
N PRO K 381 -25.16 -5.35 -40.39
CA PRO K 381 -23.81 -5.90 -40.44
C PRO K 381 -23.74 -7.14 -41.31
N ILE K 382 -22.72 -7.17 -42.16
CA ILE K 382 -22.40 -8.35 -42.95
C ILE K 382 -21.48 -9.22 -42.10
N VAL K 383 -22.05 -10.26 -41.49
CA VAL K 383 -21.29 -11.09 -40.57
C VAL K 383 -20.51 -12.18 -41.29
N ASP K 384 -20.97 -12.62 -42.46
CA ASP K 384 -20.28 -13.65 -43.22
C ASP K 384 -20.81 -13.62 -44.64
N MET K 385 -20.03 -14.21 -45.53
CA MET K 385 -20.47 -14.32 -46.92
C MET K 385 -19.65 -15.41 -47.62
N CYS K 386 -20.13 -15.77 -48.79
CA CYS K 386 -19.42 -16.69 -49.67
C CYS K 386 -19.74 -16.30 -51.10
N VAL K 387 -18.96 -16.84 -52.02
CA VAL K 387 -19.14 -16.61 -53.45
C VAL K 387 -19.56 -17.91 -54.10
N VAL K 388 -20.59 -17.83 -54.94
CA VAL K 388 -21.13 -19.00 -55.61
C VAL K 388 -21.58 -18.57 -57.00
N ASP K 389 -21.33 -19.45 -57.98
CA ASP K 389 -21.79 -19.23 -59.35
C ASP K 389 -23.26 -19.65 -59.40
N LEU K 390 -24.11 -18.76 -58.87
CA LEU K 390 -25.50 -19.10 -58.64
C LEU K 390 -26.26 -19.31 -59.94
N GLU K 391 -26.13 -18.38 -60.89
CA GLU K 391 -26.93 -18.41 -62.11
C GLU K 391 -26.16 -18.95 -63.31
N ARG K 392 -24.91 -18.50 -63.51
CA ARG K 392 -24.10 -18.88 -64.66
C ARG K 392 -22.72 -19.30 -64.18
N GLN K 393 -22.16 -20.29 -64.87
CA GLN K 393 -20.79 -20.70 -64.57
C GLN K 393 -19.84 -19.55 -64.86
N GLY K 394 -18.93 -19.29 -63.91
CA GLY K 394 -17.98 -18.20 -64.05
C GLY K 394 -18.52 -16.83 -63.67
N GLN K 395 -19.82 -16.71 -63.43
CA GLN K 395 -20.44 -15.44 -63.01
C GLN K 395 -20.72 -15.57 -61.52
N GLY K 396 -19.74 -15.15 -60.72
CA GLY K 396 -19.88 -15.26 -59.28
C GLY K 396 -20.90 -14.27 -58.74
N GLN K 397 -21.66 -14.72 -57.76
CA GLN K 397 -22.54 -13.88 -56.97
C GLN K 397 -22.15 -14.03 -55.51
N LEU K 398 -22.39 -12.99 -54.73
CA LEU K 398 -22.06 -13.01 -53.32
C LEU K 398 -23.32 -13.27 -52.51
N VAL K 399 -23.23 -14.21 -51.58
CA VAL K 399 -24.33 -14.54 -50.70
C VAL K 399 -23.86 -14.22 -49.30
N THR K 400 -24.50 -13.24 -48.67
CA THR K 400 -24.14 -12.74 -47.36
C THR K 400 -25.22 -13.08 -46.34
N CYS K 401 -24.76 -13.40 -45.14
CA CYS K 401 -25.60 -13.38 -43.95
C CYS K 401 -25.68 -11.92 -43.51
N SER K 402 -26.85 -11.31 -43.70
CA SER K 402 -27.02 -9.89 -43.47
C SER K 402 -28.01 -9.68 -42.33
N GLY K 403 -27.92 -8.50 -41.72
CA GLY K 403 -28.85 -8.12 -40.70
C GLY K 403 -28.61 -8.83 -39.39
N ALA K 404 -29.54 -8.53 -38.50
CA ALA K 404 -29.61 -9.03 -37.14
C ALA K 404 -31.10 -9.20 -36.93
N PHE K 405 -31.51 -9.29 -35.68
CA PHE K 405 -32.75 -9.89 -35.16
C PHE K 405 -33.91 -9.77 -36.15
N LYS K 406 -35.14 -9.46 -35.73
CA LYS K 406 -36.27 -9.47 -36.68
C LYS K 406 -35.98 -8.84 -38.05
N GLU K 407 -34.99 -7.96 -38.17
CA GLU K 407 -34.54 -7.44 -39.46
C GLU K 407 -33.62 -8.39 -40.22
N GLY K 408 -33.23 -9.52 -39.63
CA GLY K 408 -32.20 -10.35 -40.23
C GLY K 408 -32.63 -10.95 -41.56
N SER K 409 -31.64 -11.24 -42.40
CA SER K 409 -31.93 -11.67 -43.76
C SER K 409 -30.70 -12.36 -44.35
N LEU K 410 -30.93 -13.05 -45.46
CA LEU K 410 -29.87 -13.31 -46.43
C LEU K 410 -29.97 -12.35 -47.58
N ARG K 411 -28.82 -11.95 -48.10
CA ARG K 411 -28.76 -11.05 -49.25
C ARG K 411 -27.91 -11.70 -50.32
N ILE K 412 -28.41 -11.67 -51.54
CA ILE K 412 -27.74 -12.28 -52.68
C ILE K 412 -27.49 -11.18 -53.69
N ILE K 413 -26.23 -10.83 -53.87
CA ILE K 413 -25.82 -9.64 -54.60
C ILE K 413 -25.12 -10.08 -55.88
N ARG K 414 -25.51 -9.47 -57.00
CA ARG K 414 -24.86 -9.68 -58.28
C ARG K 414 -24.87 -8.35 -59.02
N ASN K 415 -23.99 -8.20 -60.00
CA ASN K 415 -23.91 -6.96 -60.75
C ASN K 415 -24.95 -6.93 -61.85
N GLY K 416 -25.40 -5.73 -62.19
CA GLY K 416 -26.27 -5.52 -63.32
C GLY K 416 -27.74 -5.71 -63.00
N LYS K 732 -27.24 -0.46 -60.18
CA LYS K 732 -26.06 -1.07 -60.78
C LYS K 732 -26.02 -2.56 -60.49
N LEU K 733 -26.39 -2.91 -59.26
CA LEU K 733 -26.38 -4.29 -58.79
C LEU K 733 -27.79 -4.70 -58.43
N HIS K 734 -28.05 -5.99 -58.47
CA HIS K 734 -29.30 -6.59 -58.02
C HIS K 734 -29.05 -7.32 -56.71
N ILE K 735 -29.93 -7.08 -55.73
CA ILE K 735 -29.87 -7.71 -54.42
C ILE K 735 -31.21 -8.38 -54.20
N ARG K 736 -31.18 -9.70 -53.99
CA ARG K 736 -32.35 -10.44 -53.55
C ARG K 736 -32.31 -10.60 -52.04
N THR K 737 -33.46 -10.40 -51.41
CA THR K 737 -33.59 -10.45 -49.97
C THR K 737 -34.41 -11.67 -49.56
N VAL K 738 -33.88 -12.42 -48.61
CA VAL K 738 -34.58 -13.54 -48.00
C VAL K 738 -34.74 -13.23 -46.52
N PRO K 739 -35.89 -12.70 -46.10
CA PRO K 739 -36.06 -12.39 -44.68
C PRO K 739 -36.03 -13.64 -43.83
N LEU K 740 -35.28 -13.56 -42.74
CA LEU K 740 -35.15 -14.63 -41.77
C LEU K 740 -35.81 -14.32 -40.46
N TYR K 741 -35.88 -13.05 -40.10
CA TYR K 741 -36.42 -12.60 -38.82
C TYR K 741 -35.65 -13.17 -37.63
N GLU K 742 -34.41 -13.58 -37.83
CA GLU K 742 -33.50 -13.96 -36.76
C GLU K 742 -32.09 -13.77 -37.28
N SER K 743 -31.12 -14.03 -36.42
CA SER K 743 -29.75 -13.65 -36.71
C SER K 743 -29.02 -14.74 -37.47
N PRO K 744 -28.65 -14.56 -38.75
CA PRO K 744 -27.74 -15.51 -39.38
C PRO K 744 -26.30 -15.24 -38.98
N ARG K 745 -25.50 -16.30 -38.96
CA ARG K 745 -24.13 -16.25 -38.46
C ARG K 745 -23.09 -16.66 -39.50
N LYS K 746 -23.28 -17.78 -40.18
CA LYS K 746 -22.30 -18.29 -41.11
C LYS K 746 -23.02 -19.06 -42.21
N ILE K 747 -22.35 -19.21 -43.35
CA ILE K 747 -22.92 -19.88 -44.51
C ILE K 747 -21.84 -20.69 -45.21
N CYS K 748 -22.26 -21.80 -45.79
CA CYS K 748 -21.44 -22.57 -46.70
C CYS K 748 -22.35 -23.15 -47.77
N TYR K 749 -21.73 -23.55 -48.88
CA TYR K 749 -22.43 -24.14 -50.01
C TYR K 749 -22.00 -25.60 -50.15
N GLN K 750 -22.98 -26.47 -50.41
CA GLN K 750 -22.76 -27.90 -50.59
C GLN K 750 -23.36 -28.28 -51.94
N GLU K 751 -22.50 -28.31 -52.97
CA GLU K 751 -22.96 -28.41 -54.34
C GLU K 751 -23.70 -29.72 -54.61
N VAL K 752 -23.21 -30.82 -54.04
CA VAL K 752 -23.79 -32.12 -54.36
C VAL K 752 -25.25 -32.22 -53.94
N SER K 753 -25.63 -31.50 -52.88
CA SER K 753 -27.01 -31.44 -52.43
C SER K 753 -27.76 -30.26 -53.03
N GLN K 754 -27.06 -29.35 -53.73
CA GLN K 754 -27.66 -28.19 -54.36
C GLN K 754 -28.42 -27.34 -53.33
N CYS K 755 -27.79 -27.11 -52.18
CA CYS K 755 -28.39 -26.34 -51.11
C CYS K 755 -27.30 -25.62 -50.31
N PHE K 756 -27.74 -24.75 -49.42
CA PHE K 756 -26.86 -24.04 -48.49
C PHE K 756 -27.18 -24.42 -47.06
N GLY K 757 -26.14 -24.41 -46.23
CA GLY K 757 -26.28 -24.53 -44.79
C GLY K 757 -25.98 -23.20 -44.17
N VAL K 758 -26.85 -22.78 -43.25
CA VAL K 758 -26.71 -21.49 -42.58
C VAL K 758 -26.99 -21.67 -41.11
N LEU K 759 -26.05 -21.23 -40.28
CA LEU K 759 -26.33 -21.16 -38.85
C LEU K 759 -27.12 -19.90 -38.57
N SER K 760 -28.11 -20.02 -37.68
CA SER K 760 -28.90 -18.87 -37.26
C SER K 760 -29.25 -19.01 -35.78
N SER K 761 -29.74 -17.91 -35.21
CA SER K 761 -30.06 -17.90 -33.79
C SER K 761 -31.15 -16.87 -33.52
N ARG K 762 -32.04 -17.20 -32.59
CA ARG K 762 -33.12 -16.30 -32.18
C ARG K 762 -33.17 -16.18 -30.66
N ILE K 763 -33.72 -15.05 -30.20
CA ILE K 763 -33.92 -14.81 -28.78
C ILE K 763 -35.27 -15.40 -28.37
N GLU K 764 -35.30 -16.04 -27.20
CA GLU K 764 -36.52 -16.47 -26.55
C GLU K 764 -36.46 -16.05 -25.10
N VAL K 765 -37.64 -15.85 -24.50
CA VAL K 765 -37.78 -15.44 -23.11
C VAL K 765 -38.55 -16.51 -22.35
N GLN K 766 -38.34 -16.55 -21.04
CA GLN K 766 -38.97 -17.57 -20.20
C GLN K 766 -40.48 -17.51 -20.32
N ASP K 767 -41.12 -18.68 -20.32
CA ASP K 767 -42.56 -18.78 -20.38
C ASP K 767 -43.11 -18.76 -18.95
N THR K 768 -44.41 -19.05 -18.80
CA THR K 768 -45.04 -19.00 -17.49
C THR K 768 -44.65 -20.21 -16.64
N SER K 769 -44.73 -21.41 -17.21
CA SER K 769 -44.41 -22.64 -16.47
C SER K 769 -43.92 -23.68 -17.48
N GLY K 770 -42.60 -23.79 -17.60
CA GLY K 770 -42.00 -24.73 -18.52
C GLY K 770 -40.59 -24.31 -18.91
N GLY K 771 -40.32 -24.26 -20.22
CA GLY K 771 -39.03 -23.84 -20.73
C GLY K 771 -39.04 -22.39 -21.14
N THR K 772 -38.86 -22.13 -22.44
CA THR K 772 -38.84 -20.78 -22.98
C THR K 772 -39.76 -20.72 -24.20
N THR K 773 -40.17 -19.50 -24.53
CA THR K 773 -41.06 -19.21 -25.63
C THR K 773 -40.46 -18.07 -26.45
N ALA K 774 -40.64 -18.14 -27.77
CA ALA K 774 -40.11 -17.10 -28.64
C ALA K 774 -40.99 -15.86 -28.59
N LEU K 775 -40.38 -14.71 -28.86
CA LEU K 775 -41.08 -13.44 -28.84
C LEU K 775 -41.72 -13.09 -30.18
N ARG K 776 -41.36 -13.79 -31.24
CA ARG K 776 -41.95 -13.56 -32.55
C ARG K 776 -41.67 -14.77 -33.44
N PRO K 777 -42.33 -14.88 -34.59
CA PRO K 777 -41.99 -15.96 -35.52
C PRO K 777 -40.71 -15.65 -36.27
N SER K 778 -40.02 -16.72 -36.66
CA SER K 778 -38.77 -16.58 -37.40
C SER K 778 -38.56 -17.81 -38.28
N ALA K 779 -37.49 -17.76 -39.07
CA ALA K 779 -37.20 -18.81 -40.04
C ALA K 779 -37.10 -20.18 -39.38
N SER K 780 -36.40 -20.26 -38.25
CA SER K 780 -36.23 -21.53 -37.56
C SER K 780 -37.55 -22.08 -37.03
N THR K 781 -38.56 -21.22 -36.87
CA THR K 781 -39.89 -21.64 -36.44
C THR K 781 -40.85 -21.80 -37.61
N GLN K 782 -40.41 -21.50 -38.84
CA GLN K 782 -41.24 -21.57 -40.03
C GLN K 782 -40.60 -22.43 -41.11
N ALA K 783 -39.68 -23.31 -40.74
CA ALA K 783 -39.06 -24.20 -41.69
C ALA K 783 -40.05 -25.25 -42.18
N LEU K 784 -39.74 -25.82 -43.34
CA LEU K 784 -40.59 -26.86 -43.91
C LEU K 784 -40.54 -28.12 -43.05
N SER K 785 -39.36 -28.49 -42.57
CA SER K 785 -39.19 -29.61 -41.66
C SER K 785 -38.14 -29.25 -40.62
N SER K 786 -38.07 -30.06 -39.56
CA SER K 786 -37.14 -29.79 -38.48
C SER K 786 -36.68 -31.09 -37.84
N SER K 787 -35.50 -31.03 -37.22
CA SER K 787 -34.89 -32.19 -36.56
C SER K 787 -34.12 -31.70 -35.33
N VAL K 788 -34.68 -31.92 -34.14
CA VAL K 788 -33.99 -31.56 -32.92
C VAL K 788 -32.78 -32.47 -32.74
N SER K 789 -31.74 -31.94 -32.10
CA SER K 789 -30.52 -32.71 -31.85
C SER K 789 -30.76 -33.68 -30.70
N SER K 790 -30.66 -34.97 -30.98
CA SER K 790 -30.74 -36.02 -29.98
C SER K 790 -29.36 -36.37 -29.41
N SER K 791 -28.39 -35.48 -29.52
CA SER K 791 -27.04 -35.79 -29.06
C SER K 791 -26.99 -35.79 -27.53
N LYS K 792 -26.24 -36.74 -26.99
CA LYS K 792 -26.01 -36.88 -25.57
C LYS K 792 -24.54 -37.16 -25.32
N LEU K 793 -23.67 -36.42 -26.02
CA LEU K 793 -22.24 -36.73 -25.99
C LEU K 793 -21.62 -36.36 -24.65
N PHE K 794 -22.12 -35.29 -24.01
CA PHE K 794 -21.63 -34.86 -22.71
C PHE K 794 -22.76 -34.47 -21.77
N SER K 795 -24.03 -34.62 -22.19
CA SER K 795 -25.13 -34.49 -21.25
C SER K 795 -24.96 -35.45 -20.08
N SER K 796 -24.31 -36.59 -20.31
CA SER K 796 -23.91 -37.51 -19.25
C SER K 796 -22.48 -37.20 -18.82
N SER K 797 -22.20 -37.45 -17.54
CA SER K 797 -20.86 -37.26 -16.97
C SER K 797 -20.40 -35.81 -17.11
N THR K 798 -21.32 -34.88 -16.87
CA THR K 798 -21.02 -33.45 -16.88
C THR K 798 -21.78 -32.81 -15.74
N ALA K 799 -21.05 -32.21 -14.80
CA ALA K 799 -21.65 -31.52 -13.67
C ALA K 799 -22.60 -30.43 -14.17
N PRO K 800 -23.92 -30.58 -14.05
CA PRO K 800 -24.81 -29.56 -14.61
C PRO K 800 -24.70 -28.23 -13.86
N HIS K 801 -24.91 -27.15 -14.59
CA HIS K 801 -24.86 -25.80 -14.06
C HIS K 801 -26.27 -25.23 -14.07
N GLU K 802 -26.75 -24.83 -12.89
CA GLU K 802 -28.11 -24.35 -12.74
C GLU K 802 -28.33 -23.08 -13.57
N THR K 803 -29.61 -22.71 -13.69
CA THR K 803 -30.03 -21.52 -14.40
C THR K 803 -31.20 -20.88 -13.66
N SER K 804 -31.14 -19.57 -13.50
CA SER K 804 -32.13 -18.85 -12.71
C SER K 804 -33.26 -18.30 -13.60
N PHE K 805 -34.31 -17.84 -12.96
CA PHE K 805 -35.44 -17.23 -13.65
C PHE K 805 -35.10 -15.81 -14.09
N GLY K 806 -35.81 -15.34 -15.11
CA GLY K 806 -35.59 -14.04 -15.69
C GLY K 806 -34.63 -14.02 -16.86
N GLU K 807 -33.70 -14.97 -16.91
CA GLU K 807 -32.71 -15.02 -17.97
C GLU K 807 -33.36 -15.43 -19.29
N GLU K 808 -33.18 -14.61 -20.32
CA GLU K 808 -33.55 -14.99 -21.67
C GLU K 808 -32.47 -15.90 -22.27
N VAL K 809 -32.88 -16.68 -23.26
CA VAL K 809 -32.00 -17.69 -23.86
C VAL K 809 -31.95 -17.49 -25.36
N GLU K 810 -30.86 -17.95 -25.96
CA GLU K 810 -30.70 -17.95 -27.40
C GLU K 810 -30.84 -19.38 -27.91
N VAL K 811 -31.62 -19.54 -28.97
CA VAL K 811 -31.85 -20.83 -29.60
C VAL K 811 -31.20 -20.79 -30.97
N HIS K 812 -30.22 -21.68 -31.17
CA HIS K 812 -29.45 -21.77 -32.40
C HIS K 812 -29.97 -22.90 -33.25
N ASN K 813 -29.84 -22.73 -34.57
CA ASN K 813 -30.35 -23.68 -35.55
C ASN K 813 -29.41 -23.74 -36.72
N LEU K 814 -29.39 -24.91 -37.38
CA LEU K 814 -28.78 -25.05 -38.70
C LEU K 814 -29.92 -25.15 -39.71
N LEU K 815 -29.95 -24.20 -40.63
CA LEU K 815 -30.97 -24.15 -41.67
C LEU K 815 -30.40 -24.68 -42.97
N ILE K 816 -31.15 -25.57 -43.59
CA ILE K 816 -30.88 -26.07 -44.92
C ILE K 816 -31.81 -25.34 -45.86
N ILE K 817 -31.21 -24.60 -46.80
CA ILE K 817 -31.89 -23.60 -47.62
C ILE K 817 -31.69 -23.99 -49.08
N ASP K 818 -32.78 -23.96 -49.84
CA ASP K 818 -32.70 -24.29 -51.25
C ASP K 818 -31.98 -23.20 -52.02
N GLN K 819 -31.03 -23.59 -52.87
CA GLN K 819 -30.27 -22.59 -53.62
C GLN K 819 -31.12 -21.90 -54.68
N HIS K 820 -32.20 -22.54 -55.13
CA HIS K 820 -33.01 -21.99 -56.22
C HIS K 820 -34.16 -21.16 -55.69
N THR K 821 -34.91 -21.71 -54.72
CA THR K 821 -36.10 -21.05 -54.20
C THR K 821 -35.82 -20.28 -52.92
N PHE K 822 -34.69 -20.53 -52.26
CA PHE K 822 -34.38 -19.94 -50.96
C PHE K 822 -35.45 -20.25 -49.91
N GLU K 823 -36.15 -21.37 -50.09
CA GLU K 823 -37.08 -21.83 -49.08
C GLU K 823 -36.33 -22.51 -47.96
N VAL K 824 -36.90 -22.43 -46.75
CA VAL K 824 -36.31 -23.08 -45.60
C VAL K 824 -36.70 -24.55 -45.68
N LEU K 825 -35.80 -25.37 -46.21
CA LEU K 825 -36.07 -26.79 -46.39
C LEU K 825 -35.99 -27.54 -45.07
N HIS K 826 -35.02 -27.20 -44.23
CA HIS K 826 -34.89 -27.89 -42.94
C HIS K 826 -34.33 -26.94 -41.90
N ALA K 827 -34.65 -27.20 -40.62
CA ALA K 827 -34.08 -26.47 -39.50
C ALA K 827 -33.78 -27.44 -38.36
N HIS K 828 -32.50 -27.60 -38.04
CA HIS K 828 -32.05 -28.51 -37.01
C HIS K 828 -31.66 -27.69 -35.78
N GLN K 829 -32.45 -27.82 -34.71
CA GLN K 829 -32.23 -27.05 -33.49
C GLN K 829 -31.27 -27.81 -32.57
N PHE K 830 -30.29 -27.08 -32.04
CA PHE K 830 -29.31 -27.66 -31.13
C PHE K 830 -29.81 -27.60 -29.70
N LEU K 831 -29.00 -28.13 -28.78
CA LEU K 831 -29.40 -28.25 -27.40
C LEU K 831 -29.56 -26.87 -26.76
N GLN K 832 -30.27 -26.84 -25.65
CA GLN K 832 -30.41 -25.62 -24.88
C GLN K 832 -29.05 -25.13 -24.42
N ASN K 833 -28.83 -23.82 -24.56
CA ASN K 833 -27.58 -23.15 -24.19
C ASN K 833 -26.40 -23.56 -25.04
N GLU K 834 -26.62 -24.30 -26.12
CA GLU K 834 -25.57 -24.69 -27.04
C GLU K 834 -25.59 -23.76 -28.24
N TYR K 835 -24.47 -23.08 -28.46
CA TYR K 835 -24.33 -22.12 -29.55
C TYR K 835 -23.55 -22.76 -30.67
N ALA K 836 -24.14 -22.78 -31.86
CA ALA K 836 -23.46 -23.22 -33.06
C ALA K 836 -22.71 -22.03 -33.62
N LEU K 837 -21.40 -22.16 -33.78
CA LEU K 837 -20.55 -21.01 -34.04
C LEU K 837 -19.88 -21.04 -35.39
N SER K 838 -19.54 -22.23 -35.90
CA SER K 838 -18.83 -22.34 -37.15
C SER K 838 -19.38 -23.50 -37.96
N LEU K 839 -19.21 -23.40 -39.28
CA LEU K 839 -19.76 -24.37 -40.20
C LEU K 839 -18.91 -24.43 -41.45
N VAL K 840 -18.69 -25.64 -41.96
CA VAL K 840 -18.05 -25.84 -43.26
C VAL K 840 -18.71 -27.05 -43.90
N SER K 841 -18.78 -27.00 -45.24
CA SER K 841 -19.21 -28.13 -46.06
C SER K 841 -18.03 -28.53 -46.92
N CYS K 842 -17.64 -29.80 -46.83
CA CYS K 842 -16.46 -30.25 -47.54
C CYS K 842 -16.42 -31.77 -47.49
N LYS K 843 -15.62 -32.33 -48.38
CA LYS K 843 -15.30 -33.75 -48.39
C LYS K 843 -13.92 -33.97 -47.78
N LEU K 844 -13.73 -35.14 -47.17
CA LEU K 844 -12.48 -35.49 -46.52
C LEU K 844 -12.06 -36.90 -46.91
N GLY K 845 -10.75 -37.08 -47.02
CA GLY K 845 -10.17 -38.40 -47.26
C GLY K 845 -10.68 -39.06 -48.51
N LYS K 846 -10.84 -40.37 -48.43
CA LYS K 846 -11.32 -41.20 -49.54
C LYS K 846 -12.83 -41.40 -49.50
N ASP K 847 -13.53 -40.70 -48.61
CA ASP K 847 -14.95 -40.93 -48.41
C ASP K 847 -15.74 -40.18 -49.47
N PRO K 848 -16.59 -40.84 -50.27
CA PRO K 848 -17.30 -40.11 -51.33
C PRO K 848 -18.50 -39.30 -50.87
N ASN K 849 -18.90 -39.42 -49.61
CA ASN K 849 -19.99 -38.59 -49.12
C ASN K 849 -19.50 -37.18 -48.85
N THR K 850 -20.42 -36.22 -48.99
CA THR K 850 -20.17 -34.83 -48.64
C THR K 850 -20.91 -34.52 -47.35
N TYR K 851 -20.22 -33.85 -46.43
CA TYR K 851 -20.74 -33.62 -45.09
C TYR K 851 -20.85 -32.13 -44.77
N PHE K 852 -21.77 -31.83 -43.87
CA PHE K 852 -21.82 -30.56 -43.17
C PHE K 852 -21.13 -30.72 -41.82
N ILE K 853 -20.16 -29.86 -41.54
CA ILE K 853 -19.38 -29.94 -40.32
C ILE K 853 -19.65 -28.69 -39.51
N VAL K 854 -20.03 -28.87 -38.24
CA VAL K 854 -20.44 -27.79 -37.35
C VAL K 854 -19.55 -27.81 -36.13
N GLY K 855 -19.15 -26.63 -35.67
CA GLY K 855 -18.45 -26.46 -34.40
C GLY K 855 -19.37 -25.71 -33.43
N THR K 856 -19.37 -26.16 -32.17
CA THR K 856 -20.29 -25.61 -31.18
C THR K 856 -19.57 -25.27 -29.88
N ALA K 857 -20.33 -24.65 -28.99
CA ALA K 857 -19.87 -24.31 -27.65
C ALA K 857 -21.04 -24.32 -26.69
N MET K 858 -20.82 -24.83 -25.48
CA MET K 858 -21.79 -24.72 -24.41
C MET K 858 -21.57 -23.39 -23.72
N VAL K 859 -22.61 -22.56 -23.67
CA VAL K 859 -22.51 -21.18 -23.23
C VAL K 859 -23.28 -21.03 -21.94
N TYR K 860 -22.58 -20.57 -20.91
CA TYR K 860 -23.17 -20.16 -19.65
C TYR K 860 -22.70 -18.75 -19.35
N PRO K 861 -23.51 -17.93 -18.68
CA PRO K 861 -23.16 -16.50 -18.57
C PRO K 861 -21.94 -16.22 -17.72
N GLU K 862 -21.67 -17.01 -16.70
CA GLU K 862 -20.65 -16.69 -15.71
C GLU K 862 -19.26 -17.21 -16.03
N GLU K 863 -19.07 -17.92 -17.15
CA GLU K 863 -17.77 -18.53 -17.43
C GLU K 863 -16.89 -17.56 -18.19
N ALA K 864 -15.65 -17.40 -17.71
CA ALA K 864 -14.70 -16.49 -18.35
C ALA K 864 -14.18 -17.04 -19.67
N GLU K 865 -14.42 -18.32 -19.96
CA GLU K 865 -13.99 -18.90 -21.22
C GLU K 865 -14.72 -20.22 -21.37
N PRO K 866 -15.09 -20.61 -22.60
CA PRO K 866 -15.76 -21.91 -22.76
C PRO K 866 -14.83 -23.07 -22.45
N LYS K 867 -15.40 -24.11 -21.83
CA LYS K 867 -14.66 -25.31 -21.46
C LYS K 867 -15.15 -26.55 -22.18
N GLN K 868 -16.08 -26.42 -23.12
CA GLN K 868 -16.71 -27.57 -23.74
C GLN K 868 -17.11 -27.22 -25.16
N GLY K 869 -16.99 -28.18 -26.06
CA GLY K 869 -17.48 -28.00 -27.41
C GLY K 869 -17.52 -29.31 -28.16
N ARG K 870 -18.08 -29.25 -29.37
CA ARG K 870 -18.15 -30.40 -30.26
C ARG K 870 -17.81 -30.00 -31.68
N ILE K 871 -17.30 -30.98 -32.40
CA ILE K 871 -17.33 -31.01 -33.86
C ILE K 871 -18.34 -32.08 -34.22
N VAL K 872 -19.28 -31.73 -35.10
CA VAL K 872 -20.37 -32.62 -35.48
C VAL K 872 -20.38 -32.75 -37.00
N VAL K 873 -20.37 -33.98 -37.48
CA VAL K 873 -20.38 -34.30 -38.90
C VAL K 873 -21.76 -34.82 -39.24
N PHE K 874 -22.46 -34.10 -40.13
CA PHE K 874 -23.78 -34.43 -40.63
C PHE K 874 -23.68 -34.84 -42.09
N GLN K 875 -24.58 -35.72 -42.52
CA GLN K 875 -24.81 -36.01 -43.93
C GLN K 875 -26.25 -35.66 -44.27
N TYR K 876 -26.43 -35.04 -45.42
CA TYR K 876 -27.75 -34.65 -45.91
C TYR K 876 -28.22 -35.64 -46.96
N SER K 877 -29.36 -36.26 -46.71
CA SER K 877 -29.98 -37.15 -47.66
C SER K 877 -31.44 -37.33 -47.28
N ASP K 878 -32.29 -37.43 -48.30
CA ASP K 878 -33.73 -37.60 -48.10
C ASP K 878 -34.32 -36.44 -47.30
N GLY K 879 -33.85 -35.23 -47.58
CA GLY K 879 -34.48 -34.06 -47.03
C GLY K 879 -34.25 -33.81 -45.57
N LYS K 880 -33.25 -34.45 -44.96
CA LYS K 880 -33.02 -34.31 -43.54
C LYS K 880 -31.52 -34.44 -43.26
N LEU K 881 -31.11 -33.85 -42.14
CA LEU K 881 -29.77 -33.99 -41.62
C LEU K 881 -29.70 -35.24 -40.74
N GLN K 882 -28.69 -36.07 -40.98
CA GLN K 882 -28.39 -37.23 -40.13
C GLN K 882 -27.04 -37.01 -39.46
N THR K 883 -27.01 -37.21 -38.15
CA THR K 883 -25.77 -37.09 -37.41
C THR K 883 -24.89 -38.30 -37.74
N VAL K 884 -23.77 -38.05 -38.42
CA VAL K 884 -22.86 -39.11 -38.81
C VAL K 884 -21.81 -39.35 -37.74
N ALA K 885 -21.28 -38.29 -37.15
CA ALA K 885 -20.19 -38.47 -36.19
C ALA K 885 -20.07 -37.24 -35.30
N GLU K 886 -19.39 -37.44 -34.17
CA GLU K 886 -19.15 -36.37 -33.21
C GLU K 886 -17.74 -36.51 -32.64
N LYS K 887 -17.22 -35.38 -32.17
CA LYS K 887 -15.93 -35.32 -31.48
C LYS K 887 -16.08 -34.31 -30.36
N GLU K 888 -15.88 -34.77 -29.13
CA GLU K 888 -16.00 -33.91 -27.96
C GLU K 888 -14.66 -33.29 -27.63
N VAL K 889 -14.67 -32.02 -27.24
CA VAL K 889 -13.46 -31.32 -26.84
C VAL K 889 -13.78 -30.47 -25.62
N LYS K 890 -12.72 -30.13 -24.89
CA LYS K 890 -12.83 -29.37 -23.65
C LYS K 890 -12.61 -27.88 -23.94
N GLY K 891 -13.48 -27.33 -24.77
CA GLY K 891 -13.39 -25.93 -25.09
C GLY K 891 -14.24 -25.59 -26.30
N ALA K 892 -14.25 -24.31 -26.62
CA ALA K 892 -15.02 -23.80 -27.76
C ALA K 892 -14.29 -24.08 -29.06
N VAL K 893 -15.02 -24.59 -30.04
CA VAL K 893 -14.46 -24.90 -31.36
C VAL K 893 -14.60 -23.63 -32.18
N TYR K 894 -13.57 -22.79 -32.14
CA TYR K 894 -13.69 -21.48 -32.74
C TYR K 894 -13.62 -21.55 -34.27
N SER K 895 -12.91 -22.53 -34.81
CA SER K 895 -12.64 -22.54 -36.25
C SER K 895 -12.42 -23.96 -36.73
N MET K 896 -12.78 -24.17 -38.00
CA MET K 896 -12.50 -25.41 -38.71
C MET K 896 -12.28 -25.09 -40.18
N VAL K 897 -11.37 -25.82 -40.81
CA VAL K 897 -11.03 -25.60 -42.21
C VAL K 897 -10.62 -26.92 -42.83
N GLU K 898 -11.04 -27.13 -44.07
CA GLU K 898 -10.54 -28.25 -44.86
C GLU K 898 -9.11 -27.95 -45.29
N PHE K 899 -8.23 -28.94 -45.12
CA PHE K 899 -6.80 -28.75 -45.37
C PHE K 899 -6.25 -30.03 -46.02
N ASN K 900 -6.13 -30.01 -47.34
CA ASN K 900 -5.52 -31.11 -48.11
C ASN K 900 -6.18 -32.44 -47.79
N GLY K 901 -7.50 -32.45 -47.81
CA GLY K 901 -8.25 -33.64 -47.48
C GLY K 901 -8.33 -33.96 -46.01
N LYS K 902 -7.76 -33.12 -45.15
CA LYS K 902 -7.84 -33.26 -43.70
C LYS K 902 -8.57 -32.05 -43.14
N LEU K 903 -8.92 -32.14 -41.85
CA LEU K 903 -9.67 -31.10 -41.18
C LEU K 903 -8.78 -30.46 -40.12
N LEU K 904 -8.48 -29.19 -40.29
CA LEU K 904 -7.79 -28.42 -39.27
C LEU K 904 -8.85 -27.71 -38.45
N ALA K 905 -8.66 -27.71 -37.13
CA ALA K 905 -9.63 -27.12 -36.23
C ALA K 905 -8.90 -26.39 -35.11
N SER K 906 -9.48 -25.26 -34.70
CA SER K 906 -8.99 -24.51 -33.57
C SER K 906 -9.95 -24.67 -32.41
N ILE K 907 -9.43 -25.17 -31.31
CA ILE K 907 -10.16 -25.33 -30.06
C ILE K 907 -9.31 -24.50 -29.11
N ASN K 908 -9.87 -24.09 -27.97
CA ASN K 908 -9.45 -22.90 -27.23
C ASN K 908 -8.00 -22.43 -27.38
N SER K 909 -7.02 -23.22 -26.93
CA SER K 909 -5.61 -22.87 -27.05
C SER K 909 -4.84 -23.85 -27.92
N THR K 910 -5.53 -24.75 -28.61
CA THR K 910 -4.94 -25.81 -29.41
C THR K 910 -5.39 -25.70 -30.87
N VAL K 911 -4.50 -26.12 -31.75
CA VAL K 911 -4.82 -26.34 -33.16
C VAL K 911 -4.57 -27.80 -33.43
N ARG K 912 -5.56 -28.48 -33.98
CA ARG K 912 -5.51 -29.92 -34.17
C ARG K 912 -5.84 -30.26 -35.61
N LEU K 913 -5.07 -31.17 -36.19
CA LEU K 913 -5.33 -31.68 -37.53
C LEU K 913 -5.86 -33.10 -37.43
N TYR K 914 -7.04 -33.33 -37.98
CA TYR K 914 -7.73 -34.61 -37.94
C TYR K 914 -7.80 -35.20 -39.34
N GLU K 915 -7.61 -36.52 -39.43
CA GLU K 915 -7.90 -37.28 -40.63
C GLU K 915 -9.24 -38.00 -40.46
N TRP K 916 -9.95 -38.12 -41.57
CA TRP K 916 -11.24 -38.82 -41.61
C TRP K 916 -10.98 -40.26 -41.99
N THR K 917 -11.18 -41.16 -41.05
CA THR K 917 -10.80 -42.54 -41.25
C THR K 917 -11.87 -43.28 -42.04
N THR K 918 -11.50 -44.49 -42.50
CA THR K 918 -12.45 -45.34 -43.21
C THR K 918 -13.66 -45.67 -42.36
N GLU K 919 -13.49 -45.72 -41.04
CA GLU K 919 -14.56 -45.99 -40.11
C GLU K 919 -15.33 -44.74 -39.70
N LYS K 920 -15.14 -43.63 -40.42
CA LYS K 920 -15.85 -42.39 -40.15
C LYS K 920 -15.59 -41.88 -38.74
N GLU K 921 -14.33 -41.60 -38.45
CA GLU K 921 -13.92 -40.98 -37.21
C GLU K 921 -12.77 -40.03 -37.50
N LEU K 922 -12.66 -39.02 -36.64
CA LEU K 922 -11.55 -38.09 -36.68
C LEU K 922 -10.39 -38.65 -35.86
N ARG K 923 -9.19 -38.61 -36.42
CA ARG K 923 -7.99 -39.10 -35.75
C ARG K 923 -6.88 -38.06 -35.79
N THR K 924 -6.25 -37.81 -34.66
CA THR K 924 -5.23 -36.77 -34.56
C THR K 924 -3.99 -37.17 -35.33
N GLU K 925 -3.55 -36.31 -36.24
CA GLU K 925 -2.22 -36.41 -36.84
C GLU K 925 -1.22 -35.59 -36.05
N CYS K 926 -1.49 -34.31 -35.86
CA CYS K 926 -0.57 -33.42 -35.19
C CYS K 926 -1.32 -32.24 -34.61
N ASN K 927 -0.64 -31.57 -33.69
CA ASN K 927 -1.18 -30.44 -32.97
C ASN K 927 -0.15 -29.33 -32.92
N HIS K 928 -0.63 -28.09 -32.85
CA HIS K 928 0.20 -26.93 -32.56
C HIS K 928 -0.43 -26.17 -31.40
N TYR K 929 0.41 -25.73 -30.46
CA TYR K 929 -0.07 -25.22 -29.18
C TYR K 929 0.29 -23.77 -28.90
N ASN K 930 1.20 -23.16 -29.66
CA ASN K 930 1.70 -21.84 -29.30
C ASN K 930 0.72 -20.77 -29.78
N ASN K 931 -0.46 -20.81 -29.18
CA ASN K 931 -1.49 -19.80 -29.41
C ASN K 931 -2.19 -19.53 -28.09
N ILE K 932 -2.79 -18.35 -28.03
CA ILE K 932 -3.77 -18.03 -26.99
C ILE K 932 -5.16 -18.43 -27.43
N MET K 933 -5.55 -17.99 -28.62
CA MET K 933 -6.83 -18.37 -29.18
C MET K 933 -6.76 -18.15 -30.68
N ALA K 934 -6.77 -19.24 -31.44
CA ALA K 934 -6.67 -19.20 -32.90
C ALA K 934 -8.07 -19.01 -33.47
N LEU K 935 -8.38 -17.79 -33.88
CA LEU K 935 -9.76 -17.44 -34.21
C LEU K 935 -10.08 -17.51 -35.69
N TYR K 936 -9.12 -17.17 -36.56
CA TYR K 936 -9.33 -17.14 -38.00
C TYR K 936 -8.31 -18.05 -38.66
N LEU K 937 -8.76 -18.80 -39.67
CA LEU K 937 -7.90 -19.70 -40.42
C LEU K 937 -8.17 -19.61 -41.91
N LYS K 938 -7.08 -19.62 -42.68
CA LYS K 938 -7.11 -19.77 -44.12
C LYS K 938 -5.93 -20.65 -44.50
N THR K 939 -6.06 -21.31 -45.65
CA THR K 939 -5.03 -22.23 -46.11
C THR K 939 -4.81 -22.05 -47.61
N LYS K 940 -3.64 -22.49 -48.04
CA LYS K 940 -3.27 -22.46 -49.45
C LYS K 940 -2.17 -23.50 -49.64
N GLY K 941 -2.49 -24.57 -50.36
CA GLY K 941 -1.54 -25.65 -50.48
C GLY K 941 -1.26 -26.27 -49.13
N ASP K 942 0.01 -26.53 -48.85
CA ASP K 942 0.43 -27.09 -47.58
C ASP K 942 0.72 -26.02 -46.53
N PHE K 943 0.54 -24.75 -46.87
CA PHE K 943 0.80 -23.65 -45.96
C PHE K 943 -0.48 -23.26 -45.24
N ILE K 944 -0.32 -22.73 -44.04
CA ILE K 944 -1.42 -22.39 -43.15
C ILE K 944 -1.16 -21.00 -42.59
N LEU K 945 -2.16 -20.14 -42.70
CA LEU K 945 -2.11 -18.83 -42.08
C LEU K 945 -3.03 -18.89 -40.87
N VAL K 946 -2.49 -18.50 -39.71
CA VAL K 946 -3.20 -18.56 -38.46
C VAL K 946 -3.35 -17.15 -37.95
N GLY K 947 -4.59 -16.76 -37.65
CA GLY K 947 -4.89 -15.49 -37.04
C GLY K 947 -5.21 -15.68 -35.57
N ASP K 948 -4.46 -15.00 -34.73
CA ASP K 948 -4.57 -15.13 -33.29
C ASP K 948 -5.39 -13.99 -32.71
N LEU K 949 -6.01 -14.30 -31.56
CA LEU K 949 -6.67 -13.29 -30.77
C LEU K 949 -5.75 -12.13 -30.44
N MET K 950 -4.54 -12.46 -29.94
CA MET K 950 -3.63 -11.48 -29.37
C MET K 950 -2.17 -11.66 -29.79
N ARG K 951 -1.86 -12.63 -30.64
CA ARG K 951 -0.51 -12.93 -31.07
C ARG K 951 -0.43 -12.85 -32.60
N SER K 952 -0.79 -11.66 -33.12
CA SER K 952 -1.68 -11.47 -34.25
C SER K 952 -1.73 -12.56 -35.31
N VAL K 953 -0.61 -12.86 -35.94
CA VAL K 953 -0.62 -13.84 -37.02
C VAL K 953 0.60 -14.71 -36.93
N LEU K 954 0.44 -15.90 -37.49
CA LEU K 954 1.48 -16.90 -37.54
C LEU K 954 1.41 -17.57 -38.91
N LEU K 955 2.57 -17.83 -39.48
CA LEU K 955 2.71 -18.52 -40.74
C LEU K 955 3.28 -19.90 -40.44
N LEU K 956 2.47 -20.93 -40.69
CA LEU K 956 2.84 -22.32 -40.51
C LEU K 956 2.90 -23.01 -41.86
N ALA K 957 3.66 -24.10 -41.90
CA ALA K 957 3.62 -25.03 -43.02
C ALA K 957 3.34 -26.42 -42.46
N TYR K 958 2.44 -27.14 -43.10
CA TYR K 958 2.27 -28.55 -42.78
C TYR K 958 3.31 -29.38 -43.53
N LYS K 959 3.89 -30.36 -42.83
CA LYS K 959 4.95 -31.21 -43.37
C LYS K 959 4.41 -32.64 -43.54
N PRO K 960 4.01 -33.06 -44.75
CA PRO K 960 3.40 -34.39 -44.87
C PRO K 960 4.34 -35.55 -44.58
N MET K 961 5.63 -35.42 -44.84
CA MET K 961 6.57 -36.51 -44.60
C MET K 961 6.98 -36.62 -43.14
N GLU K 962 6.61 -35.66 -42.29
CA GLU K 962 6.84 -35.74 -40.86
C GLU K 962 5.55 -35.81 -40.05
N GLY K 963 4.41 -35.48 -40.66
CA GLY K 963 3.15 -35.50 -39.93
C GLY K 963 3.13 -34.57 -38.75
N ASN K 964 3.73 -33.38 -38.87
CA ASN K 964 3.75 -32.43 -37.77
C ASN K 964 3.82 -31.02 -38.34
N PHE K 965 3.75 -30.04 -37.44
CA PHE K 965 3.81 -28.63 -37.78
C PHE K 965 5.21 -28.09 -37.56
N GLU K 966 5.57 -27.09 -38.36
CA GLU K 966 6.77 -26.28 -38.15
C GLU K 966 6.37 -24.81 -38.14
N GLU K 967 6.81 -24.09 -37.13
CA GLU K 967 6.61 -22.65 -37.12
C GLU K 967 7.52 -22.02 -38.17
N ILE K 968 6.92 -21.51 -39.24
CA ILE K 968 7.69 -20.91 -40.32
C ILE K 968 8.06 -19.47 -39.99
N ALA K 969 7.08 -18.65 -39.66
CA ALA K 969 7.41 -17.26 -39.35
C ALA K 969 6.26 -16.63 -38.59
N ARG K 970 6.48 -15.41 -38.13
CA ARG K 970 5.49 -14.72 -37.33
C ARG K 970 5.70 -13.22 -37.51
N ASP K 971 4.60 -12.48 -37.45
CA ASP K 971 4.65 -11.03 -37.37
C ASP K 971 4.81 -10.67 -35.91
N PHE K 972 5.96 -10.14 -35.55
CA PHE K 972 6.24 -9.86 -34.17
C PHE K 972 5.63 -8.55 -33.70
N ASN K 973 4.92 -7.85 -34.56
CA ASN K 973 4.20 -6.66 -34.12
C ASN K 973 2.83 -7.07 -33.61
N PRO K 974 2.44 -6.69 -32.40
CA PRO K 974 1.10 -7.04 -31.92
C PRO K 974 0.02 -6.35 -32.73
N ASN K 975 -1.02 -7.10 -33.04
CA ASN K 975 -2.17 -6.57 -33.76
C ASN K 975 -3.40 -7.39 -33.40
N TRP K 976 -4.47 -6.70 -33.02
CA TRP K 976 -5.73 -7.35 -32.71
C TRP K 976 -6.49 -7.60 -34.00
N MET K 977 -6.41 -8.83 -34.50
CA MET K 977 -6.96 -9.15 -35.80
C MET K 977 -8.48 -9.22 -35.76
N SER K 978 -9.08 -8.97 -36.91
CA SER K 978 -10.48 -9.24 -37.17
C SER K 978 -10.71 -10.13 -38.36
N ALA K 979 -9.72 -10.27 -39.25
CA ALA K 979 -9.82 -11.13 -40.40
C ALA K 979 -8.45 -11.19 -41.06
N VAL K 980 -8.23 -12.25 -41.84
CA VAL K 980 -6.98 -12.46 -42.54
C VAL K 980 -7.28 -13.08 -43.89
N GLU K 981 -6.31 -12.96 -44.79
CA GLU K 981 -6.39 -13.63 -46.08
C GLU K 981 -5.00 -13.79 -46.66
N ILE K 982 -4.84 -14.85 -47.44
CA ILE K 982 -3.60 -15.14 -48.14
C ILE K 982 -3.71 -14.58 -49.55
N LEU K 983 -2.84 -13.62 -49.88
CA LEU K 983 -2.74 -13.15 -51.25
C LEU K 983 -1.97 -14.14 -52.10
N ASP K 984 -0.85 -14.61 -51.56
CA ASP K 984 -0.08 -15.67 -52.21
C ASP K 984 0.83 -16.28 -51.15
N ASP K 985 1.71 -17.17 -51.59
CA ASP K 985 2.61 -17.87 -50.68
C ASP K 985 3.49 -16.93 -49.85
N ASP K 986 3.73 -15.72 -50.33
CA ASP K 986 4.66 -14.79 -49.70
C ASP K 986 4.00 -13.55 -49.13
N ASN K 987 2.71 -13.37 -49.34
CA ASN K 987 2.01 -12.14 -48.98
C ASN K 987 0.78 -12.51 -48.15
N PHE K 988 0.61 -11.82 -47.03
CA PHE K 988 -0.41 -12.17 -46.05
C PHE K 988 -1.17 -10.93 -45.64
N LEU K 989 -2.50 -10.97 -45.80
CA LEU K 989 -3.35 -9.82 -45.57
C LEU K 989 -3.93 -9.87 -44.16
N GLY K 990 -3.97 -8.71 -43.51
CA GLY K 990 -4.56 -8.60 -42.20
C GLY K 990 -5.39 -7.34 -42.06
N ALA K 991 -6.44 -7.45 -41.24
CA ALA K 991 -7.29 -6.34 -40.85
C ALA K 991 -7.36 -6.29 -39.34
N GLU K 992 -7.33 -5.08 -38.78
CA GLU K 992 -7.23 -4.93 -37.34
C GLU K 992 -8.31 -4.02 -36.80
N ASN K 993 -8.47 -4.09 -35.48
CA ASN K 993 -9.63 -3.53 -34.83
C ASN K 993 -9.65 -2.01 -34.88
N ALA K 994 -8.53 -1.38 -35.21
CA ALA K 994 -8.50 0.05 -35.42
C ALA K 994 -8.85 0.44 -36.86
N PHE K 995 -9.50 -0.45 -37.60
CA PHE K 995 -10.04 -0.15 -38.93
C PHE K 995 -8.94 0.11 -39.95
N ASN K 996 -7.82 -0.59 -39.80
CA ASN K 996 -6.72 -0.52 -40.75
C ASN K 996 -6.46 -1.90 -41.34
N LEU K 997 -5.83 -1.88 -42.50
CA LEU K 997 -5.30 -3.07 -43.15
C LEU K 997 -3.78 -3.03 -43.17
N PHE K 998 -3.19 -4.21 -43.19
CA PHE K 998 -1.76 -4.33 -43.39
C PHE K 998 -1.47 -5.59 -44.17
N VAL K 999 -0.28 -5.60 -44.76
CA VAL K 999 0.21 -6.73 -45.53
C VAL K 999 1.59 -7.09 -45.03
N CYS K 1000 1.79 -8.38 -44.78
CA CYS K 1000 3.03 -8.93 -44.28
C CYS K 1000 3.70 -9.77 -45.35
N GLN K 1001 5.02 -9.77 -45.32
CA GLN K 1001 5.85 -10.59 -46.20
C GLN K 1001 6.94 -11.27 -45.39
N LYS K 1002 7.49 -12.33 -45.96
CA LYS K 1002 8.71 -12.90 -45.41
C LYS K 1002 9.87 -11.93 -45.62
N ASP K 1003 10.89 -12.05 -44.77
CA ASP K 1003 12.06 -11.18 -44.84
C ASP K 1003 12.95 -11.66 -45.99
N SER K 1004 12.92 -10.92 -47.11
CA SER K 1004 13.77 -11.28 -48.24
C SER K 1004 15.25 -11.09 -47.92
N ALA K 1005 15.57 -10.16 -47.03
CA ALA K 1005 16.96 -9.83 -46.67
C ALA K 1005 17.40 -10.54 -45.40
N ALA K 1006 16.94 -11.77 -45.19
CA ALA K 1006 17.27 -12.56 -44.02
C ALA K 1006 18.45 -13.46 -44.32
N THR K 1007 19.47 -13.41 -43.46
CA THR K 1007 20.68 -14.21 -43.59
C THR K 1007 20.80 -15.29 -42.52
N THR K 1008 19.84 -15.39 -41.60
CA THR K 1008 19.86 -16.38 -40.55
C THR K 1008 18.47 -16.95 -40.38
N ASP K 1009 18.39 -18.16 -39.82
CA ASP K 1009 17.10 -18.76 -39.52
C ASP K 1009 16.30 -17.87 -38.58
N GLU K 1010 16.95 -17.29 -37.59
CA GLU K 1010 16.28 -16.36 -36.68
C GLU K 1010 15.68 -15.19 -37.44
N GLU K 1011 16.45 -14.59 -38.36
CA GLU K 1011 15.91 -13.46 -39.11
C GLU K 1011 14.87 -13.93 -40.11
N ARG K 1012 15.07 -15.11 -40.70
CA ARG K 1012 14.09 -15.70 -41.60
C ARG K 1012 12.75 -15.91 -40.90
N GLN K 1013 12.77 -16.11 -39.59
CA GLN K 1013 11.54 -16.34 -38.84
C GLN K 1013 10.70 -15.08 -38.65
N HIS K 1014 11.19 -13.91 -39.04
CA HIS K 1014 10.49 -12.65 -38.81
C HIS K 1014 9.73 -12.27 -40.07
N LEU K 1015 8.41 -12.21 -39.94
CA LEU K 1015 7.60 -11.55 -40.96
C LEU K 1015 7.78 -10.05 -40.88
N GLN K 1016 7.70 -9.39 -42.03
CA GLN K 1016 7.84 -7.95 -42.14
C GLN K 1016 6.52 -7.35 -42.58
N GLU K 1017 6.03 -6.38 -41.81
CA GLU K 1017 4.84 -5.64 -42.21
C GLU K 1017 5.28 -4.67 -43.31
N VAL K 1018 4.99 -5.03 -44.56
CA VAL K 1018 5.43 -4.25 -45.71
C VAL K 1018 4.36 -3.30 -46.23
N GLY K 1019 3.11 -3.47 -45.84
CA GLY K 1019 2.04 -2.59 -46.26
C GLY K 1019 1.18 -2.18 -45.10
N LEU K 1020 0.79 -0.91 -45.10
CA LEU K 1020 -0.06 -0.34 -44.07
C LEU K 1020 -1.04 0.62 -44.71
N PHE K 1021 -2.29 0.62 -44.22
CA PHE K 1021 -3.31 1.47 -44.81
C PHE K 1021 -4.43 1.69 -43.82
N HIS K 1022 -4.80 2.95 -43.61
CA HIS K 1022 -5.98 3.26 -42.79
C HIS K 1022 -7.20 3.16 -43.69
N LEU K 1023 -7.92 2.06 -43.55
CA LEU K 1023 -9.08 1.82 -44.41
C LEU K 1023 -10.29 2.62 -43.95
N GLY K 1024 -10.54 2.66 -42.65
CA GLY K 1024 -11.69 3.34 -42.11
C GLY K 1024 -12.91 2.47 -41.94
N GLU K 1025 -12.79 1.15 -42.09
CA GLU K 1025 -13.88 0.22 -41.90
C GLU K 1025 -13.39 -0.97 -41.12
N PHE K 1026 -14.33 -1.65 -40.47
CA PHE K 1026 -14.06 -2.87 -39.73
C PHE K 1026 -14.41 -4.04 -40.63
N VAL K 1027 -13.40 -4.80 -41.02
CA VAL K 1027 -13.59 -5.94 -41.90
C VAL K 1027 -13.90 -7.16 -41.06
N ASN K 1028 -14.99 -7.83 -41.37
CA ASN K 1028 -15.35 -9.07 -40.73
C ASN K 1028 -14.99 -10.29 -41.55
N VAL K 1029 -14.77 -10.15 -42.84
CA VAL K 1029 -14.53 -11.31 -43.69
C VAL K 1029 -13.82 -10.89 -44.97
N PHE K 1030 -12.88 -11.74 -45.36
CA PHE K 1030 -12.23 -11.75 -46.65
C PHE K 1030 -12.72 -12.97 -47.42
N CYS K 1031 -12.71 -12.87 -48.75
CA CYS K 1031 -13.00 -14.03 -49.58
C CYS K 1031 -12.43 -13.85 -50.98
N HIS K 1032 -11.94 -14.96 -51.54
CA HIS K 1032 -11.49 -14.97 -52.93
C HIS K 1032 -12.68 -15.02 -53.86
N GLY K 1033 -12.66 -14.19 -54.87
CA GLY K 1033 -13.70 -14.18 -55.88
C GLY K 1033 -13.86 -12.81 -56.48
N SER K 1034 -14.79 -12.73 -57.42
CA SER K 1034 -15.03 -11.50 -58.16
C SER K 1034 -16.45 -11.52 -58.68
N LEU K 1035 -17.02 -10.32 -58.83
CA LEU K 1035 -18.37 -10.14 -59.36
C LEU K 1035 -18.36 -9.52 -60.75
N VAL K 1036 -17.20 -9.28 -61.34
CA VAL K 1036 -17.11 -8.80 -62.71
C VAL K 1036 -17.12 -9.98 -63.65
N MET K 1037 -17.72 -9.79 -64.82
CA MET K 1037 -17.69 -10.81 -65.85
C MET K 1037 -16.23 -11.06 -66.25
N GLN K 1038 -15.84 -12.32 -66.27
CA GLN K 1038 -14.44 -12.66 -66.48
C GLN K 1038 -14.10 -12.57 -67.95
N ASN K 1039 -13.04 -11.80 -68.25
CA ASN K 1039 -12.59 -11.57 -69.62
C ASN K 1039 -11.56 -12.64 -69.96
N LEU K 1040 -12.08 -13.81 -70.36
CA LEU K 1040 -11.30 -15.05 -70.49
C LEU K 1040 -10.02 -14.83 -71.30
N GLY K 1041 -8.89 -14.98 -70.62
CA GLY K 1041 -7.63 -14.43 -71.09
C GLY K 1041 -7.44 -13.03 -70.54
N GLU K 1042 -7.75 -12.84 -69.25
CA GLU K 1042 -7.75 -11.53 -68.63
C GLU K 1042 -6.38 -11.07 -68.14
N THR K 1043 -5.38 -11.96 -68.12
CA THR K 1043 -4.06 -11.60 -67.61
C THR K 1043 -3.39 -10.55 -68.48
N SER K 1044 -2.19 -10.12 -68.08
CA SER K 1044 -1.50 -9.00 -68.73
C SER K 1044 -2.32 -7.71 -68.55
N THR K 1045 -2.67 -7.43 -67.30
CA THR K 1045 -3.58 -6.40 -66.86
C THR K 1045 -2.88 -5.48 -65.86
N PRO K 1046 -3.38 -4.26 -65.62
CA PRO K 1046 -2.66 -3.38 -64.68
C PRO K 1046 -2.65 -3.86 -63.24
N THR K 1047 -3.54 -4.77 -62.85
CA THR K 1047 -3.65 -5.24 -61.47
C THR K 1047 -3.62 -6.77 -61.45
N GLN K 1048 -3.19 -7.32 -60.31
CA GLN K 1048 -3.03 -8.76 -60.15
C GLN K 1048 -3.72 -9.21 -58.86
N GLY K 1049 -4.56 -10.23 -58.97
CA GLY K 1049 -5.25 -10.79 -57.82
C GLY K 1049 -6.53 -10.03 -57.48
N SER K 1050 -7.38 -10.69 -56.70
CA SER K 1050 -8.69 -10.13 -56.36
C SER K 1050 -9.14 -10.75 -55.04
N VAL K 1051 -9.15 -9.95 -53.99
CA VAL K 1051 -9.65 -10.36 -52.68
C VAL K 1051 -10.75 -9.38 -52.28
N LEU K 1052 -11.96 -9.89 -52.11
CA LEU K 1052 -13.06 -9.04 -51.67
C LEU K 1052 -13.19 -9.10 -50.16
N PHE K 1053 -13.74 -8.03 -49.59
CA PHE K 1053 -14.00 -7.98 -48.17
C PHE K 1053 -15.31 -7.27 -47.86
N GLY K 1054 -15.92 -7.72 -46.77
CA GLY K 1054 -17.19 -7.17 -46.32
C GLY K 1054 -17.04 -6.54 -44.94
N THR K 1055 -17.86 -5.51 -44.69
CA THR K 1055 -17.70 -4.66 -43.51
C THR K 1055 -19.02 -4.56 -42.74
N VAL K 1056 -18.86 -4.10 -41.49
CA VAL K 1056 -20.00 -3.85 -40.62
C VAL K 1056 -20.95 -2.86 -41.26
N ASN K 1057 -20.40 -1.82 -41.89
CA ASN K 1057 -21.22 -0.78 -42.48
C ASN K 1057 -21.81 -1.18 -43.82
N GLY K 1058 -21.60 -2.41 -44.27
CA GLY K 1058 -22.11 -2.85 -45.54
C GLY K 1058 -21.26 -2.45 -46.73
N MET K 1059 -20.17 -1.73 -46.50
CA MET K 1059 -19.21 -1.48 -47.57
C MET K 1059 -18.66 -2.80 -48.07
N ILE K 1060 -18.49 -2.89 -49.39
CA ILE K 1060 -17.79 -3.99 -50.02
C ILE K 1060 -16.60 -3.42 -50.72
N GLY K 1061 -15.45 -4.05 -50.55
CA GLY K 1061 -14.22 -3.57 -51.15
C GLY K 1061 -13.45 -4.71 -51.79
N LEU K 1062 -12.51 -4.32 -52.64
CA LEU K 1062 -11.62 -5.23 -53.33
C LEU K 1062 -10.19 -4.76 -53.10
N VAL K 1063 -9.32 -5.71 -52.83
CA VAL K 1063 -7.87 -5.50 -52.75
C VAL K 1063 -7.23 -6.31 -53.87
N THR K 1064 -6.29 -5.69 -54.57
CA THR K 1064 -5.55 -6.35 -55.64
C THR K 1064 -4.11 -5.87 -55.58
N SER K 1065 -3.24 -6.56 -56.32
CA SER K 1065 -1.81 -6.25 -56.33
C SER K 1065 -1.45 -5.43 -57.55
N LEU K 1066 -0.34 -4.71 -57.45
CA LEU K 1066 0.16 -3.83 -58.49
C LEU K 1066 1.64 -4.11 -58.73
N SER K 1067 2.11 -3.76 -59.92
CA SER K 1067 3.54 -3.73 -60.18
C SER K 1067 4.14 -2.47 -59.57
N GLU K 1068 5.47 -2.41 -59.59
CA GLU K 1068 6.16 -1.26 -58.99
C GLU K 1068 5.87 0.01 -59.78
N SER K 1069 5.86 -0.10 -61.10
CA SER K 1069 5.68 1.07 -61.95
C SER K 1069 4.29 1.65 -61.75
N TRP K 1070 3.29 0.79 -61.73
CA TRP K 1070 1.92 1.25 -61.50
C TRP K 1070 1.77 1.86 -60.13
N TYR K 1071 2.41 1.28 -59.11
CA TYR K 1071 2.37 1.84 -57.77
C TYR K 1071 2.94 3.25 -57.76
N ASN K 1072 4.09 3.43 -58.42
CA ASN K 1072 4.71 4.74 -58.46
C ASN K 1072 3.83 5.74 -59.19
N LEU K 1073 3.24 5.30 -60.29
CA LEU K 1073 2.35 6.16 -61.07
C LEU K 1073 1.17 6.62 -60.23
N LEU K 1074 0.50 5.66 -59.58
CA LEU K 1074 -0.69 6.00 -58.81
C LEU K 1074 -0.36 6.85 -57.60
N LEU K 1075 0.82 6.64 -56.99
CA LEU K 1075 1.21 7.48 -55.86
C LEU K 1075 1.45 8.90 -56.31
N ASP K 1076 2.12 9.08 -57.45
CA ASP K 1076 2.32 10.41 -58.00
C ASP K 1076 0.99 11.08 -58.29
N MET K 1077 0.09 10.32 -58.92
CA MET K 1077 -1.24 10.84 -59.23
C MET K 1077 -1.98 11.27 -57.98
N GLN K 1078 -1.90 10.49 -56.91
CA GLN K 1078 -2.60 10.82 -55.68
C GLN K 1078 -2.02 12.09 -55.06
N ASN K 1079 -0.69 12.21 -55.07
CA ASN K 1079 -0.08 13.43 -54.55
C ASN K 1079 -0.54 14.65 -55.34
N ARG K 1080 -0.60 14.50 -56.66
CA ARG K 1080 -0.98 15.63 -57.50
C ARG K 1080 -2.44 16.00 -57.30
N LEU K 1081 -3.32 15.00 -57.19
CA LEU K 1081 -4.71 15.27 -56.88
C LEU K 1081 -4.84 15.98 -55.54
N ASN K 1082 -4.08 15.53 -54.54
CA ASN K 1082 -4.10 16.20 -53.24
C ASN K 1082 -3.64 17.64 -53.36
N LYS K 1083 -2.80 17.95 -54.35
CA LYS K 1083 -2.46 19.34 -54.59
C LYS K 1083 -3.57 20.12 -55.28
N VAL K 1084 -4.50 19.43 -55.93
CA VAL K 1084 -5.52 20.08 -56.75
C VAL K 1084 -6.91 19.97 -56.12
N ILE K 1085 -7.25 18.83 -55.53
CA ILE K 1085 -8.58 18.61 -55.00
C ILE K 1085 -8.79 19.43 -53.74
N LYS K 1086 -9.97 20.05 -53.65
CA LYS K 1086 -10.38 20.77 -52.45
C LYS K 1086 -10.96 19.77 -51.45
N SER K 1087 -10.33 19.63 -50.29
CA SER K 1087 -10.80 18.71 -49.26
C SER K 1087 -11.77 19.44 -48.33
N VAL K 1088 -12.96 18.87 -48.19
CA VAL K 1088 -13.96 19.43 -47.29
C VAL K 1088 -13.42 19.38 -45.86
N GLY K 1089 -13.38 20.55 -45.21
CA GLY K 1089 -12.75 20.67 -43.91
C GLY K 1089 -11.24 20.75 -43.96
N LYS K 1090 -10.65 20.78 -45.15
CA LYS K 1090 -9.22 21.02 -45.32
C LYS K 1090 -8.40 19.89 -44.70
N ILE K 1091 -8.88 18.66 -44.86
CA ILE K 1091 -8.16 17.49 -44.39
C ILE K 1091 -7.27 17.00 -45.52
N GLU K 1092 -5.99 16.78 -45.21
CA GLU K 1092 -5.07 16.20 -46.18
C GLU K 1092 -5.34 14.72 -46.32
N HIS K 1093 -5.35 14.23 -47.56
CA HIS K 1093 -5.60 12.82 -47.81
C HIS K 1093 -4.56 11.96 -47.13
N SER K 1094 -3.30 12.41 -47.14
CA SER K 1094 -2.24 11.64 -46.49
C SER K 1094 -2.50 11.49 -45.00
N PHE K 1095 -3.01 12.54 -44.36
CA PHE K 1095 -3.32 12.46 -42.94
C PHE K 1095 -4.46 11.49 -42.70
N TRP K 1096 -5.49 11.56 -43.54
CA TRP K 1096 -6.65 10.69 -43.38
C TRP K 1096 -6.26 9.23 -43.52
N ARG K 1097 -5.54 8.89 -44.58
CA ARG K 1097 -5.22 7.50 -44.82
C ARG K 1097 -4.02 7.02 -44.01
N SER K 1098 -3.39 7.90 -43.25
CA SER K 1098 -2.27 7.50 -42.41
C SER K 1098 -2.71 6.49 -41.36
N PHE K 1099 -1.97 5.40 -41.24
CA PHE K 1099 -2.11 4.46 -40.14
C PHE K 1099 -2.05 5.20 -38.81
N HIS K 1100 -3.02 4.94 -37.95
CA HIS K 1100 -3.15 5.69 -36.69
C HIS K 1100 -3.75 4.79 -35.62
N THR K 1101 -3.01 4.62 -34.53
CA THR K 1101 -3.51 3.97 -33.32
C THR K 1101 -3.14 4.82 -32.13
N GLU K 1102 -3.59 4.40 -30.95
CA GLU K 1102 -3.18 5.06 -29.71
C GLU K 1102 -1.71 4.82 -29.40
N ARG K 1103 -1.09 3.83 -30.04
CA ARG K 1103 0.31 3.50 -29.78
C ARG K 1103 1.29 4.17 -30.73
N LYS K 1104 0.90 4.36 -32.00
CA LYS K 1104 1.86 4.78 -33.01
C LYS K 1104 1.14 5.45 -34.17
N THR K 1105 1.85 6.38 -34.82
CA THR K 1105 1.37 7.07 -36.01
C THR K 1105 2.47 7.06 -37.06
N GLU K 1106 2.18 6.53 -38.25
CA GLU K 1106 3.13 6.43 -39.33
C GLU K 1106 2.44 6.64 -40.68
N PRO K 1107 3.14 7.16 -41.69
CA PRO K 1107 2.50 7.30 -43.00
C PRO K 1107 2.14 5.97 -43.63
N ALA K 1108 1.17 6.03 -44.53
CA ALA K 1108 0.73 4.84 -45.25
C ALA K 1108 1.78 4.42 -46.26
N THR K 1109 1.75 3.14 -46.60
CA THR K 1109 2.66 2.60 -47.61
C THR K 1109 2.05 1.33 -48.22
N GLY K 1110 2.28 1.17 -49.53
CA GLY K 1110 1.95 -0.07 -50.22
C GLY K 1110 0.51 -0.26 -50.65
N PHE K 1111 -0.36 0.72 -50.43
CA PHE K 1111 -1.78 0.60 -50.73
C PHE K 1111 -2.23 1.84 -51.50
N ILE K 1112 -2.96 1.64 -52.59
CA ILE K 1112 -3.60 2.73 -53.32
C ILE K 1112 -5.08 2.78 -52.97
N ASP K 1113 -5.57 3.99 -52.69
CA ASP K 1113 -6.97 4.25 -52.44
C ASP K 1113 -7.64 4.47 -53.80
N GLY K 1114 -8.23 3.40 -54.33
CA GLY K 1114 -8.80 3.44 -55.66
C GLY K 1114 -9.93 4.44 -55.79
N ASP K 1115 -10.67 4.69 -54.70
CA ASP K 1115 -11.72 5.70 -54.75
C ASP K 1115 -11.14 7.06 -55.11
N LEU K 1116 -9.98 7.40 -54.54
CA LEU K 1116 -9.34 8.67 -54.86
C LEU K 1116 -8.93 8.69 -56.32
N ILE K 1117 -8.42 7.57 -56.82
CA ILE K 1117 -8.01 7.48 -58.21
C ILE K 1117 -9.21 7.68 -59.13
N GLU K 1118 -10.33 7.03 -58.80
CA GLU K 1118 -11.53 7.13 -59.62
C GLU K 1118 -12.12 8.54 -59.58
N SER K 1119 -11.88 9.29 -58.50
CA SER K 1119 -12.40 10.66 -58.43
C SER K 1119 -11.80 11.59 -59.48
N PHE K 1120 -10.72 11.17 -60.15
CA PHE K 1120 -10.16 11.97 -61.24
C PHE K 1120 -11.18 12.20 -62.37
N LEU K 1121 -12.01 11.19 -62.64
CA LEU K 1121 -12.86 11.22 -63.82
C LEU K 1121 -14.02 12.21 -63.75
N ASP K 1122 -14.30 12.78 -62.57
CA ASP K 1122 -15.48 13.63 -62.39
C ASP K 1122 -15.16 15.12 -62.38
N ILE K 1123 -13.88 15.51 -62.41
CA ILE K 1123 -13.53 16.93 -62.49
C ILE K 1123 -13.54 17.35 -63.95
N SER K 1124 -13.59 18.66 -64.18
CA SER K 1124 -13.67 19.18 -65.53
C SER K 1124 -12.35 18.92 -66.27
N ARG K 1125 -12.42 19.01 -67.60
CA ARG K 1125 -11.23 18.75 -68.40
C ARG K 1125 -10.09 19.73 -68.15
N PRO K 1126 -10.32 21.03 -67.97
CA PRO K 1126 -9.17 21.90 -67.61
C PRO K 1126 -8.55 21.51 -66.28
N LYS K 1127 -9.38 21.09 -65.31
CA LYS K 1127 -8.85 20.62 -64.04
C LYS K 1127 -8.04 19.34 -64.23
N MET K 1128 -8.50 18.45 -65.11
CA MET K 1128 -7.72 17.25 -65.45
C MET K 1128 -6.38 17.64 -66.08
N GLN K 1129 -6.39 18.60 -66.99
CA GLN K 1129 -5.17 19.03 -67.66
C GLN K 1129 -4.18 19.60 -66.65
N GLU K 1130 -4.67 20.39 -65.70
CA GLU K 1130 -3.80 20.89 -64.64
C GLU K 1130 -3.26 19.74 -63.80
N VAL K 1131 -4.10 18.75 -63.51
CA VAL K 1131 -3.65 17.59 -62.72
C VAL K 1131 -2.54 16.86 -63.44
N VAL K 1132 -2.68 16.72 -64.77
CA VAL K 1132 -1.72 15.99 -65.58
C VAL K 1132 -0.72 16.92 -66.27
N ALA K 1133 -0.78 18.22 -65.97
CA ALA K 1133 0.17 19.17 -66.52
C ALA K 1133 1.58 18.87 -66.06
N ASN K 1134 2.51 18.80 -67.01
CA ASN K 1134 3.92 18.52 -66.72
C ASN K 1134 4.07 17.18 -65.99
N LEU K 1135 3.41 16.16 -66.53
CA LEU K 1135 3.43 14.81 -65.98
C LEU K 1135 4.08 13.89 -66.99
N GLN K 1136 5.16 13.24 -66.59
CA GLN K 1136 5.88 12.31 -67.45
C GLN K 1136 5.26 10.93 -67.32
N TYR K 1137 5.01 10.29 -68.46
CA TYR K 1137 4.22 9.06 -68.51
C TYR K 1137 4.74 8.16 -69.61
N ASP K 1138 4.82 6.87 -69.30
CA ASP K 1138 5.29 5.84 -70.22
C ASP K 1138 4.06 5.04 -70.66
N ASP K 1139 3.62 5.27 -71.88
CA ASP K 1139 2.43 4.58 -72.40
C ASP K 1139 2.83 3.19 -72.89
N GLY K 1140 2.14 2.17 -72.37
CA GLY K 1140 2.44 0.80 -72.77
C GLY K 1140 3.87 0.42 -72.46
N SER K 1141 4.58 -0.03 -73.49
CA SER K 1141 5.99 -0.41 -73.40
C SER K 1141 6.78 0.51 -74.33
N GLY K 1142 7.70 1.28 -73.76
CA GLY K 1142 8.51 2.19 -74.56
C GLY K 1142 9.21 3.20 -73.68
N MET K 1143 9.41 4.40 -74.23
CA MET K 1143 10.07 5.48 -73.54
C MET K 1143 9.05 6.45 -72.97
N LYS K 1144 9.49 7.21 -71.96
CA LYS K 1144 8.59 8.09 -71.23
C LYS K 1144 8.33 9.39 -71.98
N ARG K 1145 7.13 9.92 -71.81
CA ARG K 1145 6.70 11.13 -72.52
C ARG K 1145 5.70 11.89 -71.65
N GLU K 1146 5.32 13.08 -72.11
CA GLU K 1146 4.35 13.88 -71.40
C GLU K 1146 2.98 13.21 -71.43
N ALA K 1147 2.32 13.17 -70.27
CA ALA K 1147 0.99 12.59 -70.17
C ALA K 1147 -0.07 13.62 -70.49
N THR K 1148 -1.11 13.19 -71.20
CA THR K 1148 -2.30 13.98 -71.48
C THR K 1148 -3.46 13.50 -70.61
N ALA K 1149 -4.46 14.37 -70.45
CA ALA K 1149 -5.61 14.02 -69.62
C ALA K 1149 -6.31 12.78 -70.13
N ASP K 1150 -6.38 12.60 -71.45
CA ASP K 1150 -7.09 11.44 -72.00
C ASP K 1150 -6.37 10.14 -71.64
N ASP K 1151 -5.04 10.18 -71.54
CA ASP K 1151 -4.29 8.99 -71.12
C ASP K 1151 -4.71 8.56 -69.72
N LEU K 1152 -4.82 9.51 -68.79
CA LEU K 1152 -5.21 9.16 -67.43
C LEU K 1152 -6.69 8.79 -67.34
N ILE K 1153 -7.53 9.41 -68.18
CA ILE K 1153 -8.92 8.98 -68.27
C ILE K 1153 -8.96 7.51 -68.67
N LYS K 1154 -8.16 7.13 -69.66
CA LYS K 1154 -8.10 5.74 -70.11
C LYS K 1154 -7.64 4.81 -68.98
N VAL K 1155 -6.56 5.21 -68.30
CA VAL K 1155 -6.02 4.41 -67.19
C VAL K 1155 -7.10 4.19 -66.14
N VAL K 1156 -7.72 5.27 -65.66
CA VAL K 1156 -8.65 5.16 -64.55
C VAL K 1156 -9.90 4.41 -64.98
N GLU K 1157 -10.36 4.61 -66.22
CA GLU K 1157 -11.48 3.84 -66.73
C GLU K 1157 -11.15 2.35 -66.73
N GLU K 1158 -9.92 1.99 -67.11
CA GLU K 1158 -9.51 0.59 -67.04
C GLU K 1158 -9.55 0.08 -65.61
N LEU K 1159 -9.10 0.90 -64.65
CA LEU K 1159 -9.14 0.48 -63.25
C LEU K 1159 -10.58 0.27 -62.78
N THR K 1160 -11.52 1.08 -63.27
CA THR K 1160 -12.90 1.00 -62.78
C THR K 1160 -13.57 -0.31 -63.16
N ARG K 1161 -13.11 -1.01 -64.19
CA ARG K 1161 -13.76 -2.22 -64.66
C ARG K 1161 -13.42 -3.45 -63.84
N ILE K 1162 -12.53 -3.34 -62.84
CA ILE K 1162 -12.17 -4.48 -62.00
C ILE K 1162 -13.21 -4.75 -60.93
N HIS K 1163 -14.21 -3.89 -60.77
CA HIS K 1163 -15.28 -4.09 -59.80
C HIS K 1163 -16.63 -3.70 -60.41
N ARG L 71 -19.14 -12.62 -18.99
CA ARG L 71 -20.00 -12.11 -20.05
C ARG L 71 -19.85 -12.92 -21.35
N SER L 72 -19.15 -14.08 -21.26
CA SER L 72 -18.98 -15.07 -22.34
C SER L 72 -18.66 -14.46 -23.71
N ILE L 73 -17.44 -13.99 -23.78
CA ILE L 73 -16.76 -13.23 -24.82
C ILE L 73 -17.33 -13.37 -26.21
N VAL L 74 -17.50 -14.60 -26.67
CA VAL L 74 -17.82 -14.84 -28.08
C VAL L 74 -19.08 -14.11 -28.48
N ARG L 75 -20.07 -14.06 -27.57
CA ARG L 75 -21.26 -13.27 -27.86
C ARG L 75 -20.88 -11.81 -28.02
N THR L 76 -19.94 -11.33 -27.21
CA THR L 76 -19.56 -9.93 -27.30
C THR L 76 -18.74 -9.70 -28.57
N LEU L 77 -17.95 -10.69 -28.99
CA LEU L 77 -17.23 -10.55 -30.24
C LEU L 77 -18.19 -10.44 -31.40
N HIS L 78 -19.24 -11.26 -31.38
CA HIS L 78 -20.24 -11.17 -32.44
C HIS L 78 -20.91 -9.81 -32.42
N GLN L 79 -21.25 -9.30 -31.22
CA GLN L 79 -21.88 -7.99 -31.14
C GLN L 79 -20.96 -6.92 -31.69
N HIS L 80 -19.66 -7.06 -31.45
CA HIS L 80 -18.71 -6.08 -31.99
C HIS L 80 -18.66 -6.18 -33.50
N LYS L 81 -18.75 -7.40 -34.02
CA LYS L 81 -18.87 -7.56 -35.47
C LYS L 81 -20.15 -6.93 -35.98
N LEU L 82 -21.18 -6.88 -35.16
CA LEU L 82 -22.40 -6.19 -35.55
C LEU L 82 -22.29 -4.69 -35.39
N GLY L 83 -21.24 -4.20 -34.76
CA GLY L 83 -21.13 -2.80 -34.44
C GLY L 83 -21.79 -2.41 -33.15
N ARG L 84 -22.46 -3.35 -32.49
CA ARG L 84 -23.18 -3.02 -31.27
C ARG L 84 -22.20 -2.65 -30.16
N ALA L 85 -21.30 -3.56 -29.84
CA ALA L 85 -20.38 -3.37 -28.73
C ALA L 85 -19.15 -2.59 -29.18
N SER L 86 -18.68 -1.69 -28.32
CA SER L 86 -17.54 -0.85 -28.61
C SER L 86 -16.23 -1.58 -28.32
N TRP L 87 -15.17 -1.10 -28.97
CA TRP L 87 -13.85 -1.69 -28.81
C TRP L 87 -13.39 -1.76 -27.36
N PRO L 88 -13.56 -0.72 -26.53
CA PRO L 88 -13.12 -0.84 -25.14
C PRO L 88 -13.80 -1.95 -24.38
N SER L 89 -15.05 -2.24 -24.68
CA SER L 89 -15.70 -3.37 -24.03
C SER L 89 -14.98 -4.66 -24.39
N VAL L 90 -14.52 -4.76 -25.63
CA VAL L 90 -13.78 -5.94 -26.06
C VAL L 90 -12.46 -6.02 -25.32
N GLN L 91 -11.80 -4.87 -25.20
CA GLN L 91 -10.56 -4.81 -24.47
C GLN L 91 -10.75 -5.26 -23.03
N GLN L 92 -11.90 -4.92 -22.46
CA GLN L 92 -12.17 -5.33 -21.09
C GLN L 92 -12.34 -6.83 -20.99
N GLY L 93 -13.10 -7.41 -21.92
CA GLY L 93 -13.30 -8.85 -21.90
C GLY L 93 -12.00 -9.59 -22.08
N LEU L 94 -11.15 -9.11 -22.95
CA LEU L 94 -9.90 -9.80 -23.20
C LEU L 94 -8.90 -9.56 -22.10
N GLN L 95 -9.02 -8.43 -21.39
CA GLN L 95 -8.28 -8.24 -20.16
C GLN L 95 -8.64 -9.32 -19.18
N GLN L 96 -9.94 -9.61 -19.09
CA GLN L 96 -10.39 -10.66 -18.21
C GLN L 96 -9.82 -12.00 -18.63
N SER L 97 -9.79 -12.24 -19.94
CA SER L 97 -9.26 -13.51 -20.45
C SER L 97 -7.77 -13.66 -20.15
N PHE L 98 -7.01 -12.59 -20.35
CA PHE L 98 -5.58 -12.64 -20.10
C PHE L 98 -5.29 -12.87 -18.64
N LEU L 99 -6.09 -12.28 -17.76
CA LEU L 99 -5.91 -12.56 -16.35
C LEU L 99 -6.22 -14.02 -16.05
N HIS L 100 -7.26 -14.54 -16.70
CA HIS L 100 -7.67 -15.91 -16.45
C HIS L 100 -6.57 -16.89 -16.84
N THR L 101 -5.91 -16.64 -17.98
CA THR L 101 -4.81 -17.52 -18.37
C THR L 101 -3.53 -17.19 -17.62
N LEU L 102 -3.41 -15.98 -17.08
CA LEU L 102 -2.25 -15.63 -16.26
C LEU L 102 -2.26 -16.38 -14.96
N ASP L 103 -3.43 -16.77 -14.47
CA ASP L 103 -3.46 -17.67 -13.33
C ASP L 103 -2.87 -19.06 -13.62
N SER L 104 -2.49 -19.36 -14.87
CA SER L 104 -1.84 -20.61 -15.25
C SER L 104 -0.37 -20.42 -15.64
N TYR L 105 0.20 -19.24 -15.40
CA TYR L 105 1.64 -19.07 -15.51
C TYR L 105 2.40 -19.67 -14.34
N ARG L 106 1.69 -20.23 -13.35
CA ARG L 106 2.26 -20.59 -12.06
C ARG L 106 3.45 -21.54 -12.19
N ILE L 107 3.56 -22.25 -13.30
CA ILE L 107 4.66 -23.20 -13.50
C ILE L 107 5.85 -22.41 -14.01
N LEU L 108 6.86 -22.27 -13.16
CA LEU L 108 8.05 -21.51 -13.50
C LEU L 108 8.82 -22.25 -14.59
N GLN L 109 8.87 -21.66 -15.78
CA GLN L 109 9.51 -22.34 -16.90
C GLN L 109 11.01 -22.41 -16.72
N LYS L 110 11.68 -21.26 -16.66
CA LYS L 110 13.12 -21.27 -16.78
C LYS L 110 13.79 -20.41 -15.71
N ALA L 111 15.06 -20.74 -15.45
CA ALA L 111 15.89 -20.02 -14.51
C ALA L 111 17.27 -19.82 -15.12
N ALA L 112 17.92 -18.76 -14.71
CA ALA L 112 19.26 -18.44 -15.19
C ALA L 112 20.02 -17.62 -14.16
N PRO L 113 21.14 -18.12 -13.62
CA PRO L 113 21.96 -17.31 -12.71
C PRO L 113 23.17 -16.68 -13.35
N PHE L 114 23.76 -15.76 -12.59
CA PHE L 114 25.13 -15.34 -12.74
C PHE L 114 25.52 -14.68 -11.41
N ASP L 115 26.60 -13.90 -11.42
CA ASP L 115 27.16 -13.30 -10.20
C ASP L 115 26.33 -12.09 -9.74
N ARG L 116 26.94 -11.17 -8.99
CA ARG L 116 26.32 -10.14 -8.16
C ARG L 116 25.07 -9.45 -8.70
N ARG L 117 24.32 -8.84 -7.79
CA ARG L 117 22.90 -8.55 -7.91
C ARG L 117 22.52 -7.89 -9.23
N ALA L 118 21.25 -8.05 -9.58
CA ALA L 118 20.66 -7.44 -10.76
C ALA L 118 20.14 -6.06 -10.42
N THR L 119 20.34 -5.12 -11.34
CA THR L 119 19.95 -3.73 -11.15
C THR L 119 19.15 -3.15 -12.29
N SER L 120 19.24 -3.70 -13.50
CA SER L 120 18.48 -3.14 -14.61
C SER L 120 18.13 -4.22 -15.60
N LEU L 121 17.01 -4.02 -16.28
CA LEU L 121 16.42 -5.03 -17.14
C LEU L 121 15.91 -4.39 -18.41
N ALA L 122 15.96 -5.15 -19.51
CA ALA L 122 15.49 -4.64 -20.78
C ALA L 122 15.17 -5.78 -21.71
N TRP L 123 14.19 -5.54 -22.56
CA TRP L 123 13.70 -6.49 -23.53
C TRP L 123 14.19 -6.13 -24.91
N HIS L 124 14.57 -7.12 -25.68
CA HIS L 124 14.69 -6.94 -27.12
C HIS L 124 13.30 -6.64 -27.66
N PRO L 125 13.05 -5.48 -28.27
CA PRO L 125 11.66 -5.11 -28.56
C PRO L 125 11.01 -5.99 -29.60
N THR L 126 11.74 -6.35 -30.63
CA THR L 126 11.13 -7.06 -31.74
C THR L 126 10.99 -8.54 -31.45
N HIS L 127 11.95 -9.12 -30.77
CA HIS L 127 11.99 -10.55 -30.58
C HIS L 127 11.46 -10.93 -29.19
N PRO L 128 10.71 -12.02 -29.05
CA PRO L 128 10.06 -12.26 -27.77
C PRO L 128 10.95 -12.91 -26.73
N SER L 129 11.81 -13.81 -27.19
CA SER L 129 12.54 -14.70 -26.30
C SER L 129 13.93 -14.20 -25.94
N THR L 130 14.35 -13.08 -26.50
CA THR L 130 15.65 -12.51 -26.21
C THR L 130 15.51 -11.35 -25.23
N VAL L 131 16.47 -11.26 -24.32
CA VAL L 131 16.41 -10.28 -23.25
C VAL L 131 17.81 -9.89 -22.83
N ALA L 132 17.95 -8.68 -22.29
CA ALA L 132 19.20 -8.15 -21.80
C ALA L 132 19.04 -7.73 -20.35
N VAL L 133 20.12 -7.89 -19.58
CA VAL L 133 20.08 -7.60 -18.16
C VAL L 133 21.43 -7.08 -17.71
N GLY L 134 21.38 -6.17 -16.74
CA GLY L 134 22.57 -5.51 -16.22
C GLY L 134 22.65 -5.63 -14.71
N SER L 135 23.86 -5.92 -14.24
CA SER L 135 24.15 -6.45 -12.92
C SER L 135 24.69 -5.39 -11.96
N LYS L 136 25.17 -5.85 -10.82
CA LYS L 136 25.80 -5.03 -9.80
C LYS L 136 27.26 -4.73 -10.11
N GLY L 137 27.89 -5.51 -10.99
CA GLY L 137 29.32 -5.42 -11.23
C GLY L 137 29.67 -5.14 -12.67
N GLY L 138 28.88 -4.29 -13.32
CA GLY L 138 29.12 -3.98 -14.71
C GLY L 138 29.08 -5.16 -15.65
N ASP L 139 28.53 -6.29 -15.21
CA ASP L 139 28.46 -7.50 -16.01
C ASP L 139 27.11 -7.55 -16.73
N ILE L 140 27.15 -7.51 -18.06
CA ILE L 140 25.95 -7.54 -18.87
C ILE L 140 25.73 -8.94 -19.38
N MET L 141 24.46 -9.30 -19.54
CA MET L 141 24.10 -10.57 -20.14
C MET L 141 23.01 -10.36 -21.18
N LEU L 142 23.11 -11.16 -22.25
CA LEU L 142 22.14 -11.20 -23.31
C LEU L 142 21.80 -12.66 -23.56
N TRP L 143 20.50 -13.00 -23.48
CA TRP L 143 20.06 -14.38 -23.41
C TRP L 143 18.84 -14.57 -24.29
N ASN L 144 18.84 -15.66 -25.06
CA ASN L 144 17.71 -16.08 -25.87
C ASN L 144 17.23 -17.45 -25.41
N PHE L 145 15.93 -17.68 -25.56
CA PHE L 145 15.31 -18.92 -25.13
C PHE L 145 15.10 -19.84 -26.32
N GLY L 146 15.05 -21.13 -26.04
CA GLY L 146 14.90 -22.11 -27.10
C GLY L 146 16.06 -22.18 -28.05
N ILE L 147 17.23 -21.70 -27.64
CA ILE L 147 18.41 -21.67 -28.47
C ILE L 147 19.51 -22.59 -27.94
N LYS L 148 19.70 -22.63 -26.63
CA LYS L 148 20.65 -23.52 -25.97
C LYS L 148 22.10 -23.26 -26.38
N ASP L 149 22.39 -22.09 -26.95
CA ASP L 149 23.73 -21.74 -27.40
C ASP L 149 24.52 -20.97 -26.35
N LYS L 150 24.29 -21.26 -25.07
CA LYS L 150 25.13 -20.79 -23.97
C LYS L 150 25.29 -19.27 -23.96
N PRO L 151 24.38 -18.54 -23.30
CA PRO L 151 24.14 -17.13 -23.66
C PRO L 151 25.35 -16.22 -23.69
N THR L 152 25.13 -15.04 -24.26
CA THR L 152 26.20 -14.09 -24.46
C THR L 152 26.44 -13.28 -23.20
N PHE L 153 27.73 -13.04 -22.93
CA PHE L 153 28.21 -12.48 -21.68
C PHE L 153 29.17 -11.35 -21.99
N ILE L 154 29.29 -10.41 -21.05
CA ILE L 154 30.43 -9.51 -21.05
C ILE L 154 30.63 -9.00 -19.63
N LYS L 155 31.87 -9.05 -19.17
CA LYS L 155 32.23 -8.71 -17.80
C LYS L 155 32.73 -7.27 -17.73
N GLY L 156 32.86 -6.79 -16.50
CA GLY L 156 33.44 -5.50 -16.22
C GLY L 156 34.36 -5.54 -15.01
N ILE L 157 34.52 -4.39 -14.36
CA ILE L 157 35.48 -4.28 -13.27
C ILE L 157 35.10 -5.19 -12.11
N GLY L 158 33.82 -5.30 -11.81
CA GLY L 158 33.32 -6.27 -10.85
C GLY L 158 33.14 -5.77 -9.44
N ALA L 159 33.61 -4.56 -9.10
CA ALA L 159 33.51 -4.03 -7.75
C ALA L 159 32.67 -2.76 -7.66
N GLY L 160 33.01 -1.74 -8.43
CA GLY L 160 32.38 -0.43 -8.32
C GLY L 160 31.85 0.11 -9.63
N GLY L 161 31.63 -0.79 -10.59
CA GLY L 161 31.16 -0.42 -11.92
C GLY L 161 29.74 -0.86 -12.17
N SER L 162 28.88 -0.66 -11.17
CA SER L 162 27.53 -1.19 -11.23
C SER L 162 26.76 -0.50 -12.33
N ILE L 163 26.43 -1.26 -13.38
CA ILE L 163 25.49 -0.76 -14.37
C ILE L 163 24.18 -0.46 -13.67
N THR L 164 23.54 0.62 -14.09
CA THR L 164 22.32 1.08 -13.49
C THR L 164 21.27 1.49 -14.49
N GLY L 165 21.58 1.50 -15.79
CA GLY L 165 20.61 1.81 -16.82
C GLY L 165 20.92 1.08 -18.10
N LEU L 166 19.90 0.61 -18.79
CA LEU L 166 20.11 -0.32 -19.89
C LEU L 166 18.88 -0.29 -20.79
N LYS L 167 19.05 0.23 -22.00
CA LYS L 167 18.03 0.19 -23.03
C LYS L 167 18.67 -0.17 -24.36
N PHE L 168 17.91 -0.90 -25.17
CA PHE L 168 18.41 -1.31 -26.46
C PHE L 168 18.59 -0.08 -27.36
N ASN L 169 19.28 -0.31 -28.47
CA ASN L 169 19.38 0.68 -29.53
C ASN L 169 18.21 0.53 -30.48
N PRO L 170 17.40 1.57 -30.71
CA PRO L 170 16.29 1.41 -31.65
C PRO L 170 16.72 1.08 -33.07
N LEU L 171 17.99 1.32 -33.41
CA LEU L 171 18.47 1.18 -34.77
C LEU L 171 19.17 -0.16 -34.99
N ASN L 172 20.21 -0.41 -34.21
CA ASN L 172 21.04 -1.60 -34.35
C ASN L 172 20.87 -2.42 -33.08
N THR L 173 20.01 -3.45 -33.16
CA THR L 173 19.62 -4.20 -31.98
C THR L 173 20.80 -4.94 -31.34
N ASN L 174 21.92 -5.06 -32.04
CA ASN L 174 23.11 -5.63 -31.47
C ASN L 174 23.97 -4.60 -30.75
N GLN L 175 23.45 -3.41 -30.52
CA GLN L 175 24.08 -2.40 -29.70
C GLN L 175 23.30 -2.24 -28.38
N PHE L 176 23.83 -1.42 -27.47
CA PHE L 176 23.08 -1.03 -26.29
C PHE L 176 23.69 0.22 -25.69
N TYR L 177 22.84 1.06 -25.15
CA TYR L 177 23.27 2.14 -24.30
C TYR L 177 23.56 1.58 -22.92
N ALA L 178 24.21 2.38 -22.09
CA ALA L 178 24.49 1.94 -20.74
C ALA L 178 24.95 3.11 -19.88
N SER L 179 24.56 3.05 -18.62
CA SER L 179 25.03 3.96 -17.59
C SER L 179 25.64 3.13 -16.47
N SER L 180 26.75 3.63 -15.96
CA SER L 180 27.63 2.86 -15.09
C SER L 180 27.96 3.68 -13.86
N MET L 181 28.24 2.99 -12.75
CA MET L 181 28.62 3.69 -11.54
C MET L 181 29.98 4.36 -11.69
N GLU L 182 30.77 3.92 -12.65
CA GLU L 182 32.04 4.57 -12.96
C GLU L 182 31.89 6.03 -13.30
N GLY L 183 30.75 6.42 -13.85
CA GLY L 183 30.51 7.79 -14.25
C GLY L 183 30.71 8.04 -15.73
N THR L 184 30.23 7.11 -16.57
CA THR L 184 30.44 7.19 -18.02
C THR L 184 29.18 6.70 -18.72
N THR L 185 28.39 7.63 -19.24
CA THR L 185 27.29 7.29 -20.12
C THR L 185 27.84 6.86 -21.47
N ARG L 186 27.66 5.59 -21.82
CA ARG L 186 28.29 5.02 -22.99
C ARG L 186 27.29 4.34 -23.92
N LEU L 187 27.75 4.12 -25.14
CA LEU L 187 27.05 3.34 -26.16
C LEU L 187 28.05 2.32 -26.68
N GLN L 188 27.67 1.05 -26.57
CA GLN L 188 28.61 -0.05 -26.60
C GLN L 188 27.94 -1.28 -27.21
N ASP L 189 28.75 -2.13 -27.81
CA ASP L 189 28.29 -3.32 -28.49
C ASP L 189 28.32 -4.53 -27.55
N PHE L 190 27.52 -5.54 -27.90
CA PHE L 190 27.49 -6.77 -27.14
C PHE L 190 28.72 -7.64 -27.38
N LYS L 191 29.63 -7.24 -28.26
CA LYS L 191 30.89 -7.92 -28.42
C LYS L 191 32.03 -7.26 -27.67
N GLY L 192 31.79 -6.10 -27.04
CA GLY L 192 32.70 -5.49 -26.10
C GLY L 192 33.22 -4.14 -26.55
N ASN L 193 33.28 -3.91 -27.86
CA ASN L 193 33.83 -2.67 -28.37
C ASN L 193 32.96 -1.50 -27.95
N ILE L 194 33.56 -0.56 -27.23
CA ILE L 194 32.88 0.69 -26.90
C ILE L 194 32.92 1.58 -28.13
N LEU L 195 31.74 1.93 -28.63
CA LEU L 195 31.68 2.84 -29.76
C LEU L 195 31.89 4.27 -29.32
N ARG L 196 31.18 4.72 -28.29
CA ARG L 196 31.34 6.11 -27.87
C ARG L 196 30.95 6.30 -26.43
N VAL L 197 31.73 7.08 -25.73
CA VAL L 197 31.30 7.66 -24.47
C VAL L 197 30.56 8.95 -24.77
N PHE L 198 29.49 9.20 -24.03
CA PHE L 198 28.63 10.36 -24.25
C PHE L 198 28.91 11.50 -23.28
N ALA L 199 29.28 11.20 -22.05
CA ALA L 199 29.57 12.20 -21.04
C ALA L 199 30.49 11.58 -20.01
N SER L 200 30.79 12.33 -18.96
CA SER L 200 31.66 11.80 -17.91
C SER L 200 31.60 12.73 -16.70
N SER L 201 31.80 12.14 -15.53
CA SER L 201 31.86 12.92 -14.30
C SER L 201 33.22 13.59 -14.15
N ASP L 202 34.30 12.84 -14.40
CA ASP L 202 35.67 13.29 -14.24
C ASP L 202 36.02 13.60 -12.78
N THR L 203 35.20 13.17 -11.83
CA THR L 203 35.49 13.36 -10.41
C THR L 203 34.60 12.41 -9.63
N ILE L 204 35.21 11.55 -8.84
CA ILE L 204 34.46 10.48 -8.19
C ILE L 204 33.57 11.08 -7.12
N ASN L 205 32.70 10.22 -6.59
CA ASN L 205 31.58 10.52 -5.69
C ASN L 205 30.46 11.30 -6.38
N ILE L 206 30.50 11.42 -7.71
CA ILE L 206 29.42 11.98 -8.51
C ILE L 206 29.28 11.09 -9.74
N TRP L 207 28.21 10.30 -9.79
CA TRP L 207 28.04 9.29 -10.82
C TRP L 207 26.59 9.29 -11.27
N PHE L 208 26.31 8.49 -12.30
CA PHE L 208 24.99 8.39 -12.90
C PHE L 208 24.22 7.21 -12.34
N CYS L 209 22.90 7.36 -12.27
CA CYS L 209 22.04 6.34 -11.68
C CYS L 209 20.93 5.88 -12.62
N SER L 210 20.47 6.77 -13.49
CA SER L 210 19.31 6.51 -14.33
C SER L 210 19.61 6.87 -15.77
N LEU L 211 18.81 6.28 -16.66
CA LEU L 211 19.03 6.45 -18.08
C LEU L 211 17.77 6.09 -18.84
N ASP L 212 17.52 6.78 -19.95
CA ASP L 212 16.49 6.37 -20.88
C ASP L 212 16.70 7.10 -22.21
N VAL L 213 15.95 6.66 -23.22
CA VAL L 213 16.16 7.08 -24.60
C VAL L 213 14.81 7.26 -25.29
N SER L 214 14.79 8.13 -26.29
CA SER L 214 13.67 8.29 -27.20
C SER L 214 14.15 8.29 -28.64
N ALA L 215 13.41 7.59 -29.50
CA ALA L 215 13.78 7.37 -30.89
C ALA L 215 13.13 8.35 -31.84
N SER L 216 11.86 8.70 -31.60
CA SER L 216 11.15 9.58 -32.51
C SER L 216 11.82 10.94 -32.59
N SER L 217 12.39 11.40 -31.48
CA SER L 217 13.17 12.62 -31.44
C SER L 217 14.66 12.36 -31.44
N ARG L 218 15.07 11.11 -31.20
CA ARG L 218 16.48 10.73 -31.18
C ARG L 218 17.23 11.52 -30.11
N MET L 219 16.76 11.35 -28.88
CA MET L 219 17.33 12.02 -27.72
C MET L 219 17.67 10.99 -26.66
N VAL L 220 18.64 11.33 -25.82
CA VAL L 220 19.10 10.51 -24.72
C VAL L 220 19.05 11.35 -23.47
N VAL L 221 18.73 10.73 -22.34
CA VAL L 221 18.57 11.45 -21.09
C VAL L 221 19.06 10.58 -19.96
N THR L 222 19.68 11.20 -18.96
CA THR L 222 20.35 10.45 -17.92
C THR L 222 20.45 11.26 -16.65
N GLY L 223 20.37 10.56 -15.51
CA GLY L 223 20.35 11.18 -14.20
C GLY L 223 21.52 10.82 -13.28
N ASP L 224 21.76 11.71 -12.32
CA ASP L 224 22.93 11.71 -11.46
C ASP L 224 22.53 11.30 -10.04
N ASN L 225 23.50 11.40 -9.13
CA ASN L 225 23.29 11.16 -7.71
C ASN L 225 23.14 12.44 -6.89
N VAL L 226 23.13 13.61 -7.53
CA VAL L 226 23.19 14.88 -6.82
C VAL L 226 21.99 15.77 -7.09
N GLY L 227 21.41 15.66 -8.28
CA GLY L 227 20.24 16.45 -8.63
C GLY L 227 20.25 17.10 -10.00
N ASN L 228 21.19 16.73 -10.88
CA ASN L 228 21.28 17.32 -12.20
C ASN L 228 21.14 16.24 -13.27
N VAL L 229 20.38 16.57 -14.30
CA VAL L 229 20.04 15.68 -15.39
C VAL L 229 20.75 16.15 -16.63
N ILE L 230 21.10 15.22 -17.50
CA ILE L 230 21.82 15.52 -18.72
C ILE L 230 20.99 15.00 -19.89
N LEU L 231 20.99 15.78 -20.97
CA LEU L 231 20.19 15.51 -22.16
C LEU L 231 21.07 15.68 -23.38
N LEU L 232 21.19 14.62 -24.18
CA LEU L 232 22.07 14.58 -25.34
C LEU L 232 21.28 14.25 -26.60
N ASN L 233 21.84 14.65 -27.74
CA ASN L 233 21.42 14.15 -29.04
C ASN L 233 22.19 12.88 -29.37
N MET L 234 21.70 12.17 -30.39
CA MET L 234 22.31 10.91 -30.78
C MET L 234 23.71 11.07 -31.34
N ASP L 235 24.17 12.30 -31.60
CA ASP L 235 25.50 12.56 -32.12
C ASP L 235 26.29 13.53 -31.23
N GLY L 236 25.96 13.61 -29.96
CA GLY L 236 26.60 14.55 -29.05
C GLY L 236 25.74 15.78 -28.89
N LYS L 237 26.36 16.95 -28.99
CA LYS L 237 25.64 18.22 -29.03
C LYS L 237 24.81 18.41 -27.76
N GLU L 238 25.52 18.54 -26.66
CA GLU L 238 24.87 18.70 -25.37
C GLU L 238 24.51 20.16 -25.16
N LEU L 239 23.20 20.43 -25.09
CA LEU L 239 22.69 21.74 -24.67
C LEU L 239 21.67 21.44 -23.58
N TRP L 240 22.19 21.16 -22.39
CA TRP L 240 21.41 20.79 -21.21
C TRP L 240 22.44 20.70 -20.09
N ASN L 241 22.15 19.93 -19.04
CA ASN L 241 23.00 19.74 -17.85
C ASN L 241 22.79 20.83 -16.81
N LEU L 242 21.66 21.51 -16.87
CA LEU L 242 21.20 22.28 -15.73
C LEU L 242 20.74 21.35 -14.62
N ARG L 243 20.92 21.79 -13.39
CA ARG L 243 20.51 21.01 -12.24
C ARG L 243 19.01 21.18 -12.01
N MET L 244 18.36 20.08 -11.69
CA MET L 244 16.91 20.04 -11.52
C MET L 244 16.46 19.81 -10.10
N HIS L 245 17.26 19.08 -9.31
CA HIS L 245 16.87 18.67 -7.98
C HIS L 245 18.03 18.89 -7.02
N LYS L 246 17.80 18.57 -5.75
CA LYS L 246 18.78 18.73 -4.69
C LYS L 246 19.53 17.45 -4.36
N LYS L 247 19.04 16.29 -4.81
CA LYS L 247 19.61 15.01 -4.41
C LYS L 247 19.45 14.04 -5.57
N LYS L 248 19.60 12.76 -5.30
CA LYS L 248 19.70 11.77 -6.36
C LYS L 248 18.41 11.65 -7.16
N VAL L 249 18.58 11.41 -8.45
CA VAL L 249 17.50 11.23 -9.41
C VAL L 249 17.45 9.75 -9.75
N THR L 250 16.41 9.07 -9.28
CA THR L 250 16.39 7.62 -9.40
C THR L 250 15.92 7.17 -10.75
N HIS L 251 15.00 7.90 -11.34
CA HIS L 251 14.42 7.50 -12.62
C HIS L 251 13.89 8.72 -13.34
N VAL L 252 13.75 8.56 -14.65
CA VAL L 252 13.46 9.66 -15.53
C VAL L 252 13.01 9.01 -16.84
N ALA L 253 12.07 9.63 -17.56
CA ALA L 253 11.51 8.94 -18.72
C ALA L 253 10.79 9.88 -19.66
N LEU L 254 10.70 9.41 -20.89
CA LEU L 254 10.16 10.17 -22.02
C LEU L 254 8.90 9.51 -22.53
N ASN L 255 8.07 10.29 -23.13
CA ASN L 255 6.83 9.81 -23.71
C ASN L 255 7.11 9.21 -25.09
N PRO L 256 6.45 8.10 -25.45
CA PRO L 256 6.67 7.52 -26.76
C PRO L 256 5.76 8.05 -27.86
N CYS L 257 4.59 8.56 -27.49
CA CYS L 257 3.59 8.97 -28.47
C CYS L 257 3.60 10.46 -28.73
N CYS L 258 4.06 11.24 -27.79
CA CYS L 258 4.54 12.58 -28.02
C CYS L 258 6.06 12.53 -27.96
N ASP L 259 6.69 13.69 -28.09
CA ASP L 259 8.14 13.78 -28.13
C ASP L 259 8.74 14.80 -27.19
N TRP L 260 7.93 15.67 -26.58
CA TRP L 260 8.48 16.88 -25.99
C TRP L 260 7.86 17.23 -24.65
N PHE L 261 7.40 16.25 -23.88
CA PHE L 261 7.30 16.43 -22.44
C PHE L 261 7.97 15.26 -21.73
N LEU L 262 8.60 15.59 -20.62
CA LEU L 262 9.54 14.72 -19.93
C LEU L 262 9.09 14.53 -18.49
N ALA L 263 9.55 13.44 -17.89
CA ALA L 263 9.26 13.16 -16.49
C ALA L 263 10.55 12.84 -15.78
N THR L 264 10.66 13.29 -14.54
CA THR L 264 11.83 12.99 -13.73
C THR L 264 11.41 12.84 -12.29
N ALA L 265 12.13 11.98 -11.57
CA ALA L 265 11.85 11.67 -10.20
C ALA L 265 13.12 11.80 -9.38
N SER L 266 12.94 12.05 -8.08
CA SER L 266 14.04 12.51 -7.24
C SER L 266 13.79 12.10 -5.79
N VAL L 267 14.85 12.13 -5.00
CA VAL L 267 14.72 11.88 -3.56
C VAL L 267 14.19 13.10 -2.81
N ASP L 268 13.92 14.20 -3.49
CA ASP L 268 13.44 15.41 -2.83
C ASP L 268 11.97 15.35 -2.47
N GLN L 269 11.34 14.17 -2.55
CA GLN L 269 9.93 13.99 -2.28
C GLN L 269 9.05 14.68 -3.32
N THR L 270 9.61 14.97 -4.49
CA THR L 270 8.89 15.64 -5.55
C THR L 270 9.22 14.97 -6.87
N VAL L 271 8.27 15.01 -7.78
CA VAL L 271 8.44 14.48 -9.13
C VAL L 271 7.98 15.56 -10.09
N LYS L 272 8.74 15.77 -11.15
CA LYS L 272 8.63 16.97 -11.96
C LYS L 272 8.43 16.62 -13.42
N ILE L 273 7.53 17.35 -14.07
CA ILE L 273 7.21 17.17 -15.46
C ILE L 273 7.72 18.39 -16.22
N TRP L 274 8.58 18.14 -17.19
CA TRP L 274 9.28 19.16 -17.96
C TRP L 274 8.77 19.23 -19.38
N ASP L 275 9.14 20.32 -20.05
CA ASP L 275 8.93 20.56 -21.47
C ASP L 275 10.31 20.89 -22.06
N LEU L 276 10.97 19.88 -22.61
CA LEU L 276 12.40 19.94 -22.85
C LEU L 276 12.81 21.00 -23.86
N ARG L 277 11.90 21.42 -24.70
CA ARG L 277 12.21 22.42 -25.72
C ARG L 277 12.05 23.86 -25.23
N GLN L 278 11.20 24.09 -24.24
CA GLN L 278 10.87 25.45 -23.82
C GLN L 278 11.69 25.92 -22.63
N VAL L 279 11.96 25.04 -21.66
CA VAL L 279 12.58 25.45 -20.41
C VAL L 279 14.09 25.49 -20.55
N ARG L 280 14.71 26.54 -19.99
CA ARG L 280 16.16 26.62 -19.85
C ARG L 280 16.62 27.22 -18.54
N GLY L 281 15.71 27.61 -17.65
CA GLY L 281 16.03 28.54 -16.59
C GLY L 281 16.22 27.97 -15.20
N LYS L 282 16.67 26.73 -15.07
CA LYS L 282 17.02 26.16 -13.77
C LYS L 282 15.82 26.17 -12.83
N ALA L 283 14.89 25.26 -13.13
CA ALA L 283 13.62 25.10 -12.41
C ALA L 283 12.60 26.16 -12.83
N SER L 284 12.66 26.55 -14.11
CA SER L 284 11.49 27.11 -14.79
C SER L 284 10.66 26.00 -15.42
N PHE L 285 10.25 25.04 -14.59
CA PHE L 285 9.63 23.80 -15.04
C PHE L 285 8.21 24.05 -15.54
N LEU L 286 7.54 22.96 -15.89
CA LEU L 286 6.15 22.95 -16.31
C LEU L 286 5.20 22.55 -15.19
N TYR L 287 5.43 21.41 -14.56
CA TYR L 287 4.60 20.99 -13.45
C TYR L 287 5.43 20.30 -12.38
N SER L 288 4.93 20.34 -11.15
CA SER L 288 5.58 19.69 -10.01
C SER L 288 4.52 19.03 -9.15
N LEU L 289 4.67 17.73 -8.94
CA LEU L 289 3.80 16.95 -8.10
C LEU L 289 4.53 16.57 -6.84
N PRO L 290 3.98 16.81 -5.65
CA PRO L 290 4.69 16.44 -4.43
C PRO L 290 4.34 15.03 -3.96
N HIS L 291 5.05 14.61 -2.94
CA HIS L 291 4.84 13.32 -2.31
C HIS L 291 5.17 13.46 -0.83
N ARG L 292 4.83 12.42 -0.09
CA ARG L 292 5.20 12.35 1.32
C ARG L 292 6.56 11.71 1.54
N HIS L 293 6.99 10.83 0.65
CA HIS L 293 8.23 10.10 0.74
C HIS L 293 9.02 10.24 -0.55
N PRO L 294 10.22 9.67 -0.63
CA PRO L 294 10.95 9.67 -1.88
C PRO L 294 10.23 8.88 -2.95
N VAL L 295 10.77 8.92 -4.17
CA VAL L 295 10.20 8.22 -5.31
C VAL L 295 11.26 7.37 -5.95
N ASN L 296 10.89 6.13 -6.25
CA ASN L 296 11.76 5.18 -6.90
C ASN L 296 11.47 5.05 -8.37
N ALA L 297 10.28 5.43 -8.81
CA ALA L 297 10.09 5.40 -10.25
C ALA L 297 8.91 6.23 -10.68
N ALA L 298 9.03 6.76 -11.89
CA ALA L 298 8.02 7.55 -12.56
C ALA L 298 8.04 7.15 -14.02
N CYS L 299 7.05 6.39 -14.44
CA CYS L 299 7.02 5.81 -15.77
C CYS L 299 5.74 6.20 -16.48
N PHE L 300 5.88 6.55 -17.75
CA PHE L 300 4.72 6.94 -18.54
C PHE L 300 4.03 5.71 -19.09
N SER L 301 2.87 5.95 -19.67
CA SER L 301 2.09 4.91 -20.33
C SER L 301 2.63 4.69 -21.73
N PRO L 302 2.07 3.73 -22.44
CA PRO L 302 2.33 3.66 -23.87
C PRO L 302 1.45 4.65 -24.61
N ASP L 303 0.23 4.84 -24.11
CA ASP L 303 -0.69 5.75 -24.75
C ASP L 303 -0.31 7.19 -24.49
N GLY L 304 0.32 7.44 -23.35
CA GLY L 304 0.89 8.72 -23.05
C GLY L 304 0.13 9.55 -22.05
N ALA L 305 -1.06 9.10 -21.67
CA ALA L 305 -1.97 9.94 -20.91
C ALA L 305 -2.00 9.61 -19.44
N ARG L 306 -1.37 8.51 -19.03
CA ARG L 306 -1.39 8.05 -17.66
C ARG L 306 0.03 7.89 -17.16
N LEU L 307 0.37 8.61 -16.11
CA LEU L 307 1.67 8.52 -15.47
C LEU L 307 1.55 7.69 -14.20
N LEU L 308 2.48 6.78 -14.03
CA LEU L 308 2.57 5.93 -12.86
C LEU L 308 3.73 6.43 -12.02
N THR L 309 3.55 6.38 -10.71
CA THR L 309 4.56 6.84 -9.79
C THR L 309 4.56 5.91 -8.61
N THR L 310 5.77 5.61 -8.14
CA THR L 310 5.97 4.58 -7.15
C THR L 310 7.05 5.02 -6.18
N ASP L 311 6.67 4.99 -4.92
CA ASP L 311 7.40 5.58 -3.81
C ASP L 311 8.33 4.53 -3.20
N GLN L 312 8.87 4.84 -2.02
CA GLN L 312 9.77 3.96 -1.30
C GLN L 312 9.20 3.38 -0.03
N LYS L 313 8.11 3.93 0.50
CA LYS L 313 7.59 3.45 1.77
C LYS L 313 6.38 2.56 1.59
N SER L 314 5.25 3.14 1.20
CA SER L 314 4.08 2.34 0.85
C SER L 314 3.10 3.23 0.09
N GLU L 315 3.15 3.19 -1.23
CA GLU L 315 2.17 3.93 -2.02
C GLU L 315 2.41 3.65 -3.49
N ILE L 316 1.37 3.81 -4.29
CA ILE L 316 1.47 4.02 -5.72
C ILE L 316 0.45 5.09 -6.07
N ARG L 317 0.82 5.98 -6.97
CA ARG L 317 -0.08 7.02 -7.44
C ARG L 317 -0.20 6.97 -8.94
N VAL L 318 -1.38 7.34 -9.42
CA VAL L 318 -1.62 7.51 -10.83
C VAL L 318 -2.04 8.95 -11.07
N TYR L 319 -1.26 9.66 -11.86
CA TYR L 319 -1.62 10.99 -12.33
C TYR L 319 -2.01 10.93 -13.80
N SER L 320 -2.95 11.77 -14.19
CA SER L 320 -3.49 11.77 -15.54
C SER L 320 -2.96 12.94 -16.34
N ALA L 321 -3.09 12.83 -17.66
CA ALA L 321 -2.94 13.98 -18.56
C ALA L 321 -3.72 15.19 -18.06
N SER L 322 -4.94 14.95 -17.61
CA SER L 322 -5.83 16.03 -17.21
C SER L 322 -5.46 16.50 -15.82
N GLN L 323 -4.81 17.65 -15.74
CA GLN L 323 -4.45 18.29 -14.47
C GLN L 323 -3.58 17.36 -13.62
N TRP L 324 -2.32 17.27 -14.07
CA TRP L 324 -1.25 16.52 -13.44
C TRP L 324 -1.23 16.60 -11.92
N ASP L 325 -1.61 17.76 -11.38
CA ASP L 325 -1.54 18.01 -9.94
C ASP L 325 -2.31 16.96 -9.14
N CYS L 326 -3.61 16.91 -9.32
CA CYS L 326 -4.39 16.02 -8.49
C CYS L 326 -4.30 14.60 -9.00
N PRO L 327 -4.30 13.60 -8.12
CA PRO L 327 -4.31 12.22 -8.58
C PRO L 327 -5.70 11.65 -8.80
N LEU L 328 -5.73 10.65 -9.66
CA LEU L 328 -6.94 9.88 -9.85
C LEU L 328 -7.10 8.87 -8.72
N GLY L 329 -6.04 8.15 -8.42
CA GLY L 329 -6.16 6.98 -7.57
C GLY L 329 -4.86 6.58 -6.95
N LEU L 330 -4.97 6.00 -5.76
CA LEU L 330 -3.87 5.46 -4.99
C LEU L 330 -4.00 3.95 -4.92
N ILE L 331 -2.93 3.26 -5.23
CA ILE L 331 -2.87 1.81 -5.12
C ILE L 331 -1.88 1.57 -3.99
N PRO L 332 -2.35 1.34 -2.77
CA PRO L 332 -1.42 1.12 -1.65
C PRO L 332 -0.88 -0.29 -1.67
N HIS L 333 0.43 -0.40 -1.53
CA HIS L 333 1.12 -1.67 -1.64
C HIS L 333 2.54 -1.50 -1.12
N PRO L 334 3.03 -2.32 -0.21
CA PRO L 334 4.36 -2.07 0.36
C PRO L 334 5.53 -2.64 -0.42
N HIS L 335 6.45 -1.77 -0.79
CA HIS L 335 7.68 -2.13 -1.51
C HIS L 335 8.86 -1.41 -0.89
N ARG L 336 8.99 -1.55 0.42
CA ARG L 336 9.89 -0.74 1.23
C ARG L 336 11.35 -0.83 0.81
N HIS L 337 12.04 0.30 0.91
CA HIS L 337 13.42 0.45 0.50
C HIS L 337 14.39 -0.17 1.50
N PHE L 338 15.55 -0.55 1.00
CA PHE L 338 16.61 -1.15 1.80
C PHE L 338 17.91 -0.96 1.04
N GLN L 339 19.01 -0.98 1.80
CA GLN L 339 20.34 -0.68 1.29
C GLN L 339 20.77 -1.65 0.20
N HIS L 340 20.96 -2.90 0.57
CA HIS L 340 21.50 -3.88 -0.35
C HIS L 340 20.47 -4.41 -1.34
N LEU L 341 19.20 -4.06 -1.16
CA LEU L 341 18.16 -4.50 -2.08
C LEU L 341 18.15 -3.61 -3.30
N THR L 342 17.73 -4.18 -4.41
CA THR L 342 17.56 -3.41 -5.61
C THR L 342 16.24 -2.65 -5.55
N PRO L 343 16.20 -1.37 -5.88
CA PRO L 343 14.97 -0.62 -5.73
C PRO L 343 13.91 -1.12 -6.70
N ILE L 344 12.70 -0.95 -6.31
CA ILE L 344 11.57 -1.59 -6.96
C ILE L 344 10.95 -0.63 -7.96
N LYS L 345 10.45 -1.19 -9.06
CA LYS L 345 10.04 -0.44 -10.23
C LYS L 345 8.76 -1.06 -10.76
N ALA L 346 7.64 -0.42 -10.48
CA ALA L 346 6.38 -0.80 -11.07
C ALA L 346 6.42 -0.58 -12.58
N ALA L 347 5.51 -1.24 -13.29
CA ALA L 347 5.53 -1.20 -14.74
C ALA L 347 4.14 -1.43 -15.30
N TRP L 348 3.92 -0.89 -16.48
CA TRP L 348 2.69 -1.12 -17.22
C TRP L 348 2.77 -2.43 -17.97
N HIS L 349 1.65 -2.84 -18.44
CA HIS L 349 1.53 -3.85 -19.46
C HIS L 349 1.15 -3.16 -20.75
N PRO L 350 1.81 -3.47 -21.87
CA PRO L 350 1.80 -2.55 -23.00
C PRO L 350 0.47 -2.45 -23.70
N ARG L 351 -0.33 -3.49 -23.65
CA ARG L 351 -1.54 -3.59 -24.45
C ARG L 351 -2.82 -3.62 -23.63
N TYR L 352 -2.73 -3.49 -22.32
CA TYR L 352 -3.90 -3.37 -21.46
C TYR L 352 -3.75 -2.21 -20.50
N ASN L 353 -4.66 -2.09 -19.54
CA ASN L 353 -4.63 -1.06 -18.51
C ASN L 353 -4.26 -1.67 -17.16
N LEU L 354 -3.35 -2.63 -17.19
CA LEU L 354 -2.89 -3.33 -16.01
C LEU L 354 -1.65 -2.69 -15.40
N ILE L 355 -1.33 -3.13 -14.18
CA ILE L 355 -0.09 -2.78 -13.50
C ILE L 355 0.45 -4.04 -12.88
N VAL L 356 1.78 -4.15 -12.84
CA VAL L 356 2.48 -5.30 -12.28
C VAL L 356 3.54 -4.80 -11.31
N VAL L 357 3.60 -5.39 -10.11
CA VAL L 357 4.47 -4.90 -9.05
C VAL L 357 4.97 -6.08 -8.23
N GLY L 358 6.15 -5.90 -7.63
CA GLY L 358 6.69 -6.84 -6.66
C GLY L 358 6.40 -6.37 -5.24
N ARG L 359 6.32 -7.33 -4.34
CA ARG L 359 5.86 -7.09 -2.99
C ARG L 359 7.01 -7.30 -2.02
N TYR L 360 6.96 -6.59 -0.89
CA TYR L 360 7.97 -6.68 0.15
C TYR L 360 7.28 -6.40 1.48
N PRO L 361 6.80 -7.45 2.17
CA PRO L 361 6.00 -7.25 3.38
C PRO L 361 6.59 -6.35 4.44
N ASP L 362 5.69 -5.74 5.19
CA ASP L 362 6.03 -4.76 6.21
C ASP L 362 5.14 -5.05 7.39
N PRO L 363 5.67 -5.43 8.55
CA PRO L 363 4.80 -5.70 9.70
C PRO L 363 4.04 -4.49 10.19
N ASN L 364 4.49 -3.28 9.88
CA ASN L 364 3.84 -2.06 10.33
C ASN L 364 2.75 -1.57 9.39
N PHE L 365 2.67 -2.07 8.17
CA PHE L 365 1.64 -1.63 7.25
C PHE L 365 0.30 -2.23 7.64
N LYS L 366 -0.73 -1.41 7.60
CA LYS L 366 -2.07 -1.84 7.99
C LYS L 366 -2.60 -2.80 6.94
N SER L 367 -2.37 -4.09 7.14
CA SER L 367 -2.77 -5.09 6.16
C SER L 367 -4.27 -5.34 6.24
N CYS L 368 -4.92 -5.36 5.07
CA CYS L 368 -6.31 -5.81 4.99
C CYS L 368 -6.38 -7.33 4.94
N THR L 369 -5.39 -7.98 4.33
CA THR L 369 -5.33 -9.42 4.27
C THR L 369 -4.60 -9.97 5.51
N PRO L 370 -5.05 -11.09 6.08
CA PRO L 370 -4.29 -11.68 7.19
C PRO L 370 -3.06 -12.45 6.76
N TYR L 371 -2.95 -12.79 5.48
CA TYR L 371 -1.81 -13.53 4.94
C TYR L 371 -1.02 -12.58 4.07
N GLU L 372 0.25 -12.39 4.41
CA GLU L 372 1.12 -11.44 3.72
C GLU L 372 2.38 -12.18 3.29
N LEU L 373 2.40 -12.56 2.02
CA LEU L 373 3.53 -13.25 1.43
C LEU L 373 4.13 -12.43 0.31
N ARG L 374 5.37 -12.73 0.04
CA ARG L 374 6.11 -12.06 -1.02
C ARG L 374 5.79 -12.71 -2.35
N THR L 375 5.32 -11.91 -3.28
CA THR L 375 4.68 -12.40 -4.49
C THR L 375 4.58 -11.25 -5.47
N ILE L 376 4.16 -11.57 -6.68
CA ILE L 376 3.99 -10.57 -7.72
C ILE L 376 2.51 -10.27 -7.81
N ASP L 377 2.16 -8.99 -7.66
CA ASP L 377 0.78 -8.56 -7.70
C ASP L 377 0.48 -7.89 -9.03
N VAL L 378 -0.78 -8.00 -9.44
CA VAL L 378 -1.25 -7.47 -10.71
C VAL L 378 -2.55 -6.75 -10.45
N PHE L 379 -2.54 -5.44 -10.61
CA PHE L 379 -3.65 -4.54 -10.33
C PHE L 379 -4.23 -3.99 -11.62
N ASP L 380 -5.39 -3.35 -11.48
CA ASP L 380 -6.02 -2.60 -12.56
C ASP L 380 -5.73 -1.13 -12.40
N GLY L 381 -5.55 -0.46 -13.53
CA GLY L 381 -5.06 0.89 -13.51
C GLY L 381 -6.13 1.87 -13.11
N ASN L 382 -7.23 1.84 -13.84
CA ASN L 382 -8.23 2.89 -13.73
C ASN L 382 -9.34 2.55 -12.75
N SER L 383 -9.15 1.54 -11.90
CA SER L 383 -10.10 1.23 -10.83
C SER L 383 -9.50 1.41 -9.44
N GLY L 384 -8.45 0.68 -9.12
CA GLY L 384 -7.79 0.79 -7.83
C GLY L 384 -7.43 -0.52 -7.17
N LYS L 385 -8.19 -1.57 -7.44
CA LYS L 385 -8.07 -2.83 -6.70
C LYS L 385 -7.31 -3.86 -7.53
N MET L 386 -7.05 -5.00 -6.90
CA MET L 386 -6.22 -6.02 -7.50
C MET L 386 -7.05 -7.00 -8.30
N MET L 387 -6.36 -7.76 -9.14
CA MET L 387 -6.99 -8.82 -9.91
C MET L 387 -6.19 -10.10 -9.99
N CYS L 388 -4.91 -10.11 -9.66
CA CYS L 388 -4.20 -11.39 -9.76
C CYS L 388 -2.91 -11.36 -8.95
N GLN L 389 -2.43 -12.57 -8.64
CA GLN L 389 -1.23 -12.73 -7.83
C GLN L 389 -0.50 -13.98 -8.29
N LEU L 390 0.75 -13.81 -8.67
CA LEU L 390 1.61 -14.90 -9.09
C LEU L 390 2.57 -15.26 -7.99
N TYR L 391 2.75 -16.55 -7.78
CA TYR L 391 3.60 -17.09 -6.75
C TYR L 391 4.07 -18.45 -7.20
N ASP L 392 5.30 -18.77 -6.87
CA ASP L 392 5.85 -20.08 -7.16
C ASP L 392 6.96 -20.42 -6.18
N PRO L 393 6.85 -21.48 -5.39
CA PRO L 393 7.99 -21.90 -4.58
C PRO L 393 9.18 -22.25 -5.44
N GLU L 394 10.31 -22.43 -4.77
CA GLU L 394 11.67 -22.40 -5.33
C GLU L 394 12.07 -21.01 -5.78
N SER L 395 11.24 -19.99 -5.53
CA SER L 395 11.56 -18.61 -5.83
C SER L 395 11.05 -17.72 -4.73
N SER L 396 11.23 -18.15 -3.49
CA SER L 396 10.76 -17.39 -2.34
C SER L 396 11.62 -16.16 -2.06
N GLY L 397 12.53 -15.79 -2.96
CA GLY L 397 13.14 -14.50 -2.88
C GLY L 397 12.15 -13.44 -3.29
N ILE L 398 12.62 -12.21 -3.23
CA ILE L 398 11.79 -11.05 -3.46
C ILE L 398 12.06 -10.55 -4.86
N SER L 399 10.99 -10.44 -5.63
CA SER L 399 11.09 -10.03 -7.02
C SER L 399 11.32 -8.54 -7.07
N SER L 400 12.59 -8.16 -7.20
CA SER L 400 12.91 -6.76 -7.40
C SER L 400 12.30 -6.25 -8.69
N LEU L 401 12.76 -6.78 -9.82
CA LEU L 401 12.31 -6.33 -11.12
C LEU L 401 11.33 -7.30 -11.77
N ASN L 402 10.33 -6.74 -12.42
CA ASN L 402 9.35 -7.50 -13.17
C ASN L 402 9.06 -6.75 -14.44
N GLU L 403 9.15 -7.43 -15.58
CA GLU L 403 8.85 -6.81 -16.85
C GLU L 403 8.17 -7.77 -17.78
N PHE L 404 7.08 -7.32 -18.37
CA PHE L 404 6.40 -8.06 -19.41
C PHE L 404 7.03 -7.80 -20.76
N ASN L 405 6.59 -8.58 -21.73
CA ASN L 405 7.03 -8.38 -23.10
C ASN L 405 6.26 -7.23 -23.74
N PRO L 406 6.77 -6.65 -24.81
CA PRO L 406 5.92 -5.79 -25.63
C PRO L 406 4.84 -6.55 -26.36
N MET L 407 4.95 -7.88 -26.43
CA MET L 407 3.97 -8.69 -27.14
C MET L 407 2.75 -8.95 -26.29
N GLY L 408 2.97 -9.35 -25.04
CA GLY L 408 1.90 -9.62 -24.10
C GLY L 408 1.75 -11.06 -23.70
N ASP L 409 2.75 -11.89 -24.01
CA ASP L 409 2.65 -13.34 -23.83
C ASP L 409 3.72 -13.89 -22.91
N THR L 410 4.52 -13.05 -22.28
CA THR L 410 5.69 -13.51 -21.56
C THR L 410 6.03 -12.54 -20.45
N LEU L 411 6.67 -13.06 -19.40
CA LEU L 411 7.13 -12.26 -18.27
C LEU L 411 8.53 -12.67 -17.88
N ALA L 412 9.33 -11.69 -17.49
CA ALA L 412 10.65 -11.92 -16.91
C ALA L 412 10.70 -11.27 -15.54
N SER L 413 11.44 -11.90 -14.66
CA SER L 413 11.67 -11.37 -13.33
C SER L 413 13.15 -11.44 -13.03
N ALA L 414 13.65 -10.40 -12.41
CA ALA L 414 15.02 -10.35 -11.93
C ALA L 414 14.97 -10.21 -10.41
N MET L 415 15.36 -11.27 -9.73
CA MET L 415 15.61 -11.26 -8.30
C MET L 415 17.11 -11.22 -8.08
N GLY L 416 17.50 -11.02 -6.83
CA GLY L 416 18.90 -11.03 -6.48
C GLY L 416 19.55 -12.33 -6.88
N TYR L 417 20.58 -12.22 -7.70
CA TYR L 417 21.35 -13.36 -8.19
C TYR L 417 20.50 -14.34 -8.98
N HIS L 418 19.31 -13.96 -9.44
CA HIS L 418 18.48 -14.90 -10.16
C HIS L 418 17.67 -14.21 -11.24
N ILE L 419 17.47 -14.94 -12.35
CA ILE L 419 16.62 -14.51 -13.44
C ILE L 419 15.60 -15.61 -13.68
N LEU L 420 14.33 -15.23 -13.68
CA LEU L 420 13.22 -16.17 -13.70
C LEU L 420 12.33 -15.88 -14.89
N ILE L 421 11.80 -16.95 -15.47
CA ILE L 421 10.89 -16.88 -16.61
C ILE L 421 9.65 -17.70 -16.30
N TRP L 422 8.50 -17.04 -16.43
CA TRP L 422 7.21 -17.45 -15.88
C TRP L 422 6.21 -17.87 -16.94
N SER L 423 6.66 -18.13 -18.17
CA SER L 423 5.76 -18.32 -19.31
C SER L 423 4.77 -19.46 -19.07
N GLN L 424 3.79 -19.54 -19.95
CA GLN L 424 2.71 -20.50 -19.78
C GLN L 424 3.19 -21.93 -20.03
N GLU L 425 2.48 -22.86 -19.40
CA GLU L 425 2.92 -24.22 -19.12
C GLU L 425 2.49 -25.24 -20.17
N GLU L 426 2.50 -26.51 -19.75
CA GLU L 426 2.07 -27.70 -20.47
C GLU L 426 0.93 -27.51 -21.45
N ALA L 427 1.07 -28.19 -22.58
CA ALA L 427 0.03 -28.34 -23.59
C ALA L 427 -0.13 -29.83 -23.82
N ARG L 428 -0.95 -30.20 -24.79
CA ARG L 428 -1.12 -31.60 -25.14
C ARG L 428 0.02 -31.95 -26.10
N THR L 429 -0.07 -33.06 -26.85
CA THR L 429 1.06 -33.52 -27.65
C THR L 429 0.60 -34.03 -29.01
N ARG L 430 1.58 -34.18 -29.91
CA ARG L 430 1.40 -34.77 -31.22
C ARG L 430 2.05 -36.14 -31.26
N LYS L 431 1.67 -36.94 -32.25
CA LYS L 431 2.22 -38.29 -32.44
C LYS L 431 3.75 -38.31 -32.48
#